data_2D3V
# 
_entry.id   2D3V 
# 
_audit_conform.dict_name       mmcif_pdbx.dic 
_audit_conform.dict_version    5.397 
_audit_conform.dict_location   http://mmcif.pdb.org/dictionaries/ascii/mmcif_pdbx.dic 
# 
loop_
_database_2.database_id 
_database_2.database_code 
_database_2.pdbx_database_accession 
_database_2.pdbx_DOI 
PDB   2D3V         pdb_00002d3v 10.2210/pdb2d3v/pdb 
RCSB  RCSB024954   ?            ?                   
WWPDB D_1000024954 ?            ?                   
# 
loop_
_pdbx_audit_revision_history.ordinal 
_pdbx_audit_revision_history.data_content_type 
_pdbx_audit_revision_history.major_revision 
_pdbx_audit_revision_history.minor_revision 
_pdbx_audit_revision_history.revision_date 
1 'Structure model' 1 0 2006-06-06 
2 'Structure model' 1 1 2008-04-30 
3 'Structure model' 1 2 2011-07-13 
4 'Structure model' 1 3 2024-10-30 
# 
_pdbx_audit_revision_details.ordinal             1 
_pdbx_audit_revision_details.revision_ordinal    1 
_pdbx_audit_revision_details.data_content_type   'Structure model' 
_pdbx_audit_revision_details.provider            repository 
_pdbx_audit_revision_details.type                'Initial release' 
_pdbx_audit_revision_details.description         ? 
_pdbx_audit_revision_details.details             ? 
# 
loop_
_pdbx_audit_revision_group.ordinal 
_pdbx_audit_revision_group.revision_ordinal 
_pdbx_audit_revision_group.data_content_type 
_pdbx_audit_revision_group.group 
1 2 'Structure model' 'Version format compliance' 
2 3 'Structure model' 'Version format compliance' 
3 4 'Structure model' 'Data collection'           
4 4 'Structure model' 'Database references'       
5 4 'Structure model' 'Derived calculations'      
6 4 'Structure model' 'Structure summary'         
# 
loop_
_pdbx_audit_revision_category.ordinal 
_pdbx_audit_revision_category.revision_ordinal 
_pdbx_audit_revision_category.data_content_type 
_pdbx_audit_revision_category.category 
1 4 'Structure model' chem_comp_atom            
2 4 'Structure model' chem_comp_bond            
3 4 'Structure model' database_2                
4 4 'Structure model' pdbx_entry_details        
5 4 'Structure model' pdbx_modification_feature 
6 4 'Structure model' struct_conn               
7 4 'Structure model' struct_ref_seq_dif        
# 
loop_
_pdbx_audit_revision_item.ordinal 
_pdbx_audit_revision_item.revision_ordinal 
_pdbx_audit_revision_item.data_content_type 
_pdbx_audit_revision_item.item 
1 4 'Structure model' '_database_2.pdbx_DOI'                
2 4 'Structure model' '_database_2.pdbx_database_accession' 
3 4 'Structure model' '_struct_conn.pdbx_leaving_atom_flag' 
4 4 'Structure model' '_struct_ref_seq_dif.details'         
# 
_pdbx_database_status.status_code                     REL 
_pdbx_database_status.entry_id                        2D3V 
_pdbx_database_status.recvd_initial_deposition_date   2005-10-03 
_pdbx_database_status.deposit_site                    PDBJ 
_pdbx_database_status.process_site                    PDBJ 
_pdbx_database_status.status_code_sf                  REL 
_pdbx_database_status.status_code_mr                  ? 
_pdbx_database_status.SG_entry                        ? 
_pdbx_database_status.pdb_format_compatible           Y 
_pdbx_database_status.status_code_cs                  ? 
_pdbx_database_status.status_code_nmr_data            ? 
_pdbx_database_status.methods_development_category    ? 
# 
loop_
_audit_author.name 
_audit_author.pdbx_ordinal 
'Shiroishi, M.' 1 
'Kajikawa, M.'  2 
'Kuroki, K.'    3 
'Ose, T.'       4 
'Kohda, D.'     5 
'Maenaka, K.'   6 
# 
_citation.id                        primary 
_citation.title                     'Crystal structure of the human monocyte-activating receptor,' 
_citation.journal_abbrev            J.Biol.Chem. 
_citation.journal_volume            281 
_citation.page_first                19536 
_citation.page_last                 19544 
_citation.year                      2006 
_citation.journal_id_ASTM           JBCHA3 
_citation.country                   US 
_citation.journal_id_ISSN           0021-9258 
_citation.journal_id_CSD            0071 
_citation.book_publisher            ? 
_citation.pdbx_database_id_PubMed   16675463 
_citation.pdbx_database_id_DOI      10.1074/jbc.M603076200 
# 
loop_
_citation_author.citation_id 
_citation_author.name 
_citation_author.ordinal 
_citation_author.identifier_ORCID 
primary 'Shiroishi, M.' 1 ? 
primary 'Kajikawa, M.'  2 ? 
primary 'Kuroki, K.'    3 ? 
primary 'Ose, T.'       4 ? 
primary 'Kohda, D.'     5 ? 
primary 'Maenaka, K.'   6 ? 
# 
loop_
_entity.id 
_entity.type 
_entity.src_method 
_entity.pdbx_description 
_entity.formula_weight 
_entity.pdbx_number_of_molecules 
_entity.pdbx_ec 
_entity.pdbx_mutation 
_entity.pdbx_fragment 
_entity.details 
1 polymer man 'leukocyte immunoglobulin-like receptor subfamily A member 5 isoform 1' 22123.561 1   ? ? 'Extracellular domain' ? 
2 water   nat water                                                                   18.015    105 ? ? ?                      ? 
# 
_entity_name_com.entity_id   1 
_entity_name_com.name        'Leukocyte Ig-like Receptor A5 (LILRA5/LIR9/ILT11)' 
# 
_entity_poly.entity_id                      1 
_entity_poly.type                           'polypeptide(L)' 
_entity_poly.nstd_linkage                   no 
_entity_poly.nstd_monomer                   yes 
_entity_poly.pdbx_seq_one_letter_code       
;GNLSKATLWAEPGSVISRGNSVTIRCQGTLEAQEYRLVKEGSPEPWDTQNPLEPKNKARFSIPS(MSE)TEHHAGRYRCY
YYSPAGWSEPSDPLELVVTGFYNKPTLSALPSPVVTSGENVTLQCGSRLRFDRFILTEEGDHKLSWTLDSQLTPSGQFQA
LFPVGPVTPSHRW(MSE)LRCYGSRRHILQVWSEPSDLLEIPVS
;
_entity_poly.pdbx_seq_one_letter_code_can   
;GNLSKATLWAEPGSVISRGNSVTIRCQGTLEAQEYRLVKEGSPEPWDTQNPLEPKNKARFSIPSMTEHHAGRYRCYYYSP
AGWSEPSDPLELVVTGFYNKPTLSALPSPVVTSGENVTLQCGSRLRFDRFILTEEGDHKLSWTLDSQLTPSGQFQALFPV
GPVTPSHRWMLRCYGSRRHILQVWSEPSDLLEIPVS
;
_entity_poly.pdbx_strand_id                 A 
_entity_poly.pdbx_target_identifier         ? 
# 
_pdbx_entity_nonpoly.entity_id   2 
_pdbx_entity_nonpoly.name        water 
_pdbx_entity_nonpoly.comp_id     HOH 
# 
loop_
_entity_poly_seq.entity_id 
_entity_poly_seq.num 
_entity_poly_seq.mon_id 
_entity_poly_seq.hetero 
1 1   GLY n 
1 2   ASN n 
1 3   LEU n 
1 4   SER n 
1 5   LYS n 
1 6   ALA n 
1 7   THR n 
1 8   LEU n 
1 9   TRP n 
1 10  ALA n 
1 11  GLU n 
1 12  PRO n 
1 13  GLY n 
1 14  SER n 
1 15  VAL n 
1 16  ILE n 
1 17  SER n 
1 18  ARG n 
1 19  GLY n 
1 20  ASN n 
1 21  SER n 
1 22  VAL n 
1 23  THR n 
1 24  ILE n 
1 25  ARG n 
1 26  CYS n 
1 27  GLN n 
1 28  GLY n 
1 29  THR n 
1 30  LEU n 
1 31  GLU n 
1 32  ALA n 
1 33  GLN n 
1 34  GLU n 
1 35  TYR n 
1 36  ARG n 
1 37  LEU n 
1 38  VAL n 
1 39  LYS n 
1 40  GLU n 
1 41  GLY n 
1 42  SER n 
1 43  PRO n 
1 44  GLU n 
1 45  PRO n 
1 46  TRP n 
1 47  ASP n 
1 48  THR n 
1 49  GLN n 
1 50  ASN n 
1 51  PRO n 
1 52  LEU n 
1 53  GLU n 
1 54  PRO n 
1 55  LYS n 
1 56  ASN n 
1 57  LYS n 
1 58  ALA n 
1 59  ARG n 
1 60  PHE n 
1 61  SER n 
1 62  ILE n 
1 63  PRO n 
1 64  SER n 
1 65  MSE n 
1 66  THR n 
1 67  GLU n 
1 68  HIS n 
1 69  HIS n 
1 70  ALA n 
1 71  GLY n 
1 72  ARG n 
1 73  TYR n 
1 74  ARG n 
1 75  CYS n 
1 76  TYR n 
1 77  TYR n 
1 78  TYR n 
1 79  SER n 
1 80  PRO n 
1 81  ALA n 
1 82  GLY n 
1 83  TRP n 
1 84  SER n 
1 85  GLU n 
1 86  PRO n 
1 87  SER n 
1 88  ASP n 
1 89  PRO n 
1 90  LEU n 
1 91  GLU n 
1 92  LEU n 
1 93  VAL n 
1 94  VAL n 
1 95  THR n 
1 96  GLY n 
1 97  PHE n 
1 98  TYR n 
1 99  ASN n 
1 100 LYS n 
1 101 PRO n 
1 102 THR n 
1 103 LEU n 
1 104 SER n 
1 105 ALA n 
1 106 LEU n 
1 107 PRO n 
1 108 SER n 
1 109 PRO n 
1 110 VAL n 
1 111 VAL n 
1 112 THR n 
1 113 SER n 
1 114 GLY n 
1 115 GLU n 
1 116 ASN n 
1 117 VAL n 
1 118 THR n 
1 119 LEU n 
1 120 GLN n 
1 121 CYS n 
1 122 GLY n 
1 123 SER n 
1 124 ARG n 
1 125 LEU n 
1 126 ARG n 
1 127 PHE n 
1 128 ASP n 
1 129 ARG n 
1 130 PHE n 
1 131 ILE n 
1 132 LEU n 
1 133 THR n 
1 134 GLU n 
1 135 GLU n 
1 136 GLY n 
1 137 ASP n 
1 138 HIS n 
1 139 LYS n 
1 140 LEU n 
1 141 SER n 
1 142 TRP n 
1 143 THR n 
1 144 LEU n 
1 145 ASP n 
1 146 SER n 
1 147 GLN n 
1 148 LEU n 
1 149 THR n 
1 150 PRO n 
1 151 SER n 
1 152 GLY n 
1 153 GLN n 
1 154 PHE n 
1 155 GLN n 
1 156 ALA n 
1 157 LEU n 
1 158 PHE n 
1 159 PRO n 
1 160 VAL n 
1 161 GLY n 
1 162 PRO n 
1 163 VAL n 
1 164 THR n 
1 165 PRO n 
1 166 SER n 
1 167 HIS n 
1 168 ARG n 
1 169 TRP n 
1 170 MSE n 
1 171 LEU n 
1 172 ARG n 
1 173 CYS n 
1 174 TYR n 
1 175 GLY n 
1 176 SER n 
1 177 ARG n 
1 178 ARG n 
1 179 HIS n 
1 180 ILE n 
1 181 LEU n 
1 182 GLN n 
1 183 VAL n 
1 184 TRP n 
1 185 SER n 
1 186 GLU n 
1 187 PRO n 
1 188 SER n 
1 189 ASP n 
1 190 LEU n 
1 191 LEU n 
1 192 GLU n 
1 193 ILE n 
1 194 PRO n 
1 195 VAL n 
1 196 SER n 
# 
_entity_src_gen.entity_id                          1 
_entity_src_gen.pdbx_src_id                        1 
_entity_src_gen.pdbx_alt_source_flag               sample 
_entity_src_gen.pdbx_seq_type                      ? 
_entity_src_gen.pdbx_beg_seq_num                   ? 
_entity_src_gen.pdbx_end_seq_num                   ? 
_entity_src_gen.gene_src_common_name               human 
_entity_src_gen.gene_src_genus                     Homo 
_entity_src_gen.pdbx_gene_src_gene                 ? 
_entity_src_gen.gene_src_species                   ? 
_entity_src_gen.gene_src_strain                    ? 
_entity_src_gen.gene_src_tissue                    ? 
_entity_src_gen.gene_src_tissue_fraction           ? 
_entity_src_gen.gene_src_details                   ? 
_entity_src_gen.pdbx_gene_src_fragment             ? 
_entity_src_gen.pdbx_gene_src_scientific_name      'Homo sapiens' 
_entity_src_gen.pdbx_gene_src_ncbi_taxonomy_id     9606 
_entity_src_gen.pdbx_gene_src_variant              ? 
_entity_src_gen.pdbx_gene_src_cell_line            ? 
_entity_src_gen.pdbx_gene_src_atcc                 ? 
_entity_src_gen.pdbx_gene_src_organ                ? 
_entity_src_gen.pdbx_gene_src_organelle            ? 
_entity_src_gen.pdbx_gene_src_cell                 ? 
_entity_src_gen.pdbx_gene_src_cellular_location    ? 
_entity_src_gen.host_org_common_name               ? 
_entity_src_gen.pdbx_host_org_scientific_name      'Escherichia coli BL21(DE3)' 
_entity_src_gen.pdbx_host_org_ncbi_taxonomy_id     469008 
_entity_src_gen.host_org_genus                     Escherichia 
_entity_src_gen.pdbx_host_org_gene                 ? 
_entity_src_gen.pdbx_host_org_organ                ? 
_entity_src_gen.host_org_species                   'Escherichia coli' 
_entity_src_gen.pdbx_host_org_tissue               ? 
_entity_src_gen.pdbx_host_org_tissue_fraction      ? 
_entity_src_gen.pdbx_host_org_strain               'BL21(DE3)' 
_entity_src_gen.pdbx_host_org_variant              ? 
_entity_src_gen.pdbx_host_org_cell_line            ? 
_entity_src_gen.pdbx_host_org_atcc                 ? 
_entity_src_gen.pdbx_host_org_culture_collection   ? 
_entity_src_gen.pdbx_host_org_cell                 ? 
_entity_src_gen.pdbx_host_org_organelle            ? 
_entity_src_gen.pdbx_host_org_cellular_location    ? 
_entity_src_gen.pdbx_host_org_vector_type          PLASMID 
_entity_src_gen.pdbx_host_org_vector               ? 
_entity_src_gen.host_org_details                   ? 
_entity_src_gen.expression_system_id               ? 
_entity_src_gen.plasmid_name                       pGMT7 
_entity_src_gen.plasmid_details                    ? 
_entity_src_gen.pdbx_description                   ? 
# 
loop_
_chem_comp.id 
_chem_comp.type 
_chem_comp.mon_nstd_flag 
_chem_comp.name 
_chem_comp.pdbx_synonyms 
_chem_comp.formula 
_chem_comp.formula_weight 
ALA 'L-peptide linking' y ALANINE          ? 'C3 H7 N O2'     89.093  
ARG 'L-peptide linking' y ARGININE         ? 'C6 H15 N4 O2 1' 175.209 
ASN 'L-peptide linking' y ASPARAGINE       ? 'C4 H8 N2 O3'    132.118 
ASP 'L-peptide linking' y 'ASPARTIC ACID'  ? 'C4 H7 N O4'     133.103 
CYS 'L-peptide linking' y CYSTEINE         ? 'C3 H7 N O2 S'   121.158 
GLN 'L-peptide linking' y GLUTAMINE        ? 'C5 H10 N2 O3'   146.144 
GLU 'L-peptide linking' y 'GLUTAMIC ACID'  ? 'C5 H9 N O4'     147.129 
GLY 'peptide linking'   y GLYCINE          ? 'C2 H5 N O2'     75.067  
HIS 'L-peptide linking' y HISTIDINE        ? 'C6 H10 N3 O2 1' 156.162 
HOH non-polymer         . WATER            ? 'H2 O'           18.015  
ILE 'L-peptide linking' y ISOLEUCINE       ? 'C6 H13 N O2'    131.173 
LEU 'L-peptide linking' y LEUCINE          ? 'C6 H13 N O2'    131.173 
LYS 'L-peptide linking' y LYSINE           ? 'C6 H15 N2 O2 1' 147.195 
MET 'L-peptide linking' y METHIONINE       ? 'C5 H11 N O2 S'  149.211 
MSE 'L-peptide linking' n SELENOMETHIONINE ? 'C5 H11 N O2 Se' 196.106 
PHE 'L-peptide linking' y PHENYLALANINE    ? 'C9 H11 N O2'    165.189 
PRO 'L-peptide linking' y PROLINE          ? 'C5 H9 N O2'     115.130 
SER 'L-peptide linking' y SERINE           ? 'C3 H7 N O3'     105.093 
THR 'L-peptide linking' y THREONINE        ? 'C4 H9 N O3'     119.119 
TRP 'L-peptide linking' y TRYPTOPHAN       ? 'C11 H12 N2 O2'  204.225 
TYR 'L-peptide linking' y TYROSINE         ? 'C9 H11 N O3'    181.189 
VAL 'L-peptide linking' y VALINE           ? 'C5 H11 N O2'    117.146 
# 
loop_
_pdbx_poly_seq_scheme.asym_id 
_pdbx_poly_seq_scheme.entity_id 
_pdbx_poly_seq_scheme.seq_id 
_pdbx_poly_seq_scheme.mon_id 
_pdbx_poly_seq_scheme.ndb_seq_num 
_pdbx_poly_seq_scheme.pdb_seq_num 
_pdbx_poly_seq_scheme.auth_seq_num 
_pdbx_poly_seq_scheme.pdb_mon_id 
_pdbx_poly_seq_scheme.auth_mon_id 
_pdbx_poly_seq_scheme.pdb_strand_id 
_pdbx_poly_seq_scheme.pdb_ins_code 
_pdbx_poly_seq_scheme.hetero 
A 1 1   GLY 1   1   ?   ?   ?   A . n 
A 1 2   ASN 2   2   ?   ?   ?   A . n 
A 1 3   LEU 3   3   3   LEU LEU A . n 
A 1 4   SER 4   4   4   SER SER A . n 
A 1 5   LYS 5   5   5   LYS LYS A . n 
A 1 6   ALA 6   6   6   ALA ALA A . n 
A 1 7   THR 7   7   7   THR THR A . n 
A 1 8   LEU 8   8   8   LEU LEU A . n 
A 1 9   TRP 9   9   9   TRP TRP A . n 
A 1 10  ALA 10  10  10  ALA ALA A . n 
A 1 11  GLU 11  11  11  GLU GLU A . n 
A 1 12  PRO 12  12  12  PRO PRO A . n 
A 1 13  GLY 13  13  13  GLY GLY A . n 
A 1 14  SER 14  14  14  SER SER A . n 
A 1 15  VAL 15  15  15  VAL VAL A . n 
A 1 16  ILE 16  16  16  ILE ILE A . n 
A 1 17  SER 17  17  17  SER SER A . n 
A 1 18  ARG 18  18  18  ARG ARG A . n 
A 1 19  GLY 19  19  19  GLY GLY A . n 
A 1 20  ASN 20  20  20  ASN ASN A . n 
A 1 21  SER 21  21  21  SER SER A . n 
A 1 22  VAL 22  22  22  VAL VAL A . n 
A 1 23  THR 23  23  23  THR THR A . n 
A 1 24  ILE 24  24  24  ILE ILE A . n 
A 1 25  ARG 25  25  25  ARG ARG A . n 
A 1 26  CYS 26  26  26  CYS CYS A . n 
A 1 27  GLN 27  27  27  GLN GLN A . n 
A 1 28  GLY 28  28  28  GLY GLY A . n 
A 1 29  THR 29  29  29  THR THR A . n 
A 1 30  LEU 30  30  30  LEU LEU A . n 
A 1 31  GLU 31  31  31  GLU GLU A . n 
A 1 32  ALA 32  32  32  ALA ALA A . n 
A 1 33  GLN 33  33  33  GLN GLN A . n 
A 1 34  GLU 34  34  34  GLU GLU A . n 
A 1 35  TYR 35  35  35  TYR TYR A . n 
A 1 36  ARG 36  36  36  ARG ARG A . n 
A 1 37  LEU 37  37  37  LEU LEU A . n 
A 1 38  VAL 38  38  38  VAL VAL A . n 
A 1 39  LYS 39  39  39  LYS LYS A . n 
A 1 40  GLU 40  40  40  GLU GLU A . n 
A 1 41  GLY 41  41  41  GLY GLY A . n 
A 1 42  SER 42  42  42  SER SER A . n 
A 1 43  PRO 43  43  43  PRO PRO A . n 
A 1 44  GLU 44  44  44  GLU GLU A . n 
A 1 45  PRO 45  45  45  PRO PRO A . n 
A 1 46  TRP 46  46  46  TRP TRP A . n 
A 1 47  ASP 47  47  47  ASP ASP A . n 
A 1 48  THR 48  48  48  THR THR A . n 
A 1 49  GLN 49  49  49  GLN GLN A . n 
A 1 50  ASN 50  50  50  ASN ASN A . n 
A 1 51  PRO 51  51  51  PRO PRO A . n 
A 1 52  LEU 52  52  52  LEU LEU A . n 
A 1 53  GLU 53  53  53  GLU GLU A . n 
A 1 54  PRO 54  54  54  PRO PRO A . n 
A 1 55  LYS 55  55  55  LYS LYS A . n 
A 1 56  ASN 56  56  56  ASN ASN A . n 
A 1 57  LYS 57  57  57  LYS LYS A . n 
A 1 58  ALA 58  58  58  ALA ALA A . n 
A 1 59  ARG 59  59  59  ARG ARG A . n 
A 1 60  PHE 60  60  60  PHE PHE A . n 
A 1 61  SER 61  61  61  SER SER A . n 
A 1 62  ILE 62  62  62  ILE ILE A . n 
A 1 63  PRO 63  63  63  PRO PRO A . n 
A 1 64  SER 64  64  64  SER SER A . n 
A 1 65  MSE 65  65  65  MSE MSE A . n 
A 1 66  THR 66  66  66  THR THR A . n 
A 1 67  GLU 67  67  67  GLU GLU A . n 
A 1 68  HIS 68  68  68  HIS HIS A . n 
A 1 69  HIS 69  69  69  HIS HIS A . n 
A 1 70  ALA 70  70  70  ALA ALA A . n 
A 1 71  GLY 71  71  71  GLY GLY A . n 
A 1 72  ARG 72  72  72  ARG ARG A . n 
A 1 73  TYR 73  73  73  TYR TYR A . n 
A 1 74  ARG 74  74  74  ARG ARG A . n 
A 1 75  CYS 75  75  75  CYS CYS A . n 
A 1 76  TYR 76  76  76  TYR TYR A . n 
A 1 77  TYR 77  77  77  TYR TYR A . n 
A 1 78  TYR 78  78  78  TYR TYR A . n 
A 1 79  SER 79  79  79  SER SER A . n 
A 1 80  PRO 80  80  80  PRO PRO A . n 
A 1 81  ALA 81  81  81  ALA ALA A . n 
A 1 82  GLY 82  82  82  GLY GLY A . n 
A 1 83  TRP 83  83  83  TRP TRP A . n 
A 1 84  SER 84  84  84  SER SER A . n 
A 1 85  GLU 85  85  85  GLU GLU A . n 
A 1 86  PRO 86  86  86  PRO PRO A . n 
A 1 87  SER 87  87  87  SER SER A . n 
A 1 88  ASP 88  88  88  ASP ASP A . n 
A 1 89  PRO 89  89  89  PRO PRO A . n 
A 1 90  LEU 90  90  90  LEU LEU A . n 
A 1 91  GLU 91  91  91  GLU GLU A . n 
A 1 92  LEU 92  92  92  LEU LEU A . n 
A 1 93  VAL 93  93  93  VAL VAL A . n 
A 1 94  VAL 94  94  94  VAL VAL A . n 
A 1 95  THR 95  95  95  THR THR A . n 
A 1 96  GLY 96  96  96  GLY GLY A . n 
A 1 97  PHE 97  97  97  PHE PHE A . n 
A 1 98  TYR 98  98  98  TYR TYR A . n 
A 1 99  ASN 99  99  99  ASN ASN A . n 
A 1 100 LYS 100 100 100 LYS LYS A . n 
A 1 101 PRO 101 101 101 PRO PRO A . n 
A 1 102 THR 102 102 102 THR THR A . n 
A 1 103 LEU 103 103 103 LEU LEU A . n 
A 1 104 SER 104 104 104 SER SER A . n 
A 1 105 ALA 105 105 105 ALA ALA A . n 
A 1 106 LEU 106 106 ?   ?   ?   A . n 
A 1 107 PRO 107 107 ?   ?   ?   A . n 
A 1 108 SER 108 108 ?   ?   ?   A . n 
A 1 109 PRO 109 109 ?   ?   ?   A . n 
A 1 110 VAL 110 110 ?   ?   ?   A . n 
A 1 111 VAL 111 111 ?   ?   ?   A . n 
A 1 112 THR 112 112 ?   ?   ?   A . n 
A 1 113 SER 113 113 ?   ?   ?   A . n 
A 1 114 GLY 114 114 ?   ?   ?   A . n 
A 1 115 GLU 115 115 ?   ?   ?   A . n 
A 1 116 ASN 116 116 ?   ?   ?   A . n 
A 1 117 VAL 117 117 117 VAL VAL A . n 
A 1 118 THR 118 118 118 THR THR A . n 
A 1 119 LEU 119 119 119 LEU LEU A . n 
A 1 120 GLN 120 120 120 GLN GLN A . n 
A 1 121 CYS 121 121 121 CYS CYS A . n 
A 1 122 GLY 122 122 122 GLY GLY A . n 
A 1 123 SER 123 123 123 SER SER A . n 
A 1 124 ARG 124 124 124 ARG ARG A . n 
A 1 125 LEU 125 125 125 LEU LEU A . n 
A 1 126 ARG 126 126 126 ARG ARG A . n 
A 1 127 PHE 127 127 127 PHE PHE A . n 
A 1 128 ASP 128 128 128 ASP ASP A . n 
A 1 129 ARG 129 129 129 ARG ARG A . n 
A 1 130 PHE 130 130 130 PHE PHE A . n 
A 1 131 ILE 131 131 131 ILE ILE A . n 
A 1 132 LEU 132 132 132 LEU LEU A . n 
A 1 133 THR 133 133 133 THR THR A . n 
A 1 134 GLU 134 134 134 GLU GLU A . n 
A 1 135 GLU 135 135 135 GLU GLU A . n 
A 1 136 GLY 136 136 ?   ?   ?   A . n 
A 1 137 ASP 137 137 ?   ?   ?   A . n 
A 1 138 HIS 138 138 ?   ?   ?   A . n 
A 1 139 LYS 139 139 139 LYS LYS A . n 
A 1 140 LEU 140 140 140 LEU LEU A . n 
A 1 141 SER 141 141 141 SER SER A . n 
A 1 142 TRP 142 142 142 TRP TRP A . n 
A 1 143 THR 143 143 143 THR THR A . n 
A 1 144 LEU 144 144 144 LEU LEU A . n 
A 1 145 ASP 145 145 145 ASP ASP A . n 
A 1 146 SER 146 146 146 SER SER A . n 
A 1 147 GLN 147 147 147 GLN GLN A . n 
A 1 148 LEU 148 148 148 LEU LEU A . n 
A 1 149 THR 149 149 149 THR THR A . n 
A 1 150 PRO 150 150 150 PRO PRO A . n 
A 1 151 SER 151 151 151 SER SER A . n 
A 1 152 GLY 152 152 152 GLY GLY A . n 
A 1 153 GLN 153 153 153 GLN GLN A . n 
A 1 154 PHE 154 154 154 PHE PHE A . n 
A 1 155 GLN 155 155 155 GLN GLN A . n 
A 1 156 ALA 156 156 156 ALA ALA A . n 
A 1 157 LEU 157 157 157 LEU LEU A . n 
A 1 158 PHE 158 158 158 PHE PHE A . n 
A 1 159 PRO 159 159 159 PRO PRO A . n 
A 1 160 VAL 160 160 160 VAL VAL A . n 
A 1 161 GLY 161 161 161 GLY GLY A . n 
A 1 162 PRO 162 162 162 PRO PRO A . n 
A 1 163 VAL 163 163 163 VAL VAL A . n 
A 1 164 THR 164 164 164 THR THR A . n 
A 1 165 PRO 165 165 165 PRO PRO A . n 
A 1 166 SER 166 166 166 SER SER A . n 
A 1 167 HIS 167 167 167 HIS HIS A . n 
A 1 168 ARG 168 168 168 ARG ARG A . n 
A 1 169 TRP 169 169 169 TRP TRP A . n 
A 1 170 MSE 170 170 170 MSE MSE A . n 
A 1 171 LEU 171 171 171 LEU LEU A . n 
A 1 172 ARG 172 172 172 ARG ARG A . n 
A 1 173 CYS 173 173 173 CYS CYS A . n 
A 1 174 TYR 174 174 174 TYR TYR A . n 
A 1 175 GLY 175 175 175 GLY GLY A . n 
A 1 176 SER 176 176 176 SER SER A . n 
A 1 177 ARG 177 177 177 ARG ARG A . n 
A 1 178 ARG 178 178 178 ARG ARG A . n 
A 1 179 HIS 179 179 179 HIS HIS A . n 
A 1 180 ILE 180 180 180 ILE ILE A . n 
A 1 181 LEU 181 181 181 LEU LEU A . n 
A 1 182 GLN 182 182 182 GLN GLN A . n 
A 1 183 VAL 183 183 183 VAL VAL A . n 
A 1 184 TRP 184 184 184 TRP TRP A . n 
A 1 185 SER 185 185 185 SER SER A . n 
A 1 186 GLU 186 186 186 GLU GLU A . n 
A 1 187 PRO 187 187 187 PRO PRO A . n 
A 1 188 SER 188 188 188 SER SER A . n 
A 1 189 ASP 189 189 189 ASP ASP A . n 
A 1 190 LEU 190 190 190 LEU LEU A . n 
A 1 191 LEU 191 191 191 LEU LEU A . n 
A 1 192 GLU 192 192 192 GLU GLU A . n 
A 1 193 ILE 193 193 193 ILE ILE A . n 
A 1 194 PRO 194 194 194 PRO PRO A . n 
A 1 195 VAL 195 195 195 VAL VAL A . n 
A 1 196 SER 196 196 ?   ?   ?   A . n 
# 
loop_
_pdbx_nonpoly_scheme.asym_id 
_pdbx_nonpoly_scheme.entity_id 
_pdbx_nonpoly_scheme.mon_id 
_pdbx_nonpoly_scheme.ndb_seq_num 
_pdbx_nonpoly_scheme.pdb_seq_num 
_pdbx_nonpoly_scheme.auth_seq_num 
_pdbx_nonpoly_scheme.pdb_mon_id 
_pdbx_nonpoly_scheme.auth_mon_id 
_pdbx_nonpoly_scheme.pdb_strand_id 
_pdbx_nonpoly_scheme.pdb_ins_code 
B 2 HOH 1   197 1   HOH HOH A . 
B 2 HOH 2   198 2   HOH HOH A . 
B 2 HOH 3   199 3   HOH HOH A . 
B 2 HOH 4   200 4   HOH HOH A . 
B 2 HOH 5   201 5   HOH HOH A . 
B 2 HOH 6   202 6   HOH HOH A . 
B 2 HOH 7   203 7   HOH HOH A . 
B 2 HOH 8   204 8   HOH HOH A . 
B 2 HOH 9   205 9   HOH HOH A . 
B 2 HOH 10  206 10  HOH HOH A . 
B 2 HOH 11  207 11  HOH HOH A . 
B 2 HOH 12  208 12  HOH HOH A . 
B 2 HOH 13  209 13  HOH HOH A . 
B 2 HOH 14  210 14  HOH HOH A . 
B 2 HOH 15  211 15  HOH HOH A . 
B 2 HOH 16  212 16  HOH HOH A . 
B 2 HOH 17  213 17  HOH HOH A . 
B 2 HOH 18  214 18  HOH HOH A . 
B 2 HOH 19  215 19  HOH HOH A . 
B 2 HOH 20  216 20  HOH HOH A . 
B 2 HOH 21  217 21  HOH HOH A . 
B 2 HOH 22  218 22  HOH HOH A . 
B 2 HOH 23  219 23  HOH HOH A . 
B 2 HOH 24  220 24  HOH HOH A . 
B 2 HOH 25  221 25  HOH HOH A . 
B 2 HOH 26  222 26  HOH HOH A . 
B 2 HOH 27  223 27  HOH HOH A . 
B 2 HOH 28  224 28  HOH HOH A . 
B 2 HOH 29  225 29  HOH HOH A . 
B 2 HOH 30  226 30  HOH HOH A . 
B 2 HOH 31  227 31  HOH HOH A . 
B 2 HOH 32  228 32  HOH HOH A . 
B 2 HOH 33  229 33  HOH HOH A . 
B 2 HOH 34  230 34  HOH HOH A . 
B 2 HOH 35  231 35  HOH HOH A . 
B 2 HOH 36  232 36  HOH HOH A . 
B 2 HOH 37  233 37  HOH HOH A . 
B 2 HOH 38  234 38  HOH HOH A . 
B 2 HOH 39  235 39  HOH HOH A . 
B 2 HOH 40  236 40  HOH HOH A . 
B 2 HOH 41  237 41  HOH HOH A . 
B 2 HOH 42  238 42  HOH HOH A . 
B 2 HOH 43  239 43  HOH HOH A . 
B 2 HOH 44  240 44  HOH HOH A . 
B 2 HOH 45  241 45  HOH HOH A . 
B 2 HOH 46  242 46  HOH HOH A . 
B 2 HOH 47  243 47  HOH HOH A . 
B 2 HOH 48  244 48  HOH HOH A . 
B 2 HOH 49  245 49  HOH HOH A . 
B 2 HOH 50  246 50  HOH HOH A . 
B 2 HOH 51  247 51  HOH HOH A . 
B 2 HOH 52  248 52  HOH HOH A . 
B 2 HOH 53  249 53  HOH HOH A . 
B 2 HOH 54  250 54  HOH HOH A . 
B 2 HOH 55  251 55  HOH HOH A . 
B 2 HOH 56  252 56  HOH HOH A . 
B 2 HOH 57  253 57  HOH HOH A . 
B 2 HOH 58  254 58  HOH HOH A . 
B 2 HOH 59  255 59  HOH HOH A . 
B 2 HOH 60  256 60  HOH HOH A . 
B 2 HOH 61  257 61  HOH HOH A . 
B 2 HOH 62  258 62  HOH HOH A . 
B 2 HOH 63  259 63  HOH HOH A . 
B 2 HOH 64  260 64  HOH HOH A . 
B 2 HOH 65  261 65  HOH HOH A . 
B 2 HOH 66  262 66  HOH HOH A . 
B 2 HOH 67  263 67  HOH HOH A . 
B 2 HOH 68  264 68  HOH HOH A . 
B 2 HOH 69  265 69  HOH HOH A . 
B 2 HOH 70  266 70  HOH HOH A . 
B 2 HOH 71  267 71  HOH HOH A . 
B 2 HOH 72  268 72  HOH HOH A . 
B 2 HOH 73  269 73  HOH HOH A . 
B 2 HOH 74  270 74  HOH HOH A . 
B 2 HOH 75  271 75  HOH HOH A . 
B 2 HOH 76  272 76  HOH HOH A . 
B 2 HOH 77  273 77  HOH HOH A . 
B 2 HOH 78  274 78  HOH HOH A . 
B 2 HOH 79  275 79  HOH HOH A . 
B 2 HOH 80  276 80  HOH HOH A . 
B 2 HOH 81  277 81  HOH HOH A . 
B 2 HOH 82  278 82  HOH HOH A . 
B 2 HOH 83  279 83  HOH HOH A . 
B 2 HOH 84  280 84  HOH HOH A . 
B 2 HOH 85  281 85  HOH HOH A . 
B 2 HOH 86  282 86  HOH HOH A . 
B 2 HOH 87  283 87  HOH HOH A . 
B 2 HOH 88  284 88  HOH HOH A . 
B 2 HOH 89  285 89  HOH HOH A . 
B 2 HOH 90  286 90  HOH HOH A . 
B 2 HOH 91  287 91  HOH HOH A . 
B 2 HOH 92  288 92  HOH HOH A . 
B 2 HOH 93  289 93  HOH HOH A . 
B 2 HOH 94  290 94  HOH HOH A . 
B 2 HOH 95  291 95  HOH HOH A . 
B 2 HOH 96  292 96  HOH HOH A . 
B 2 HOH 97  293 97  HOH HOH A . 
B 2 HOH 98  294 98  HOH HOH A . 
B 2 HOH 99  295 99  HOH HOH A . 
B 2 HOH 100 296 100 HOH HOH A . 
B 2 HOH 101 297 101 HOH HOH A . 
B 2 HOH 102 298 102 HOH HOH A . 
B 2 HOH 103 299 103 HOH HOH A . 
B 2 HOH 104 300 104 HOH HOH A . 
B 2 HOH 105 301 105 HOH HOH A . 
# 
loop_
_software.name 
_software.classification 
_software.version 
_software.citation_id 
_software.pdbx_ordinal 
REFMAC    refinement       5.2.0005 ? 1 
CNS       refinement       .        ? 2 
HKL-2000  'data reduction' .        ? 3 
SCALEPACK 'data scaling'   .        ? 4 
SOLVE     phasing          .        ? 5 
# 
_cell.entry_id           2D3V 
_cell.length_a           28.080 
_cell.length_b           58.645 
_cell.length_c           131.619 
_cell.angle_alpha        90.00 
_cell.angle_beta         90.00 
_cell.angle_gamma        90.00 
_cell.Z_PDB              4 
_cell.pdbx_unique_axis   ? 
_cell.length_a_esd       ? 
_cell.length_b_esd       ? 
_cell.length_c_esd       ? 
_cell.angle_alpha_esd    ? 
_cell.angle_beta_esd     ? 
_cell.angle_gamma_esd    ? 
# 
_symmetry.entry_id                         2D3V 
_symmetry.space_group_name_H-M             'P 21 21 21' 
_symmetry.pdbx_full_space_group_name_H-M   ? 
_symmetry.cell_setting                     ? 
_symmetry.Int_Tables_number                19 
_symmetry.space_group_name_Hall            ? 
# 
_exptl.entry_id          2D3V 
_exptl.method            'X-RAY DIFFRACTION' 
_exptl.crystals_number   2 
# 
_exptl_crystal.id                    1 
_exptl_crystal.density_meas          ? 
_exptl_crystal.density_Matthews      2.5 
_exptl_crystal.density_percent_sol   49.6 
_exptl_crystal.description           ? 
_exptl_crystal.F_000                 ? 
_exptl_crystal.preparation           ? 
# 
_exptl_crystal_grow.crystal_id      1 
_exptl_crystal_grow.method          'VAPOR DIFFUSION, HANGING DROP' 
_exptl_crystal_grow.temp            293 
_exptl_crystal_grow.temp_details    ? 
_exptl_crystal_grow.pH              9.0 
_exptl_crystal_grow.pdbx_details    'Bicine, PEG20000, Dioxane, pH 9.0, VAPOR DIFFUSION, HANGING DROP, temperature 293K' 
_exptl_crystal_grow.pdbx_pH_range   . 
# 
_diffrn.id                     1 
_diffrn.ambient_temp           100 
_diffrn.ambient_temp_details   ? 
_diffrn.crystal_id             1 
# 
_diffrn_detector.diffrn_id              1 
_diffrn_detector.detector               CCD 
_diffrn_detector.type                   'ADSC QUANTUM 4' 
_diffrn_detector.pdbx_collection_date   ? 
_diffrn_detector.details                ? 
# 
_diffrn_radiation.diffrn_id                        1 
_diffrn_radiation.wavelength_id                    1 
_diffrn_radiation.pdbx_monochromatic_or_laue_m_l   M 
_diffrn_radiation.monochromator                    ? 
_diffrn_radiation.pdbx_diffrn_protocol             MAD 
_diffrn_radiation.pdbx_scattering_type             x-ray 
# 
loop_
_diffrn_radiation_wavelength.id 
_diffrn_radiation_wavelength.wavelength 
_diffrn_radiation_wavelength.wt 
1 0.97921 1.0 
2 0.97956 1.0 
3 0.90000 1.0 
4 1.0000  1.0 
# 
_diffrn_source.diffrn_id                   1 
_diffrn_source.source                      SYNCHROTRON 
_diffrn_source.type                        'SPRING-8 BEAMLINE BL41XU' 
_diffrn_source.pdbx_synchrotron_site       SPring-8 
_diffrn_source.pdbx_synchrotron_beamline   BL41XU 
_diffrn_source.pdbx_wavelength             ? 
_diffrn_source.pdbx_wavelength_list        '0.97921, 0.97956, 0.90000, 1.0000' 
# 
_reflns.entry_id                     2D3V 
_reflns.observed_criterion_sigma_I   1.0 
_reflns.observed_criterion_sigma_F   ? 
_reflns.d_resolution_low             50 
_reflns.d_resolution_high            1.8 
_reflns.number_obs                   19328 
_reflns.number_all                   ? 
_reflns.percent_possible_obs         92.1 
_reflns.pdbx_Rmerge_I_obs            0.052 
_reflns.pdbx_Rsym_value              ? 
_reflns.pdbx_netI_over_sigmaI        16.6 
_reflns.B_iso_Wilson_estimate        ? 
_reflns.pdbx_redundancy              6.3 
_reflns.R_free_details               ? 
_reflns.limit_h_max                  ? 
_reflns.limit_h_min                  ? 
_reflns.limit_k_max                  ? 
_reflns.limit_k_min                  ? 
_reflns.limit_l_max                  ? 
_reflns.limit_l_min                  ? 
_reflns.observed_criterion_F_max     ? 
_reflns.observed_criterion_F_min     ? 
_reflns.pdbx_chi_squared             ? 
_reflns.pdbx_scaling_rejects         ? 
_reflns.pdbx_diffrn_id               1 
_reflns.pdbx_ordinal                 1 
# 
_reflns_shell.d_res_high             1.80 
_reflns_shell.d_res_low              1.86 
_reflns_shell.percent_possible_all   49.2 
_reflns_shell.Rmerge_I_obs           0.382 
_reflns_shell.pdbx_Rsym_value        ? 
_reflns_shell.meanI_over_sigI_obs    2.5 
_reflns_shell.pdbx_redundancy        3.4 
_reflns_shell.percent_possible_obs   ? 
_reflns_shell.number_unique_all      1011 
_reflns_shell.number_measured_all    ? 
_reflns_shell.number_measured_obs    ? 
_reflns_shell.number_unique_obs      ? 
_reflns_shell.pdbx_chi_squared       ? 
_reflns_shell.pdbx_diffrn_id         ? 
_reflns_shell.pdbx_ordinal           1 
# 
_refine.entry_id                                 2D3V 
_refine.ls_number_reflns_obs                     17645 
_refine.ls_number_reflns_all                     ? 
_refine.pdbx_ls_sigma_I                          0.0 
_refine.pdbx_ls_sigma_F                          0.0 
_refine.pdbx_data_cutoff_high_absF               ? 
_refine.pdbx_data_cutoff_low_absF                ? 
_refine.pdbx_data_cutoff_high_rms_absF           ? 
_refine.ls_d_res_low                             50.0 
_refine.ls_d_res_high                            1.85 
_refine.ls_percent_reflns_obs                    95.62 
_refine.ls_R_factor_obs                          0.23547 
_refine.ls_R_factor_all                          ? 
_refine.ls_R_factor_R_work                       0.23363 
_refine.ls_R_factor_R_free                       0.26861 
_refine.ls_R_factor_R_free_error                 ? 
_refine.ls_R_factor_R_free_error_details         ? 
_refine.ls_percent_reflns_R_free                 5.1 
_refine.ls_number_reflns_R_free                  951 
_refine.ls_number_parameters                     ? 
_refine.ls_number_restraints                     ? 
_refine.occupancy_min                            ? 
_refine.occupancy_max                            ? 
_refine.correlation_coeff_Fo_to_Fc               0.934 
_refine.correlation_coeff_Fo_to_Fc_free          0.908 
_refine.B_iso_mean                               34.844 
_refine.aniso_B[1][1]                            -1.17 
_refine.aniso_B[2][2]                            0.40 
_refine.aniso_B[3][3]                            0.76 
_refine.aniso_B[1][2]                            0.00 
_refine.aniso_B[1][3]                            0.00 
_refine.aniso_B[2][3]                            0.00 
_refine.solvent_model_details                    MASK 
_refine.solvent_model_param_ksol                 ? 
_refine.solvent_model_param_bsol                 ? 
_refine.pdbx_solvent_vdw_probe_radii             1.20 
_refine.pdbx_solvent_ion_probe_radii             0.80 
_refine.pdbx_solvent_shrinkage_radii             0.80 
_refine.pdbx_ls_cross_valid_method               THROUGHOUT 
_refine.details                                  
;HYDROGENS HAVE BEEN ADDED IN THE RIDING POSITIONS.
The structure was refined also with CNS.
;
_refine.pdbx_starting_model                      ? 
_refine.pdbx_method_to_determine_struct          MAD 
_refine.pdbx_isotropic_thermal_model             ? 
_refine.pdbx_stereochemistry_target_values       'MAXIMUM LIKELIHOOD' 
_refine.pdbx_stereochem_target_val_spec_case     ? 
_refine.pdbx_R_Free_selection_details            RANDOM 
_refine.pdbx_overall_ESU_R                       0.163 
_refine.pdbx_overall_ESU_R_Free                  0.152 
_refine.overall_SU_ML                            0.104 
_refine.overall_SU_B                             3.364 
_refine.ls_redundancy_reflns_obs                 ? 
_refine.B_iso_min                                ? 
_refine.B_iso_max                                ? 
_refine.overall_SU_R_Cruickshank_DPI             ? 
_refine.overall_SU_R_free                        ? 
_refine.ls_wR_factor_R_free                      ? 
_refine.ls_wR_factor_R_work                      ? 
_refine.overall_FOM_free_R_set                   ? 
_refine.overall_FOM_work_R_set                   ? 
_refine.pdbx_refine_id                           'X-RAY DIFFRACTION' 
_refine.pdbx_diffrn_id                           1 
_refine.pdbx_TLS_residual_ADP_flag               ? 
_refine.pdbx_overall_phase_error                 ? 
_refine.pdbx_overall_SU_R_free_Cruickshank_DPI   ? 
_refine.pdbx_overall_SU_R_Blow_DPI               ? 
_refine.pdbx_overall_SU_R_free_Blow_DPI          ? 
# 
_refine_hist.pdbx_refine_id                   'X-RAY DIFFRACTION' 
_refine_hist.cycle_id                         LAST 
_refine_hist.pdbx_number_atoms_protein        1436 
_refine_hist.pdbx_number_atoms_nucleic_acid   0 
_refine_hist.pdbx_number_atoms_ligand         0 
_refine_hist.number_atoms_solvent             105 
_refine_hist.number_atoms_total               1541 
_refine_hist.d_res_high                       1.85 
_refine_hist.d_res_low                        50.0 
# 
loop_
_refine_ls_restr.type 
_refine_ls_restr.dev_ideal 
_refine_ls_restr.dev_ideal_target 
_refine_ls_restr.weight 
_refine_ls_restr.number 
_refine_ls_restr.pdbx_refine_id 
_refine_ls_restr.pdbx_restraint_function 
r_bond_refined_d             0.015  0.022  ? 1481 'X-RAY DIFFRACTION' ? 
r_bond_other_d               ?      ?      ? ?    'X-RAY DIFFRACTION' ? 
r_angle_refined_deg          1.551  1.961  ? 2018 'X-RAY DIFFRACTION' ? 
r_angle_other_deg            ?      ?      ? ?    'X-RAY DIFFRACTION' ? 
r_dihedral_angle_1_deg       7.272  5.000  ? 176  'X-RAY DIFFRACTION' ? 
r_dihedral_angle_2_deg       35.144 22.576 ? 66   'X-RAY DIFFRACTION' ? 
r_dihedral_angle_3_deg       18.481 15.000 ? 238  'X-RAY DIFFRACTION' ? 
r_dihedral_angle_4_deg       16.864 15.000 ? 13   'X-RAY DIFFRACTION' ? 
r_chiral_restr               0.102  0.200  ? 215  'X-RAY DIFFRACTION' ? 
r_gen_planes_refined         0.006  0.020  ? 1139 'X-RAY DIFFRACTION' ? 
r_gen_planes_other           ?      ?      ? ?    'X-RAY DIFFRACTION' ? 
r_nbd_refined                0.200  0.200  ? 563  'X-RAY DIFFRACTION' ? 
r_nbd_other                  ?      ?      ? ?    'X-RAY DIFFRACTION' ? 
r_nbtor_refined              0.307  0.200  ? 962  'X-RAY DIFFRACTION' ? 
r_nbtor_other                ?      ?      ? ?    'X-RAY DIFFRACTION' ? 
r_xyhbond_nbd_refined        0.170  0.200  ? 96   'X-RAY DIFFRACTION' ? 
r_xyhbond_nbd_other          ?      ?      ? ?    'X-RAY DIFFRACTION' ? 
r_metal_ion_refined          ?      ?      ? ?    'X-RAY DIFFRACTION' ? 
r_metal_ion_other            ?      ?      ? ?    'X-RAY DIFFRACTION' ? 
r_symmetry_vdw_refined       0.169  0.200  ? 37   'X-RAY DIFFRACTION' ? 
r_symmetry_vdw_other         ?      ?      ? ?    'X-RAY DIFFRACTION' ? 
r_symmetry_hbond_refined     0.167  0.200  ? 19   'X-RAY DIFFRACTION' ? 
r_symmetry_hbond_other       ?      ?      ? ?    'X-RAY DIFFRACTION' ? 
r_symmetry_metal_ion_refined ?      ?      ? ?    'X-RAY DIFFRACTION' ? 
r_symmetry_metal_ion_other   ?      ?      ? ?    'X-RAY DIFFRACTION' ? 
r_mcbond_it                  1.046  1.500  ? 922  'X-RAY DIFFRACTION' ? 
r_mcbond_other               ?      ?      ? ?    'X-RAY DIFFRACTION' ? 
r_mcangle_it                 1.701  2.000  ? 1460 'X-RAY DIFFRACTION' ? 
r_scbond_it                  2.307  3.000  ? 652  'X-RAY DIFFRACTION' ? 
r_scangle_it                 3.493  4.500  ? 558  'X-RAY DIFFRACTION' ? 
r_rigid_bond_restr           ?      ?      ? ?    'X-RAY DIFFRACTION' ? 
r_sphericity_free            ?      ?      ? ?    'X-RAY DIFFRACTION' ? 
r_sphericity_bonded          ?      ?      ? ?    'X-RAY DIFFRACTION' ? 
# 
_refine_ls_shell.pdbx_total_number_of_bins_used   20 
_refine_ls_shell.d_res_high                       1.848 
_refine_ls_shell.d_res_low                        1.896 
_refine_ls_shell.number_reflns_R_work             910 
_refine_ls_shell.R_factor_R_work                  0.297 
_refine_ls_shell.percent_reflns_obs               67.04 
_refine_ls_shell.R_factor_R_free                  0.442 
_refine_ls_shell.R_factor_R_free_error            ? 
_refine_ls_shell.percent_reflns_R_free            ? 
_refine_ls_shell.number_reflns_R_free             42 
_refine_ls_shell.number_reflns_obs                952 
_refine_ls_shell.number_reflns_all                ? 
_refine_ls_shell.R_factor_all                     ? 
_refine_ls_shell.redundancy_reflns_obs            ? 
_refine_ls_shell.pdbx_refine_id                   'X-RAY DIFFRACTION' 
# 
_struct.entry_id                  2D3V 
_struct.title                     'Crystal Structure of Leukocyte Ig-like Receptor A5 (LILRA5/LIR9/ILT11)' 
_struct.pdbx_model_details        ? 
_struct.pdbx_CASP_flag            ? 
_struct.pdbx_model_type_details   ? 
# 
_struct_keywords.entry_id        2D3V 
_struct_keywords.pdbx_keywords   'IMMUNE SYSTEM' 
_struct_keywords.text            'Immunoglobulin-like fold, IMMUNE SYSTEM' 
# 
loop_
_struct_asym.id 
_struct_asym.pdbx_blank_PDB_chainid_flag 
_struct_asym.pdbx_modified 
_struct_asym.entity_id 
_struct_asym.details 
A N N 1 ? 
B N N 2 ? 
# 
_struct_ref.id                         1 
_struct_ref.db_name                    GB 
_struct_ref.db_code                    NP_067073 
_struct_ref.pdbx_db_accession          32490553 
_struct_ref.entity_id                  1 
_struct_ref.pdbx_seq_one_letter_code   
;GNLSKATLWAEPGSVISRGNSVTIRCQGTLEAQEYRLVKEGSPEPWDTQNPLEPKNKARFSIPSMTEHHAGRYRCYYYSP
AGWSEPSDPLELVVTGFYNKPTLSALPSPVVTSGENVTLQCGSRLRFDRFILTEEGDHKLSWTLDSQLTPSGQFQALFPV
GPVTPSHRWMLRCYGSRRHILQVWSEPSDLLEIPVS
;
_struct_ref.pdbx_align_begin           42 
_struct_ref.pdbx_db_isoform            ? 
# 
_struct_ref_seq.align_id                      1 
_struct_ref_seq.ref_id                        1 
_struct_ref_seq.pdbx_PDB_id_code              2D3V 
_struct_ref_seq.pdbx_strand_id                A 
_struct_ref_seq.seq_align_beg                 1 
_struct_ref_seq.pdbx_seq_align_beg_ins_code   ? 
_struct_ref_seq.seq_align_end                 196 
_struct_ref_seq.pdbx_seq_align_end_ins_code   ? 
_struct_ref_seq.pdbx_db_accession             32490553 
_struct_ref_seq.db_align_beg                  42 
_struct_ref_seq.pdbx_db_align_beg_ins_code    ? 
_struct_ref_seq.db_align_end                  237 
_struct_ref_seq.pdbx_db_align_end_ins_code    ? 
_struct_ref_seq.pdbx_auth_seq_align_beg       1 
_struct_ref_seq.pdbx_auth_seq_align_end       196 
# 
loop_
_struct_ref_seq_dif.align_id 
_struct_ref_seq_dif.pdbx_pdb_id_code 
_struct_ref_seq_dif.mon_id 
_struct_ref_seq_dif.pdbx_pdb_strand_id 
_struct_ref_seq_dif.seq_num 
_struct_ref_seq_dif.pdbx_pdb_ins_code 
_struct_ref_seq_dif.pdbx_seq_db_name 
_struct_ref_seq_dif.pdbx_seq_db_accession_code 
_struct_ref_seq_dif.db_mon_id 
_struct_ref_seq_dif.pdbx_seq_db_seq_num 
_struct_ref_seq_dif.details 
_struct_ref_seq_dif.pdbx_auth_seq_num 
_struct_ref_seq_dif.pdbx_ordinal 
1 2D3V MSE A 65  ? GB 32490553 MET 106 'modified residue' 65  1 
1 2D3V MSE A 170 ? GB 32490553 MET 211 'modified residue' 170 2 
# 
_pdbx_struct_assembly.id                   1 
_pdbx_struct_assembly.details              author_defined_assembly 
_pdbx_struct_assembly.method_details       ? 
_pdbx_struct_assembly.oligomeric_details   monomeric 
_pdbx_struct_assembly.oligomeric_count     1 
# 
_pdbx_struct_assembly_gen.assembly_id       1 
_pdbx_struct_assembly_gen.oper_expression   1 
_pdbx_struct_assembly_gen.asym_id_list      A,B 
# 
_pdbx_struct_oper_list.id                   1 
_pdbx_struct_oper_list.type                 'identity operation' 
_pdbx_struct_oper_list.name                 1_555 
_pdbx_struct_oper_list.symmetry_operation   x,y,z 
_pdbx_struct_oper_list.matrix[1][1]         1.0000000000 
_pdbx_struct_oper_list.matrix[1][2]         0.0000000000 
_pdbx_struct_oper_list.matrix[1][3]         0.0000000000 
_pdbx_struct_oper_list.vector[1]            0.0000000000 
_pdbx_struct_oper_list.matrix[2][1]         0.0000000000 
_pdbx_struct_oper_list.matrix[2][2]         1.0000000000 
_pdbx_struct_oper_list.matrix[2][3]         0.0000000000 
_pdbx_struct_oper_list.vector[2]            0.0000000000 
_pdbx_struct_oper_list.matrix[3][1]         0.0000000000 
_pdbx_struct_oper_list.matrix[3][2]         0.0000000000 
_pdbx_struct_oper_list.matrix[3][3]         1.0000000000 
_pdbx_struct_oper_list.vector[3]            0.0000000000 
# 
_struct_biol.id                    1 
_struct_biol.pdbx_parent_biol_id   ? 
_struct_biol.details               ? 
# 
_struct_conf.conf_type_id            HELX_P 
_struct_conf.id                      HELX_P1 
_struct_conf.pdbx_PDB_helix_id       1 
_struct_conf.beg_label_comp_id       THR 
_struct_conf.beg_label_asym_id       A 
_struct_conf.beg_label_seq_id        66 
_struct_conf.pdbx_beg_PDB_ins_code   ? 
_struct_conf.end_label_comp_id       ALA 
_struct_conf.end_label_asym_id       A 
_struct_conf.end_label_seq_id        70 
_struct_conf.pdbx_end_PDB_ins_code   ? 
_struct_conf.beg_auth_comp_id        THR 
_struct_conf.beg_auth_asym_id        A 
_struct_conf.beg_auth_seq_id         66 
_struct_conf.end_auth_comp_id        ALA 
_struct_conf.end_auth_asym_id        A 
_struct_conf.end_auth_seq_id         70 
_struct_conf.pdbx_PDB_helix_class    5 
_struct_conf.details                 ? 
_struct_conf.pdbx_PDB_helix_length   5 
# 
_struct_conf_type.id          HELX_P 
_struct_conf_type.criteria    ? 
_struct_conf_type.reference   ? 
# 
loop_
_struct_conn.id 
_struct_conn.conn_type_id 
_struct_conn.pdbx_leaving_atom_flag 
_struct_conn.pdbx_PDB_id 
_struct_conn.ptnr1_label_asym_id 
_struct_conn.ptnr1_label_comp_id 
_struct_conn.ptnr1_label_seq_id 
_struct_conn.ptnr1_label_atom_id 
_struct_conn.pdbx_ptnr1_label_alt_id 
_struct_conn.pdbx_ptnr1_PDB_ins_code 
_struct_conn.pdbx_ptnr1_standard_comp_id 
_struct_conn.ptnr1_symmetry 
_struct_conn.ptnr2_label_asym_id 
_struct_conn.ptnr2_label_comp_id 
_struct_conn.ptnr2_label_seq_id 
_struct_conn.ptnr2_label_atom_id 
_struct_conn.pdbx_ptnr2_label_alt_id 
_struct_conn.pdbx_ptnr2_PDB_ins_code 
_struct_conn.ptnr1_auth_asym_id 
_struct_conn.ptnr1_auth_comp_id 
_struct_conn.ptnr1_auth_seq_id 
_struct_conn.ptnr2_auth_asym_id 
_struct_conn.ptnr2_auth_comp_id 
_struct_conn.ptnr2_auth_seq_id 
_struct_conn.ptnr2_symmetry 
_struct_conn.pdbx_ptnr3_label_atom_id 
_struct_conn.pdbx_ptnr3_label_seq_id 
_struct_conn.pdbx_ptnr3_label_comp_id 
_struct_conn.pdbx_ptnr3_label_asym_id 
_struct_conn.pdbx_ptnr3_label_alt_id 
_struct_conn.pdbx_ptnr3_PDB_ins_code 
_struct_conn.details 
_struct_conn.pdbx_dist_value 
_struct_conn.pdbx_value_order 
_struct_conn.pdbx_role 
disulf1 disulf ?    ? A CYS 26  SG ? ? ? 1_555 A CYS 75  SG ? ? A CYS 26  A CYS 75  1_555 ? ? ? ? ? ? ? 2.055 ? ? 
disulf2 disulf ?    ? A CYS 121 SG ? ? ? 1_555 A CYS 173 SG ? ? A CYS 121 A CYS 173 1_555 ? ? ? ? ? ? ? 2.049 ? ? 
covale1 covale both ? A SER 64  C  ? ? ? 1_555 A MSE 65  N  ? ? A SER 64  A MSE 65  1_555 ? ? ? ? ? ? ? 1.322 ? ? 
covale2 covale both ? A MSE 65  C  ? ? ? 1_555 A THR 66  N  ? ? A MSE 65  A THR 66  1_555 ? ? ? ? ? ? ? 1.333 ? ? 
covale3 covale both ? A TRP 169 C  ? ? ? 1_555 A MSE 170 N  ? ? A TRP 169 A MSE 170 1_555 ? ? ? ? ? ? ? 1.329 ? ? 
covale4 covale both ? A MSE 170 C  ? ? ? 1_555 A LEU 171 N  ? ? A MSE 170 A LEU 171 1_555 ? ? ? ? ? ? ? 1.331 ? ? 
# 
loop_
_struct_conn_type.id 
_struct_conn_type.criteria 
_struct_conn_type.reference 
disulf ? ? 
covale ? ? 
# 
loop_
_pdbx_modification_feature.ordinal 
_pdbx_modification_feature.label_comp_id 
_pdbx_modification_feature.label_asym_id 
_pdbx_modification_feature.label_seq_id 
_pdbx_modification_feature.label_alt_id 
_pdbx_modification_feature.modified_residue_label_comp_id 
_pdbx_modification_feature.modified_residue_label_asym_id 
_pdbx_modification_feature.modified_residue_label_seq_id 
_pdbx_modification_feature.modified_residue_label_alt_id 
_pdbx_modification_feature.auth_comp_id 
_pdbx_modification_feature.auth_asym_id 
_pdbx_modification_feature.auth_seq_id 
_pdbx_modification_feature.PDB_ins_code 
_pdbx_modification_feature.symmetry 
_pdbx_modification_feature.modified_residue_auth_comp_id 
_pdbx_modification_feature.modified_residue_auth_asym_id 
_pdbx_modification_feature.modified_residue_auth_seq_id 
_pdbx_modification_feature.modified_residue_PDB_ins_code 
_pdbx_modification_feature.modified_residue_symmetry 
_pdbx_modification_feature.comp_id_linking_atom 
_pdbx_modification_feature.modified_residue_id_linking_atom 
_pdbx_modification_feature.modified_residue_id 
_pdbx_modification_feature.ref_pcm_id 
_pdbx_modification_feature.ref_comp_id 
_pdbx_modification_feature.type 
_pdbx_modification_feature.category 
1 MSE A 65  ? .   . .   . MSE A 65  ? 1_555 .   . .   . .     .  .  MET 1 MSE Selenomethionine 'Named protein modification' 
2 MSE A 170 ? .   . .   . MSE A 170 ? 1_555 .   . .   . .     .  .  MET 1 MSE Selenomethionine 'Named protein modification' 
3 CYS A 26  ? CYS A 75  ? CYS A 26  ? 1_555 CYS A 75  ? 1_555 SG SG .   . .   None             'Disulfide bridge'           
4 CYS A 121 ? CYS A 173 ? CYS A 121 ? 1_555 CYS A 173 ? 1_555 SG SG .   . .   None             'Disulfide bridge'           
# 
loop_
_struct_mon_prot_cis.pdbx_id 
_struct_mon_prot_cis.label_comp_id 
_struct_mon_prot_cis.label_seq_id 
_struct_mon_prot_cis.label_asym_id 
_struct_mon_prot_cis.label_alt_id 
_struct_mon_prot_cis.pdbx_PDB_ins_code 
_struct_mon_prot_cis.auth_comp_id 
_struct_mon_prot_cis.auth_seq_id 
_struct_mon_prot_cis.auth_asym_id 
_struct_mon_prot_cis.pdbx_label_comp_id_2 
_struct_mon_prot_cis.pdbx_label_seq_id_2 
_struct_mon_prot_cis.pdbx_label_asym_id_2 
_struct_mon_prot_cis.pdbx_PDB_ins_code_2 
_struct_mon_prot_cis.pdbx_auth_comp_id_2 
_struct_mon_prot_cis.pdbx_auth_seq_id_2 
_struct_mon_prot_cis.pdbx_auth_asym_id_2 
_struct_mon_prot_cis.pdbx_PDB_model_num 
_struct_mon_prot_cis.pdbx_omega_angle 
1 GLU 11  A . ? GLU 11  A PRO 12  A ? PRO 12  A 1 9.47  
2 ILE 193 A . ? ILE 193 A PRO 194 A ? PRO 194 A 1 19.08 
# 
loop_
_struct_sheet.id 
_struct_sheet.type 
_struct_sheet.number_strands 
_struct_sheet.details 
A ? 3 ? 
B ? 5 ? 
C ? 4 ? 
D ? 4 ? 
E ? 4 ? 
F ? 4 ? 
# 
loop_
_struct_sheet_order.sheet_id 
_struct_sheet_order.range_id_1 
_struct_sheet_order.range_id_2 
_struct_sheet_order.offset 
_struct_sheet_order.sense 
A 1 2 ? anti-parallel 
A 2 3 ? anti-parallel 
B 1 2 ? parallel      
B 2 3 ? anti-parallel 
B 3 4 ? anti-parallel 
B 4 5 ? anti-parallel 
C 1 2 ? parallel      
C 2 3 ? anti-parallel 
C 3 4 ? anti-parallel 
D 1 2 ? anti-parallel 
D 2 3 ? anti-parallel 
D 3 4 ? anti-parallel 
E 1 2 ? anti-parallel 
E 2 3 ? anti-parallel 
E 3 4 ? anti-parallel 
F 1 2 ? anti-parallel 
F 2 3 ? anti-parallel 
F 3 4 ? anti-parallel 
# 
loop_
_struct_sheet_range.sheet_id 
_struct_sheet_range.id 
_struct_sheet_range.beg_label_comp_id 
_struct_sheet_range.beg_label_asym_id 
_struct_sheet_range.beg_label_seq_id 
_struct_sheet_range.pdbx_beg_PDB_ins_code 
_struct_sheet_range.end_label_comp_id 
_struct_sheet_range.end_label_asym_id 
_struct_sheet_range.end_label_seq_id 
_struct_sheet_range.pdbx_end_PDB_ins_code 
_struct_sheet_range.beg_auth_comp_id 
_struct_sheet_range.beg_auth_asym_id 
_struct_sheet_range.beg_auth_seq_id 
_struct_sheet_range.end_auth_comp_id 
_struct_sheet_range.end_auth_asym_id 
_struct_sheet_range.end_auth_seq_id 
A 1 THR A 7   ? GLU A 11  ? THR A 7   GLU A 11  
A 2 VAL A 22  ? GLN A 27  ? VAL A 22  GLN A 27  
A 3 LYS A 57  ? ILE A 62  ? LYS A 57  ILE A 62  
B 1 VAL A 15  ? SER A 17  ? VAL A 15  SER A 17  
B 2 LEU A 90  ? THR A 95  ? LEU A 90  THR A 95  
B 3 GLY A 71  ? SER A 79  ? GLY A 71  SER A 79  
B 4 GLU A 34  ? LYS A 39  ? GLU A 34  LYS A 39  
B 5 ASP A 47  ? GLN A 49  ? ASP A 47  GLN A 49  
C 1 VAL A 15  ? SER A 17  ? VAL A 15  SER A 17  
C 2 LEU A 90  ? THR A 95  ? LEU A 90  THR A 95  
C 3 GLY A 71  ? SER A 79  ? GLY A 71  SER A 79  
C 4 GLY A 82  ? TRP A 83  ? GLY A 82  TRP A 83  
D 1 THR A 102 ? SER A 104 ? THR A 102 SER A 104 
D 2 THR A 118 ? SER A 123 ? THR A 118 SER A 123 
D 3 PHE A 154 ? PRO A 159 ? PHE A 154 PRO A 159 
D 4 GLN A 147 ? LEU A 148 ? GLN A 147 LEU A 148 
E 1 SER A 141 ? ASP A 145 ? SER A 141 ASP A 145 
E 2 ARG A 129 ? GLU A 134 ? ARG A 129 GLU A 134 
E 3 TRP A 169 ? ARG A 177 ? TRP A 169 ARG A 177 
E 4 ILE A 180 ? TRP A 184 ? ILE A 180 TRP A 184 
F 1 SER A 141 ? ASP A 145 ? SER A 141 ASP A 145 
F 2 ARG A 129 ? GLU A 134 ? ARG A 129 GLU A 134 
F 3 TRP A 169 ? ARG A 177 ? TRP A 169 ARG A 177 
F 4 LEU A 191 ? ILE A 193 ? LEU A 191 ILE A 193 
# 
loop_
_pdbx_struct_sheet_hbond.sheet_id 
_pdbx_struct_sheet_hbond.range_id_1 
_pdbx_struct_sheet_hbond.range_id_2 
_pdbx_struct_sheet_hbond.range_1_label_atom_id 
_pdbx_struct_sheet_hbond.range_1_label_comp_id 
_pdbx_struct_sheet_hbond.range_1_label_asym_id 
_pdbx_struct_sheet_hbond.range_1_label_seq_id 
_pdbx_struct_sheet_hbond.range_1_PDB_ins_code 
_pdbx_struct_sheet_hbond.range_1_auth_atom_id 
_pdbx_struct_sheet_hbond.range_1_auth_comp_id 
_pdbx_struct_sheet_hbond.range_1_auth_asym_id 
_pdbx_struct_sheet_hbond.range_1_auth_seq_id 
_pdbx_struct_sheet_hbond.range_2_label_atom_id 
_pdbx_struct_sheet_hbond.range_2_label_comp_id 
_pdbx_struct_sheet_hbond.range_2_label_asym_id 
_pdbx_struct_sheet_hbond.range_2_label_seq_id 
_pdbx_struct_sheet_hbond.range_2_PDB_ins_code 
_pdbx_struct_sheet_hbond.range_2_auth_atom_id 
_pdbx_struct_sheet_hbond.range_2_auth_comp_id 
_pdbx_struct_sheet_hbond.range_2_auth_asym_id 
_pdbx_struct_sheet_hbond.range_2_auth_seq_id 
A 1 2 N THR A 7   ? N THR A 7   O GLN A 27  ? O GLN A 27  
A 2 3 N ILE A 24  ? N ILE A 24  O PHE A 60  ? O PHE A 60  
B 1 2 N ILE A 16  ? N ILE A 16  O VAL A 93  ? O VAL A 93  
B 2 3 O LEU A 92  ? O LEU A 92  N GLY A 71  ? N GLY A 71  
B 3 4 O TYR A 76  ? O TYR A 76  N ARG A 36  ? N ARG A 36  
B 4 5 N TYR A 35  ? N TYR A 35  O GLN A 49  ? O GLN A 49  
C 1 2 N ILE A 16  ? N ILE A 16  O VAL A 93  ? O VAL A 93  
C 2 3 O LEU A 92  ? O LEU A 92  N GLY A 71  ? N GLY A 71  
C 3 4 N SER A 79  ? N SER A 79  O GLY A 82  ? O GLY A 82  
D 1 2 N SER A 104 ? N SER A 104 O GLN A 120 ? O GLN A 120 
D 2 3 N SER A 123 ? N SER A 123 O PHE A 154 ? O PHE A 154 
D 3 4 O GLN A 155 ? O GLN A 155 N GLN A 147 ? N GLN A 147 
E 1 2 O LEU A 144 ? O LEU A 144 N PHE A 130 ? N PHE A 130 
E 2 3 N THR A 133 ? N THR A 133 O ARG A 172 ? O ARG A 172 
E 3 4 N ARG A 177 ? N ARG A 177 O ILE A 180 ? O ILE A 180 
F 1 2 O LEU A 144 ? O LEU A 144 N PHE A 130 ? N PHE A 130 
F 2 3 N THR A 133 ? N THR A 133 O ARG A 172 ? O ARG A 172 
F 3 4 N LEU A 171 ? N LEU A 171 O LEU A 191 ? O LEU A 191 
# 
_pdbx_entry_details.entry_id                   2D3V 
_pdbx_entry_details.compound_details           ? 
_pdbx_entry_details.source_details             ? 
_pdbx_entry_details.nonpolymer_details         ? 
_pdbx_entry_details.sequence_details           ? 
_pdbx_entry_details.has_ligand_of_interest     ? 
_pdbx_entry_details.has_protein_modification   Y 
# 
_pdbx_validate_close_contact.id               1 
_pdbx_validate_close_contact.PDB_model_num    1 
_pdbx_validate_close_contact.auth_atom_id_1   O 
_pdbx_validate_close_contact.auth_asym_id_1   A 
_pdbx_validate_close_contact.auth_comp_id_1   HOH 
_pdbx_validate_close_contact.auth_seq_id_1    220 
_pdbx_validate_close_contact.PDB_ins_code_1   ? 
_pdbx_validate_close_contact.label_alt_id_1   ? 
_pdbx_validate_close_contact.auth_atom_id_2   O 
_pdbx_validate_close_contact.auth_asym_id_2   A 
_pdbx_validate_close_contact.auth_comp_id_2   HOH 
_pdbx_validate_close_contact.auth_seq_id_2    300 
_pdbx_validate_close_contact.PDB_ins_code_2   ? 
_pdbx_validate_close_contact.label_alt_id_2   ? 
_pdbx_validate_close_contact.dist             1.93 
# 
_pdbx_validate_torsion.id              1 
_pdbx_validate_torsion.PDB_model_num   1 
_pdbx_validate_torsion.auth_comp_id    GLU 
_pdbx_validate_torsion.auth_asym_id    A 
_pdbx_validate_torsion.auth_seq_id     53 
_pdbx_validate_torsion.PDB_ins_code    ? 
_pdbx_validate_torsion.label_alt_id    ? 
_pdbx_validate_torsion.phi             51.28 
_pdbx_validate_torsion.psi             -121.35 
# 
loop_
_pdbx_struct_mod_residue.id 
_pdbx_struct_mod_residue.label_asym_id 
_pdbx_struct_mod_residue.label_comp_id 
_pdbx_struct_mod_residue.label_seq_id 
_pdbx_struct_mod_residue.auth_asym_id 
_pdbx_struct_mod_residue.auth_comp_id 
_pdbx_struct_mod_residue.auth_seq_id 
_pdbx_struct_mod_residue.PDB_ins_code 
_pdbx_struct_mod_residue.parent_comp_id 
_pdbx_struct_mod_residue.details 
1 A MSE 65  A MSE 65  ? MET SELENOMETHIONINE 
2 A MSE 170 A MSE 170 ? MET SELENOMETHIONINE 
# 
loop_
_pdbx_unobs_or_zero_occ_residues.id 
_pdbx_unobs_or_zero_occ_residues.PDB_model_num 
_pdbx_unobs_or_zero_occ_residues.polymer_flag 
_pdbx_unobs_or_zero_occ_residues.occupancy_flag 
_pdbx_unobs_or_zero_occ_residues.auth_asym_id 
_pdbx_unobs_or_zero_occ_residues.auth_comp_id 
_pdbx_unobs_or_zero_occ_residues.auth_seq_id 
_pdbx_unobs_or_zero_occ_residues.PDB_ins_code 
_pdbx_unobs_or_zero_occ_residues.label_asym_id 
_pdbx_unobs_or_zero_occ_residues.label_comp_id 
_pdbx_unobs_or_zero_occ_residues.label_seq_id 
1  1 Y 1 A GLY 1   ? A GLY 1   
2  1 Y 1 A ASN 2   ? A ASN 2   
3  1 Y 1 A LEU 106 ? A LEU 106 
4  1 Y 1 A PRO 107 ? A PRO 107 
5  1 Y 1 A SER 108 ? A SER 108 
6  1 Y 1 A PRO 109 ? A PRO 109 
7  1 Y 1 A VAL 110 ? A VAL 110 
8  1 Y 1 A VAL 111 ? A VAL 111 
9  1 Y 1 A THR 112 ? A THR 112 
10 1 Y 1 A SER 113 ? A SER 113 
11 1 Y 1 A GLY 114 ? A GLY 114 
12 1 Y 1 A GLU 115 ? A GLU 115 
13 1 Y 1 A ASN 116 ? A ASN 116 
14 1 Y 1 A GLY 136 ? A GLY 136 
15 1 Y 1 A ASP 137 ? A ASP 137 
16 1 Y 1 A HIS 138 ? A HIS 138 
17 1 Y 1 A SER 196 ? A SER 196 
# 
loop_
_chem_comp_atom.comp_id 
_chem_comp_atom.atom_id 
_chem_comp_atom.type_symbol 
_chem_comp_atom.pdbx_aromatic_flag 
_chem_comp_atom.pdbx_stereo_config 
_chem_comp_atom.pdbx_ordinal 
ALA N    N  N N 1   
ALA CA   C  N S 2   
ALA C    C  N N 3   
ALA O    O  N N 4   
ALA CB   C  N N 5   
ALA OXT  O  N N 6   
ALA H    H  N N 7   
ALA H2   H  N N 8   
ALA HA   H  N N 9   
ALA HB1  H  N N 10  
ALA HB2  H  N N 11  
ALA HB3  H  N N 12  
ALA HXT  H  N N 13  
ARG N    N  N N 14  
ARG CA   C  N S 15  
ARG C    C  N N 16  
ARG O    O  N N 17  
ARG CB   C  N N 18  
ARG CG   C  N N 19  
ARG CD   C  N N 20  
ARG NE   N  N N 21  
ARG CZ   C  N N 22  
ARG NH1  N  N N 23  
ARG NH2  N  N N 24  
ARG OXT  O  N N 25  
ARG H    H  N N 26  
ARG H2   H  N N 27  
ARG HA   H  N N 28  
ARG HB2  H  N N 29  
ARG HB3  H  N N 30  
ARG HG2  H  N N 31  
ARG HG3  H  N N 32  
ARG HD2  H  N N 33  
ARG HD3  H  N N 34  
ARG HE   H  N N 35  
ARG HH11 H  N N 36  
ARG HH12 H  N N 37  
ARG HH21 H  N N 38  
ARG HH22 H  N N 39  
ARG HXT  H  N N 40  
ASN N    N  N N 41  
ASN CA   C  N S 42  
ASN C    C  N N 43  
ASN O    O  N N 44  
ASN CB   C  N N 45  
ASN CG   C  N N 46  
ASN OD1  O  N N 47  
ASN ND2  N  N N 48  
ASN OXT  O  N N 49  
ASN H    H  N N 50  
ASN H2   H  N N 51  
ASN HA   H  N N 52  
ASN HB2  H  N N 53  
ASN HB3  H  N N 54  
ASN HD21 H  N N 55  
ASN HD22 H  N N 56  
ASN HXT  H  N N 57  
ASP N    N  N N 58  
ASP CA   C  N S 59  
ASP C    C  N N 60  
ASP O    O  N N 61  
ASP CB   C  N N 62  
ASP CG   C  N N 63  
ASP OD1  O  N N 64  
ASP OD2  O  N N 65  
ASP OXT  O  N N 66  
ASP H    H  N N 67  
ASP H2   H  N N 68  
ASP HA   H  N N 69  
ASP HB2  H  N N 70  
ASP HB3  H  N N 71  
ASP HD2  H  N N 72  
ASP HXT  H  N N 73  
CYS N    N  N N 74  
CYS CA   C  N R 75  
CYS C    C  N N 76  
CYS O    O  N N 77  
CYS CB   C  N N 78  
CYS SG   S  N N 79  
CYS OXT  O  N N 80  
CYS H    H  N N 81  
CYS H2   H  N N 82  
CYS HA   H  N N 83  
CYS HB2  H  N N 84  
CYS HB3  H  N N 85  
CYS HG   H  N N 86  
CYS HXT  H  N N 87  
GLN N    N  N N 88  
GLN CA   C  N S 89  
GLN C    C  N N 90  
GLN O    O  N N 91  
GLN CB   C  N N 92  
GLN CG   C  N N 93  
GLN CD   C  N N 94  
GLN OE1  O  N N 95  
GLN NE2  N  N N 96  
GLN OXT  O  N N 97  
GLN H    H  N N 98  
GLN H2   H  N N 99  
GLN HA   H  N N 100 
GLN HB2  H  N N 101 
GLN HB3  H  N N 102 
GLN HG2  H  N N 103 
GLN HG3  H  N N 104 
GLN HE21 H  N N 105 
GLN HE22 H  N N 106 
GLN HXT  H  N N 107 
GLU N    N  N N 108 
GLU CA   C  N S 109 
GLU C    C  N N 110 
GLU O    O  N N 111 
GLU CB   C  N N 112 
GLU CG   C  N N 113 
GLU CD   C  N N 114 
GLU OE1  O  N N 115 
GLU OE2  O  N N 116 
GLU OXT  O  N N 117 
GLU H    H  N N 118 
GLU H2   H  N N 119 
GLU HA   H  N N 120 
GLU HB2  H  N N 121 
GLU HB3  H  N N 122 
GLU HG2  H  N N 123 
GLU HG3  H  N N 124 
GLU HE2  H  N N 125 
GLU HXT  H  N N 126 
GLY N    N  N N 127 
GLY CA   C  N N 128 
GLY C    C  N N 129 
GLY O    O  N N 130 
GLY OXT  O  N N 131 
GLY H    H  N N 132 
GLY H2   H  N N 133 
GLY HA2  H  N N 134 
GLY HA3  H  N N 135 
GLY HXT  H  N N 136 
HIS N    N  N N 137 
HIS CA   C  N S 138 
HIS C    C  N N 139 
HIS O    O  N N 140 
HIS CB   C  N N 141 
HIS CG   C  Y N 142 
HIS ND1  N  Y N 143 
HIS CD2  C  Y N 144 
HIS CE1  C  Y N 145 
HIS NE2  N  Y N 146 
HIS OXT  O  N N 147 
HIS H    H  N N 148 
HIS H2   H  N N 149 
HIS HA   H  N N 150 
HIS HB2  H  N N 151 
HIS HB3  H  N N 152 
HIS HD1  H  N N 153 
HIS HD2  H  N N 154 
HIS HE1  H  N N 155 
HIS HE2  H  N N 156 
HIS HXT  H  N N 157 
HOH O    O  N N 158 
HOH H1   H  N N 159 
HOH H2   H  N N 160 
ILE N    N  N N 161 
ILE CA   C  N S 162 
ILE C    C  N N 163 
ILE O    O  N N 164 
ILE CB   C  N S 165 
ILE CG1  C  N N 166 
ILE CG2  C  N N 167 
ILE CD1  C  N N 168 
ILE OXT  O  N N 169 
ILE H    H  N N 170 
ILE H2   H  N N 171 
ILE HA   H  N N 172 
ILE HB   H  N N 173 
ILE HG12 H  N N 174 
ILE HG13 H  N N 175 
ILE HG21 H  N N 176 
ILE HG22 H  N N 177 
ILE HG23 H  N N 178 
ILE HD11 H  N N 179 
ILE HD12 H  N N 180 
ILE HD13 H  N N 181 
ILE HXT  H  N N 182 
LEU N    N  N N 183 
LEU CA   C  N S 184 
LEU C    C  N N 185 
LEU O    O  N N 186 
LEU CB   C  N N 187 
LEU CG   C  N N 188 
LEU CD1  C  N N 189 
LEU CD2  C  N N 190 
LEU OXT  O  N N 191 
LEU H    H  N N 192 
LEU H2   H  N N 193 
LEU HA   H  N N 194 
LEU HB2  H  N N 195 
LEU HB3  H  N N 196 
LEU HG   H  N N 197 
LEU HD11 H  N N 198 
LEU HD12 H  N N 199 
LEU HD13 H  N N 200 
LEU HD21 H  N N 201 
LEU HD22 H  N N 202 
LEU HD23 H  N N 203 
LEU HXT  H  N N 204 
LYS N    N  N N 205 
LYS CA   C  N S 206 
LYS C    C  N N 207 
LYS O    O  N N 208 
LYS CB   C  N N 209 
LYS CG   C  N N 210 
LYS CD   C  N N 211 
LYS CE   C  N N 212 
LYS NZ   N  N N 213 
LYS OXT  O  N N 214 
LYS H    H  N N 215 
LYS H2   H  N N 216 
LYS HA   H  N N 217 
LYS HB2  H  N N 218 
LYS HB3  H  N N 219 
LYS HG2  H  N N 220 
LYS HG3  H  N N 221 
LYS HD2  H  N N 222 
LYS HD3  H  N N 223 
LYS HE2  H  N N 224 
LYS HE3  H  N N 225 
LYS HZ1  H  N N 226 
LYS HZ2  H  N N 227 
LYS HZ3  H  N N 228 
LYS HXT  H  N N 229 
MET N    N  N N 230 
MET CA   C  N S 231 
MET C    C  N N 232 
MET O    O  N N 233 
MET CB   C  N N 234 
MET CG   C  N N 235 
MET SD   S  N N 236 
MET CE   C  N N 237 
MET OXT  O  N N 238 
MET H    H  N N 239 
MET H2   H  N N 240 
MET HA   H  N N 241 
MET HB2  H  N N 242 
MET HB3  H  N N 243 
MET HG2  H  N N 244 
MET HG3  H  N N 245 
MET HE1  H  N N 246 
MET HE2  H  N N 247 
MET HE3  H  N N 248 
MET HXT  H  N N 249 
MSE N    N  N N 250 
MSE CA   C  N S 251 
MSE C    C  N N 252 
MSE O    O  N N 253 
MSE OXT  O  N N 254 
MSE CB   C  N N 255 
MSE CG   C  N N 256 
MSE SE   SE N N 257 
MSE CE   C  N N 258 
MSE H    H  N N 259 
MSE H2   H  N N 260 
MSE HA   H  N N 261 
MSE HXT  H  N N 262 
MSE HB2  H  N N 263 
MSE HB3  H  N N 264 
MSE HG2  H  N N 265 
MSE HG3  H  N N 266 
MSE HE1  H  N N 267 
MSE HE2  H  N N 268 
MSE HE3  H  N N 269 
PHE N    N  N N 270 
PHE CA   C  N S 271 
PHE C    C  N N 272 
PHE O    O  N N 273 
PHE CB   C  N N 274 
PHE CG   C  Y N 275 
PHE CD1  C  Y N 276 
PHE CD2  C  Y N 277 
PHE CE1  C  Y N 278 
PHE CE2  C  Y N 279 
PHE CZ   C  Y N 280 
PHE OXT  O  N N 281 
PHE H    H  N N 282 
PHE H2   H  N N 283 
PHE HA   H  N N 284 
PHE HB2  H  N N 285 
PHE HB3  H  N N 286 
PHE HD1  H  N N 287 
PHE HD2  H  N N 288 
PHE HE1  H  N N 289 
PHE HE2  H  N N 290 
PHE HZ   H  N N 291 
PHE HXT  H  N N 292 
PRO N    N  N N 293 
PRO CA   C  N S 294 
PRO C    C  N N 295 
PRO O    O  N N 296 
PRO CB   C  N N 297 
PRO CG   C  N N 298 
PRO CD   C  N N 299 
PRO OXT  O  N N 300 
PRO H    H  N N 301 
PRO HA   H  N N 302 
PRO HB2  H  N N 303 
PRO HB3  H  N N 304 
PRO HG2  H  N N 305 
PRO HG3  H  N N 306 
PRO HD2  H  N N 307 
PRO HD3  H  N N 308 
PRO HXT  H  N N 309 
SER N    N  N N 310 
SER CA   C  N S 311 
SER C    C  N N 312 
SER O    O  N N 313 
SER CB   C  N N 314 
SER OG   O  N N 315 
SER OXT  O  N N 316 
SER H    H  N N 317 
SER H2   H  N N 318 
SER HA   H  N N 319 
SER HB2  H  N N 320 
SER HB3  H  N N 321 
SER HG   H  N N 322 
SER HXT  H  N N 323 
THR N    N  N N 324 
THR CA   C  N S 325 
THR C    C  N N 326 
THR O    O  N N 327 
THR CB   C  N R 328 
THR OG1  O  N N 329 
THR CG2  C  N N 330 
THR OXT  O  N N 331 
THR H    H  N N 332 
THR H2   H  N N 333 
THR HA   H  N N 334 
THR HB   H  N N 335 
THR HG1  H  N N 336 
THR HG21 H  N N 337 
THR HG22 H  N N 338 
THR HG23 H  N N 339 
THR HXT  H  N N 340 
TRP N    N  N N 341 
TRP CA   C  N S 342 
TRP C    C  N N 343 
TRP O    O  N N 344 
TRP CB   C  N N 345 
TRP CG   C  Y N 346 
TRP CD1  C  Y N 347 
TRP CD2  C  Y N 348 
TRP NE1  N  Y N 349 
TRP CE2  C  Y N 350 
TRP CE3  C  Y N 351 
TRP CZ2  C  Y N 352 
TRP CZ3  C  Y N 353 
TRP CH2  C  Y N 354 
TRP OXT  O  N N 355 
TRP H    H  N N 356 
TRP H2   H  N N 357 
TRP HA   H  N N 358 
TRP HB2  H  N N 359 
TRP HB3  H  N N 360 
TRP HD1  H  N N 361 
TRP HE1  H  N N 362 
TRP HE3  H  N N 363 
TRP HZ2  H  N N 364 
TRP HZ3  H  N N 365 
TRP HH2  H  N N 366 
TRP HXT  H  N N 367 
TYR N    N  N N 368 
TYR CA   C  N S 369 
TYR C    C  N N 370 
TYR O    O  N N 371 
TYR CB   C  N N 372 
TYR CG   C  Y N 373 
TYR CD1  C  Y N 374 
TYR CD2  C  Y N 375 
TYR CE1  C  Y N 376 
TYR CE2  C  Y N 377 
TYR CZ   C  Y N 378 
TYR OH   O  N N 379 
TYR OXT  O  N N 380 
TYR H    H  N N 381 
TYR H2   H  N N 382 
TYR HA   H  N N 383 
TYR HB2  H  N N 384 
TYR HB3  H  N N 385 
TYR HD1  H  N N 386 
TYR HD2  H  N N 387 
TYR HE1  H  N N 388 
TYR HE2  H  N N 389 
TYR HH   H  N N 390 
TYR HXT  H  N N 391 
VAL N    N  N N 392 
VAL CA   C  N S 393 
VAL C    C  N N 394 
VAL O    O  N N 395 
VAL CB   C  N N 396 
VAL CG1  C  N N 397 
VAL CG2  C  N N 398 
VAL OXT  O  N N 399 
VAL H    H  N N 400 
VAL H2   H  N N 401 
VAL HA   H  N N 402 
VAL HB   H  N N 403 
VAL HG11 H  N N 404 
VAL HG12 H  N N 405 
VAL HG13 H  N N 406 
VAL HG21 H  N N 407 
VAL HG22 H  N N 408 
VAL HG23 H  N N 409 
VAL HXT  H  N N 410 
# 
loop_
_chem_comp_bond.comp_id 
_chem_comp_bond.atom_id_1 
_chem_comp_bond.atom_id_2 
_chem_comp_bond.value_order 
_chem_comp_bond.pdbx_aromatic_flag 
_chem_comp_bond.pdbx_stereo_config 
_chem_comp_bond.pdbx_ordinal 
ALA N   CA   sing N N 1   
ALA N   H    sing N N 2   
ALA N   H2   sing N N 3   
ALA CA  C    sing N N 4   
ALA CA  CB   sing N N 5   
ALA CA  HA   sing N N 6   
ALA C   O    doub N N 7   
ALA C   OXT  sing N N 8   
ALA CB  HB1  sing N N 9   
ALA CB  HB2  sing N N 10  
ALA CB  HB3  sing N N 11  
ALA OXT HXT  sing N N 12  
ARG N   CA   sing N N 13  
ARG N   H    sing N N 14  
ARG N   H2   sing N N 15  
ARG CA  C    sing N N 16  
ARG CA  CB   sing N N 17  
ARG CA  HA   sing N N 18  
ARG C   O    doub N N 19  
ARG C   OXT  sing N N 20  
ARG CB  CG   sing N N 21  
ARG CB  HB2  sing N N 22  
ARG CB  HB3  sing N N 23  
ARG CG  CD   sing N N 24  
ARG CG  HG2  sing N N 25  
ARG CG  HG3  sing N N 26  
ARG CD  NE   sing N N 27  
ARG CD  HD2  sing N N 28  
ARG CD  HD3  sing N N 29  
ARG NE  CZ   sing N N 30  
ARG NE  HE   sing N N 31  
ARG CZ  NH1  sing N N 32  
ARG CZ  NH2  doub N N 33  
ARG NH1 HH11 sing N N 34  
ARG NH1 HH12 sing N N 35  
ARG NH2 HH21 sing N N 36  
ARG NH2 HH22 sing N N 37  
ARG OXT HXT  sing N N 38  
ASN N   CA   sing N N 39  
ASN N   H    sing N N 40  
ASN N   H2   sing N N 41  
ASN CA  C    sing N N 42  
ASN CA  CB   sing N N 43  
ASN CA  HA   sing N N 44  
ASN C   O    doub N N 45  
ASN C   OXT  sing N N 46  
ASN CB  CG   sing N N 47  
ASN CB  HB2  sing N N 48  
ASN CB  HB3  sing N N 49  
ASN CG  OD1  doub N N 50  
ASN CG  ND2  sing N N 51  
ASN ND2 HD21 sing N N 52  
ASN ND2 HD22 sing N N 53  
ASN OXT HXT  sing N N 54  
ASP N   CA   sing N N 55  
ASP N   H    sing N N 56  
ASP N   H2   sing N N 57  
ASP CA  C    sing N N 58  
ASP CA  CB   sing N N 59  
ASP CA  HA   sing N N 60  
ASP C   O    doub N N 61  
ASP C   OXT  sing N N 62  
ASP CB  CG   sing N N 63  
ASP CB  HB2  sing N N 64  
ASP CB  HB3  sing N N 65  
ASP CG  OD1  doub N N 66  
ASP CG  OD2  sing N N 67  
ASP OD2 HD2  sing N N 68  
ASP OXT HXT  sing N N 69  
CYS N   CA   sing N N 70  
CYS N   H    sing N N 71  
CYS N   H2   sing N N 72  
CYS CA  C    sing N N 73  
CYS CA  CB   sing N N 74  
CYS CA  HA   sing N N 75  
CYS C   O    doub N N 76  
CYS C   OXT  sing N N 77  
CYS CB  SG   sing N N 78  
CYS CB  HB2  sing N N 79  
CYS CB  HB3  sing N N 80  
CYS SG  HG   sing N N 81  
CYS OXT HXT  sing N N 82  
GLN N   CA   sing N N 83  
GLN N   H    sing N N 84  
GLN N   H2   sing N N 85  
GLN CA  C    sing N N 86  
GLN CA  CB   sing N N 87  
GLN CA  HA   sing N N 88  
GLN C   O    doub N N 89  
GLN C   OXT  sing N N 90  
GLN CB  CG   sing N N 91  
GLN CB  HB2  sing N N 92  
GLN CB  HB3  sing N N 93  
GLN CG  CD   sing N N 94  
GLN CG  HG2  sing N N 95  
GLN CG  HG3  sing N N 96  
GLN CD  OE1  doub N N 97  
GLN CD  NE2  sing N N 98  
GLN NE2 HE21 sing N N 99  
GLN NE2 HE22 sing N N 100 
GLN OXT HXT  sing N N 101 
GLU N   CA   sing N N 102 
GLU N   H    sing N N 103 
GLU N   H2   sing N N 104 
GLU CA  C    sing N N 105 
GLU CA  CB   sing N N 106 
GLU CA  HA   sing N N 107 
GLU C   O    doub N N 108 
GLU C   OXT  sing N N 109 
GLU CB  CG   sing N N 110 
GLU CB  HB2  sing N N 111 
GLU CB  HB3  sing N N 112 
GLU CG  CD   sing N N 113 
GLU CG  HG2  sing N N 114 
GLU CG  HG3  sing N N 115 
GLU CD  OE1  doub N N 116 
GLU CD  OE2  sing N N 117 
GLU OE2 HE2  sing N N 118 
GLU OXT HXT  sing N N 119 
GLY N   CA   sing N N 120 
GLY N   H    sing N N 121 
GLY N   H2   sing N N 122 
GLY CA  C    sing N N 123 
GLY CA  HA2  sing N N 124 
GLY CA  HA3  sing N N 125 
GLY C   O    doub N N 126 
GLY C   OXT  sing N N 127 
GLY OXT HXT  sing N N 128 
HIS N   CA   sing N N 129 
HIS N   H    sing N N 130 
HIS N   H2   sing N N 131 
HIS CA  C    sing N N 132 
HIS CA  CB   sing N N 133 
HIS CA  HA   sing N N 134 
HIS C   O    doub N N 135 
HIS C   OXT  sing N N 136 
HIS CB  CG   sing N N 137 
HIS CB  HB2  sing N N 138 
HIS CB  HB3  sing N N 139 
HIS CG  ND1  sing Y N 140 
HIS CG  CD2  doub Y N 141 
HIS ND1 CE1  doub Y N 142 
HIS ND1 HD1  sing N N 143 
HIS CD2 NE2  sing Y N 144 
HIS CD2 HD2  sing N N 145 
HIS CE1 NE2  sing Y N 146 
HIS CE1 HE1  sing N N 147 
HIS NE2 HE2  sing N N 148 
HIS OXT HXT  sing N N 149 
HOH O   H1   sing N N 150 
HOH O   H2   sing N N 151 
ILE N   CA   sing N N 152 
ILE N   H    sing N N 153 
ILE N   H2   sing N N 154 
ILE CA  C    sing N N 155 
ILE CA  CB   sing N N 156 
ILE CA  HA   sing N N 157 
ILE C   O    doub N N 158 
ILE C   OXT  sing N N 159 
ILE CB  CG1  sing N N 160 
ILE CB  CG2  sing N N 161 
ILE CB  HB   sing N N 162 
ILE CG1 CD1  sing N N 163 
ILE CG1 HG12 sing N N 164 
ILE CG1 HG13 sing N N 165 
ILE CG2 HG21 sing N N 166 
ILE CG2 HG22 sing N N 167 
ILE CG2 HG23 sing N N 168 
ILE CD1 HD11 sing N N 169 
ILE CD1 HD12 sing N N 170 
ILE CD1 HD13 sing N N 171 
ILE OXT HXT  sing N N 172 
LEU N   CA   sing N N 173 
LEU N   H    sing N N 174 
LEU N   H2   sing N N 175 
LEU CA  C    sing N N 176 
LEU CA  CB   sing N N 177 
LEU CA  HA   sing N N 178 
LEU C   O    doub N N 179 
LEU C   OXT  sing N N 180 
LEU CB  CG   sing N N 181 
LEU CB  HB2  sing N N 182 
LEU CB  HB3  sing N N 183 
LEU CG  CD1  sing N N 184 
LEU CG  CD2  sing N N 185 
LEU CG  HG   sing N N 186 
LEU CD1 HD11 sing N N 187 
LEU CD1 HD12 sing N N 188 
LEU CD1 HD13 sing N N 189 
LEU CD2 HD21 sing N N 190 
LEU CD2 HD22 sing N N 191 
LEU CD2 HD23 sing N N 192 
LEU OXT HXT  sing N N 193 
LYS N   CA   sing N N 194 
LYS N   H    sing N N 195 
LYS N   H2   sing N N 196 
LYS CA  C    sing N N 197 
LYS CA  CB   sing N N 198 
LYS CA  HA   sing N N 199 
LYS C   O    doub N N 200 
LYS C   OXT  sing N N 201 
LYS CB  CG   sing N N 202 
LYS CB  HB2  sing N N 203 
LYS CB  HB3  sing N N 204 
LYS CG  CD   sing N N 205 
LYS CG  HG2  sing N N 206 
LYS CG  HG3  sing N N 207 
LYS CD  CE   sing N N 208 
LYS CD  HD2  sing N N 209 
LYS CD  HD3  sing N N 210 
LYS CE  NZ   sing N N 211 
LYS CE  HE2  sing N N 212 
LYS CE  HE3  sing N N 213 
LYS NZ  HZ1  sing N N 214 
LYS NZ  HZ2  sing N N 215 
LYS NZ  HZ3  sing N N 216 
LYS OXT HXT  sing N N 217 
MET N   CA   sing N N 218 
MET N   H    sing N N 219 
MET N   H2   sing N N 220 
MET CA  C    sing N N 221 
MET CA  CB   sing N N 222 
MET CA  HA   sing N N 223 
MET C   O    doub N N 224 
MET C   OXT  sing N N 225 
MET CB  CG   sing N N 226 
MET CB  HB2  sing N N 227 
MET CB  HB3  sing N N 228 
MET CG  SD   sing N N 229 
MET CG  HG2  sing N N 230 
MET CG  HG3  sing N N 231 
MET SD  CE   sing N N 232 
MET CE  HE1  sing N N 233 
MET CE  HE2  sing N N 234 
MET CE  HE3  sing N N 235 
MET OXT HXT  sing N N 236 
MSE N   CA   sing N N 237 
MSE N   H    sing N N 238 
MSE N   H2   sing N N 239 
MSE CA  C    sing N N 240 
MSE CA  CB   sing N N 241 
MSE CA  HA   sing N N 242 
MSE C   O    doub N N 243 
MSE C   OXT  sing N N 244 
MSE OXT HXT  sing N N 245 
MSE CB  CG   sing N N 246 
MSE CB  HB2  sing N N 247 
MSE CB  HB3  sing N N 248 
MSE CG  SE   sing N N 249 
MSE CG  HG2  sing N N 250 
MSE CG  HG3  sing N N 251 
MSE SE  CE   sing N N 252 
MSE CE  HE1  sing N N 253 
MSE CE  HE2  sing N N 254 
MSE CE  HE3  sing N N 255 
PHE N   CA   sing N N 256 
PHE N   H    sing N N 257 
PHE N   H2   sing N N 258 
PHE CA  C    sing N N 259 
PHE CA  CB   sing N N 260 
PHE CA  HA   sing N N 261 
PHE C   O    doub N N 262 
PHE C   OXT  sing N N 263 
PHE CB  CG   sing N N 264 
PHE CB  HB2  sing N N 265 
PHE CB  HB3  sing N N 266 
PHE CG  CD1  doub Y N 267 
PHE CG  CD2  sing Y N 268 
PHE CD1 CE1  sing Y N 269 
PHE CD1 HD1  sing N N 270 
PHE CD2 CE2  doub Y N 271 
PHE CD2 HD2  sing N N 272 
PHE CE1 CZ   doub Y N 273 
PHE CE1 HE1  sing N N 274 
PHE CE2 CZ   sing Y N 275 
PHE CE2 HE2  sing N N 276 
PHE CZ  HZ   sing N N 277 
PHE OXT HXT  sing N N 278 
PRO N   CA   sing N N 279 
PRO N   CD   sing N N 280 
PRO N   H    sing N N 281 
PRO CA  C    sing N N 282 
PRO CA  CB   sing N N 283 
PRO CA  HA   sing N N 284 
PRO C   O    doub N N 285 
PRO C   OXT  sing N N 286 
PRO CB  CG   sing N N 287 
PRO CB  HB2  sing N N 288 
PRO CB  HB3  sing N N 289 
PRO CG  CD   sing N N 290 
PRO CG  HG2  sing N N 291 
PRO CG  HG3  sing N N 292 
PRO CD  HD2  sing N N 293 
PRO CD  HD3  sing N N 294 
PRO OXT HXT  sing N N 295 
SER N   CA   sing N N 296 
SER N   H    sing N N 297 
SER N   H2   sing N N 298 
SER CA  C    sing N N 299 
SER CA  CB   sing N N 300 
SER CA  HA   sing N N 301 
SER C   O    doub N N 302 
SER C   OXT  sing N N 303 
SER CB  OG   sing N N 304 
SER CB  HB2  sing N N 305 
SER CB  HB3  sing N N 306 
SER OG  HG   sing N N 307 
SER OXT HXT  sing N N 308 
THR N   CA   sing N N 309 
THR N   H    sing N N 310 
THR N   H2   sing N N 311 
THR CA  C    sing N N 312 
THR CA  CB   sing N N 313 
THR CA  HA   sing N N 314 
THR C   O    doub N N 315 
THR C   OXT  sing N N 316 
THR CB  OG1  sing N N 317 
THR CB  CG2  sing N N 318 
THR CB  HB   sing N N 319 
THR OG1 HG1  sing N N 320 
THR CG2 HG21 sing N N 321 
THR CG2 HG22 sing N N 322 
THR CG2 HG23 sing N N 323 
THR OXT HXT  sing N N 324 
TRP N   CA   sing N N 325 
TRP N   H    sing N N 326 
TRP N   H2   sing N N 327 
TRP CA  C    sing N N 328 
TRP CA  CB   sing N N 329 
TRP CA  HA   sing N N 330 
TRP C   O    doub N N 331 
TRP C   OXT  sing N N 332 
TRP CB  CG   sing N N 333 
TRP CB  HB2  sing N N 334 
TRP CB  HB3  sing N N 335 
TRP CG  CD1  doub Y N 336 
TRP CG  CD2  sing Y N 337 
TRP CD1 NE1  sing Y N 338 
TRP CD1 HD1  sing N N 339 
TRP CD2 CE2  doub Y N 340 
TRP CD2 CE3  sing Y N 341 
TRP NE1 CE2  sing Y N 342 
TRP NE1 HE1  sing N N 343 
TRP CE2 CZ2  sing Y N 344 
TRP CE3 CZ3  doub Y N 345 
TRP CE3 HE3  sing N N 346 
TRP CZ2 CH2  doub Y N 347 
TRP CZ2 HZ2  sing N N 348 
TRP CZ3 CH2  sing Y N 349 
TRP CZ3 HZ3  sing N N 350 
TRP CH2 HH2  sing N N 351 
TRP OXT HXT  sing N N 352 
TYR N   CA   sing N N 353 
TYR N   H    sing N N 354 
TYR N   H2   sing N N 355 
TYR CA  C    sing N N 356 
TYR CA  CB   sing N N 357 
TYR CA  HA   sing N N 358 
TYR C   O    doub N N 359 
TYR C   OXT  sing N N 360 
TYR CB  CG   sing N N 361 
TYR CB  HB2  sing N N 362 
TYR CB  HB3  sing N N 363 
TYR CG  CD1  doub Y N 364 
TYR CG  CD2  sing Y N 365 
TYR CD1 CE1  sing Y N 366 
TYR CD1 HD1  sing N N 367 
TYR CD2 CE2  doub Y N 368 
TYR CD2 HD2  sing N N 369 
TYR CE1 CZ   doub Y N 370 
TYR CE1 HE1  sing N N 371 
TYR CE2 CZ   sing Y N 372 
TYR CE2 HE2  sing N N 373 
TYR CZ  OH   sing N N 374 
TYR OH  HH   sing N N 375 
TYR OXT HXT  sing N N 376 
VAL N   CA   sing N N 377 
VAL N   H    sing N N 378 
VAL N   H2   sing N N 379 
VAL CA  C    sing N N 380 
VAL CA  CB   sing N N 381 
VAL CA  HA   sing N N 382 
VAL C   O    doub N N 383 
VAL C   OXT  sing N N 384 
VAL CB  CG1  sing N N 385 
VAL CB  CG2  sing N N 386 
VAL CB  HB   sing N N 387 
VAL CG1 HG11 sing N N 388 
VAL CG1 HG12 sing N N 389 
VAL CG1 HG13 sing N N 390 
VAL CG2 HG21 sing N N 391 
VAL CG2 HG22 sing N N 392 
VAL CG2 HG23 sing N N 393 
VAL OXT HXT  sing N N 394 
# 
_atom_sites.entry_id                    2D3V 
_atom_sites.fract_transf_matrix[1][1]   0.01821839 
_atom_sites.fract_transf_matrix[1][2]   0.03026263 
_atom_sites.fract_transf_matrix[1][3]   0.00453309 
_atom_sites.fract_transf_matrix[2][1]   0.01425757 
_atom_sites.fract_transf_matrix[2][2]   -0.00781277 
_atom_sites.fract_transf_matrix[2][3]   -0.00514325 
_atom_sites.fract_transf_matrix[3][1]   -0.00150431 
_atom_sites.fract_transf_matrix[3][2]   0.00198101 
_atom_sites.fract_transf_matrix[3][3]   -0.00717930 
_atom_sites.fract_transf_vector[1]      0.354321 
_atom_sites.fract_transf_vector[2]      0.264204 
_atom_sites.fract_transf_vector[3]      0.157522 
# 
loop_
_atom_type.symbol 
C  
N  
O  
S  
SE 
# 
loop_
_atom_site.group_PDB 
_atom_site.id 
_atom_site.type_symbol 
_atom_site.label_atom_id 
_atom_site.label_alt_id 
_atom_site.label_comp_id 
_atom_site.label_asym_id 
_atom_site.label_entity_id 
_atom_site.label_seq_id 
_atom_site.pdbx_PDB_ins_code 
_atom_site.Cartn_x 
_atom_site.Cartn_y 
_atom_site.Cartn_z 
_atom_site.occupancy 
_atom_site.B_iso_or_equiv 
_atom_site.pdbx_formal_charge 
_atom_site.auth_seq_id 
_atom_site.auth_comp_id 
_atom_site.auth_asym_id 
_atom_site.auth_atom_id 
_atom_site.pdbx_PDB_model_num 
ATOM   1    N  N   . LEU A 1 3   ? 25.271  6.863   9.300   1.00 33.52 ? 3   LEU A N   1 
ATOM   2    C  CA  . LEU A 1 3   ? 24.315  6.333   10.323  1.00 32.73 ? 3   LEU A CA  1 
ATOM   3    C  C   . LEU A 1 3   ? 23.507  5.171   9.753   1.00 32.95 ? 3   LEU A C   1 
ATOM   4    O  O   . LEU A 1 3   ? 23.222  5.150   8.560   1.00 34.24 ? 3   LEU A O   1 
ATOM   5    C  CB  . LEU A 1 3   ? 23.338  7.413   10.741  1.00 32.62 ? 3   LEU A CB  1 
ATOM   6    C  CG  . LEU A 1 3   ? 23.842  8.760   11.259  1.00 32.92 ? 3   LEU A CG  1 
ATOM   7    C  CD1 . LEU A 1 3   ? 22.731  9.793   11.122  1.00 27.82 ? 3   LEU A CD1 1 
ATOM   8    C  CD2 . LEU A 1 3   ? 24.298  8.576   12.707  1.00 32.42 ? 3   LEU A CD2 1 
ATOM   9    N  N   . SER A 1 4   ? 23.130  4.221   10.608  1.00 31.94 ? 4   SER A N   1 
ATOM   10   C  CA  . SER A 1 4   ? 22.433  3.004   10.141  1.00 30.49 ? 4   SER A CA  1 
ATOM   11   C  C   . SER A 1 4   ? 20.956  3.140   10.319  1.00 29.42 ? 4   SER A C   1 
ATOM   12   O  O   . SER A 1 4   ? 20.509  3.764   11.309  1.00 28.16 ? 4   SER A O   1 
ATOM   13   C  CB  . SER A 1 4   ? 22.917  1.775   10.870  1.00 30.88 ? 4   SER A CB  1 
ATOM   14   O  OG  . SER A 1 4   ? 23.213  2.088   12.208  1.00 34.62 ? 4   SER A OG  1 
ATOM   15   N  N   . LYS A 1 5   ? 20.217  2.583   9.352   1.00 26.96 ? 5   LYS A N   1 
ATOM   16   C  CA  . LYS A 1 5   ? 18.771  2.627   9.346   1.00 26.94 ? 5   LYS A CA  1 
ATOM   17   C  C   . LYS A 1 5   ? 18.200  1.230   9.187   1.00 26.17 ? 5   LYS A C   1 
ATOM   18   O  O   . LYS A 1 5   ? 18.814  0.370   8.565   1.00 25.16 ? 5   LYS A O   1 
ATOM   19   C  CB  . LYS A 1 5   ? 18.197  3.573   8.264   1.00 26.34 ? 5   LYS A CB  1 
ATOM   20   C  CG  . LYS A 1 5   ? 18.374  3.184   6.834   1.00 29.58 ? 5   LYS A CG  1 
ATOM   21   C  CD  . LYS A 1 5   ? 17.633  4.167   5.941   1.00 28.91 ? 5   LYS A CD  1 
ATOM   22   C  CE  . LYS A 1 5   ? 17.761  3.781   4.478   1.00 35.55 ? 5   LYS A CE  1 
ATOM   23   N  NZ  . LYS A 1 5   ? 18.888  2.817   4.208   1.00 40.01 ? 5   LYS A NZ  1 
ATOM   24   N  N   . ALA A 1 6   ? 17.032  1.031   9.781   1.00 26.44 ? 6   ALA A N   1 
ATOM   25   C  CA  . ALA A 1 6   ? 16.283  -0.204  9.620   1.00 24.98 ? 6   ALA A CA  1 
ATOM   26   C  C   . ALA A 1 6   ? 15.756  -0.328  8.184   1.00 24.88 ? 6   ALA A C   1 
ATOM   27   O  O   . ALA A 1 6   ? 15.635  0.652   7.452   1.00 24.38 ? 6   ALA A O   1 
ATOM   28   C  CB  . ALA A 1 6   ? 15.134  -0.229  10.646  1.00 26.03 ? 6   ALA A CB  1 
ATOM   29   N  N   . THR A 1 7   ? 15.434  -1.554  7.787   1.00 24.27 ? 7   THR A N   1 
ATOM   30   C  CA  . THR A 1 7   ? 14.782  -1.815  6.516   1.00 24.12 ? 7   THR A CA  1 
ATOM   31   C  C   . THR A 1 7   ? 13.477  -2.489  6.852   1.00 22.53 ? 7   THR A C   1 
ATOM   32   O  O   . THR A 1 7   ? 13.470  -3.369  7.716   1.00 22.07 ? 7   THR A O   1 
ATOM   33   C  CB  . THR A 1 7   ? 15.608  -2.775  5.665   1.00 24.15 ? 7   THR A CB  1 
ATOM   34   O  OG1 . THR A 1 7   ? 16.841  -2.131  5.322   1.00 29.59 ? 7   THR A OG1 1 
ATOM   35   C  CG2 . THR A 1 7   ? 14.892  -3.110  4.375   1.00 27.24 ? 7   THR A CG2 1 
ATOM   36   N  N   . LEU A 1 8   ? 12.417  -2.084  6.165   1.00 20.93 ? 8   LEU A N   1 
ATOM   37   C  CA  . LEU A 1 8   ? 11.035  -2.444  6.539   1.00 19.69 ? 8   LEU A CA  1 
ATOM   38   C  C   . LEU A 1 8   ? 10.293  -2.807  5.269   1.00 19.90 ? 8   LEU A C   1 
ATOM   39   O  O   . LEU A 1 8   ? 10.295  -2.027  4.305   1.00 18.94 ? 8   LEU A O   1 
ATOM   40   C  CB  . LEU A 1 8   ? 10.372  -1.234  7.177   1.00 20.40 ? 8   LEU A CB  1 
ATOM   41   C  CG  . LEU A 1 8   ? 8.897   -1.318  7.551   1.00 17.04 ? 8   LEU A CG  1 
ATOM   42   C  CD1 . LEU A 1 8   ? 8.701   -2.439  8.608   1.00 19.78 ? 8   LEU A CD1 1 
ATOM   43   C  CD2 . LEU A 1 8   ? 8.277   -0.004  8.038   1.00 20.11 ? 8   LEU A CD2 1 
ATOM   44   N  N   . TRP A 1 9   ? 9.639   -3.979  5.237   1.00 18.74 ? 9   TRP A N   1 
ATOM   45   C  CA  . TRP A 1 9   ? 8.859   -4.329  4.059   1.00 18.55 ? 9   TRP A CA  1 
ATOM   46   C  C   . TRP A 1 9   ? 7.651   -5.175  4.440   1.00 18.39 ? 9   TRP A C   1 
ATOM   47   O  O   . TRP A 1 9   ? 7.602   -5.685  5.575   1.00 16.83 ? 9   TRP A O   1 
ATOM   48   C  CB  . TRP A 1 9   ? 9.691   -5.094  3.030   1.00 18.79 ? 9   TRP A CB  1 
ATOM   49   C  CG  . TRP A 1 9   ? 10.203  -6.500  3.386   1.00 19.52 ? 9   TRP A CG  1 
ATOM   50   C  CD1 . TRP A 1 9   ? 9.710   -7.724  2.925   1.00 20.27 ? 9   TRP A CD1 1 
ATOM   51   C  CD2 . TRP A 1 9   ? 11.311  -6.816  4.229   1.00 21.38 ? 9   TRP A CD2 1 
ATOM   52   N  NE1 . TRP A 1 9   ? 10.478  -8.755  3.433   1.00 20.08 ? 9   TRP A NE1 1 
ATOM   53   C  CE2 . TRP A 1 9   ? 11.455  -8.226  4.240   1.00 19.38 ? 9   TRP A CE2 1 
ATOM   54   C  CE3 . TRP A 1 9   ? 12.222  -6.042  4.969   1.00 20.16 ? 9   TRP A CE3 1 
ATOM   55   C  CZ2 . TRP A 1 9   ? 12.469  -8.872  4.973   1.00 18.52 ? 9   TRP A CZ2 1 
ATOM   56   C  CZ3 . TRP A 1 9   ? 13.202  -6.682  5.696   1.00 20.10 ? 9   TRP A CZ3 1 
ATOM   57   C  CH2 . TRP A 1 9   ? 13.326  -8.092  5.691   1.00 21.15 ? 9   TRP A CH2 1 
ATOM   58   N  N   . ALA A 1 10  ? 6.733   -5.353  3.498   1.00 17.55 ? 10  ALA A N   1 
ATOM   59   C  CA  . ALA A 1 10  ? 5.602   -6.277  3.753   1.00 18.77 ? 10  ALA A CA  1 
ATOM   60   C  C   . ALA A 1 10  ? 5.598   -7.479  2.814   1.00 19.75 ? 10  ALA A C   1 
ATOM   61   O  O   . ALA A 1 10  ? 6.041   -7.376  1.667   1.00 19.17 ? 10  ALA A O   1 
ATOM   62   C  CB  . ALA A 1 10  ? 4.285   -5.545  3.685   1.00 18.42 ? 10  ALA A CB  1 
ATOM   63   N  N   . GLU A 1 11  ? 5.149   -8.623  3.350   1.00 19.29 ? 11  GLU A N   1 
ATOM   64   C  CA  . GLU A 1 11  ? 4.999   -9.855  2.551   1.00 20.96 ? 11  GLU A CA  1 
ATOM   65   C  C   . GLU A 1 11  ? 3.550   -10.291 2.703   1.00 20.36 ? 11  GLU A C   1 
ATOM   66   O  O   . GLU A 1 11  ? 3.065   -10.360 3.812   1.00 20.79 ? 11  GLU A O   1 
ATOM   67   C  CB  . GLU A 1 11  ? 5.954   -10.960 3.033   1.00 20.47 ? 11  GLU A CB  1 
ATOM   68   C  CG  . GLU A 1 11  ? 7.444   -10.603 2.901   1.00 22.35 ? 11  GLU A CG  1 
ATOM   69   C  CD  . GLU A 1 11  ? 8.379   -11.675 3.402   1.00 23.28 ? 11  GLU A CD  1 
ATOM   70   O  OE1 . GLU A 1 11  ? 9.595   -11.484 3.233   1.00 21.67 ? 11  GLU A OE1 1 
ATOM   71   O  OE2 . GLU A 1 11  ? 7.914   -12.711 3.982   1.00 25.26 ? 11  GLU A OE2 1 
ATOM   72   N  N   . PRO A 1 12  ? 2.855   -10.612 1.589   1.00 21.87 ? 12  PRO A N   1 
ATOM   73   C  CA  . PRO A 1 12  ? 3.359   -10.783 0.223   1.00 21.66 ? 12  PRO A CA  1 
ATOM   74   C  C   . PRO A 1 12  ? 3.552   -9.470  -0.545  1.00 22.09 ? 12  PRO A C   1 
ATOM   75   O  O   . PRO A 1 12  ? 4.237   -9.447  -1.576  1.00 22.09 ? 12  PRO A O   1 
ATOM   76   C  CB  . PRO A 1 12  ? 2.245   -11.620 -0.441  1.00 22.59 ? 12  PRO A CB  1 
ATOM   77   C  CG  . PRO A 1 12  ? 1.034   -11.132 0.226   1.00 23.96 ? 12  PRO A CG  1 
ATOM   78   C  CD  . PRO A 1 12  ? 1.418   -10.928 1.682   1.00 21.79 ? 12  PRO A CD  1 
ATOM   79   N  N   . GLY A 1 13  ? 2.961   -8.386  -0.044  1.00 21.29 ? 13  GLY A N   1 
ATOM   80   C  CA  . GLY A 1 13  ? 3.098   -7.073  -0.666  1.00 21.72 ? 13  GLY A CA  1 
ATOM   81   C  C   . GLY A 1 13  ? 2.441   -6.033  0.223   1.00 22.32 ? 13  GLY A C   1 
ATOM   82   O  O   . GLY A 1 13  ? 1.943   -6.354  1.296   1.00 22.32 ? 13  GLY A O   1 
ATOM   83   N  N   . SER A 1 14  ? 2.422   -4.780  -0.216  1.00 22.75 ? 14  SER A N   1 
ATOM   84   C  CA  . SER A 1 14  ? 1.906   -3.687  0.653   1.00 23.30 ? 14  SER A CA  1 
ATOM   85   C  C   . SER A 1 14  ? 0.437   -3.309  0.369   1.00 23.72 ? 14  SER A C   1 
ATOM   86   O  O   . SER A 1 14  ? -0.118  -2.454  1.030   1.00 24.14 ? 14  SER A O   1 
ATOM   87   C  CB  . SER A 1 14  ? 2.834   -2.469  0.544   1.00 23.70 ? 14  SER A CB  1 
ATOM   88   O  OG  . SER A 1 14  ? 2.839   -2.031  -0.820  1.00 27.34 ? 14  SER A OG  1 
ATOM   89   N  N   . VAL A 1 15  ? -0.201  -3.966  -0.607  1.00 24.50 ? 15  VAL A N   1 
ATOM   90   C  CA  . VAL A 1 15  ? -1.634  -3.766  -0.915  1.00 24.39 ? 15  VAL A CA  1 
ATOM   91   C  C   . VAL A 1 15  ? -2.457  -5.040  -0.606  1.00 24.41 ? 15  VAL A C   1 
ATOM   92   O  O   . VAL A 1 15  ? -2.335  -6.042  -1.321  1.00 24.72 ? 15  VAL A O   1 
ATOM   93   C  CB  . VAL A 1 15  ? -1.880  -3.388  -2.415  1.00 25.00 ? 15  VAL A CB  1 
ATOM   94   C  CG1 . VAL A 1 15  ? -3.367  -3.293  -2.682  1.00 25.42 ? 15  VAL A CG1 1 
ATOM   95   C  CG2 . VAL A 1 15  ? -1.205  -2.074  -2.812  1.00 25.68 ? 15  VAL A CG2 1 
ATOM   96   N  N   . ILE A 1 16  ? -3.285  -5.007  0.439   1.00 24.33 ? 16  ILE A N   1 
ATOM   97   C  CA  . ILE A 1 16  ? -3.848  -6.230  1.024   1.00 24.83 ? 16  ILE A CA  1 
ATOM   98   C  C   . ILE A 1 16  ? -5.375  -6.152  1.125   1.00 25.84 ? 16  ILE A C   1 
ATOM   99   O  O   . ILE A 1 16  ? -5.905  -5.206  1.682   1.00 26.11 ? 16  ILE A O   1 
ATOM   100  C  CB  . ILE A 1 16  ? -3.253  -6.519  2.424   1.00 24.17 ? 16  ILE A CB  1 
ATOM   101  C  CG1 . ILE A 1 16  ? -1.693  -6.619  2.399   1.00 22.28 ? 16  ILE A CG1 1 
ATOM   102  C  CG2 . ILE A 1 16  ? -3.925  -7.764  3.071   1.00 23.69 ? 16  ILE A CG2 1 
ATOM   103  C  CD1 . ILE A 1 16  ? -1.103  -7.859  1.665   1.00 23.34 ? 16  ILE A CD1 1 
ATOM   104  N  N   . SER A 1 17  ? -6.092  -7.154  0.604   1.00 26.86 ? 17  SER A N   1 
ATOM   105  C  CA  . SER A 1 17  ? -7.555  -7.191  0.758   1.00 27.91 ? 17  SER A CA  1 
ATOM   106  C  C   . SER A 1 17  ? -7.957  -7.287  2.209   1.00 28.38 ? 17  SER A C   1 
ATOM   107  O  O   . SER A 1 17  ? -7.347  -8.033  2.993   1.00 28.60 ? 17  SER A O   1 
ATOM   108  C  CB  . SER A 1 17  ? -8.164  -8.412  0.024   1.00 28.99 ? 17  SER A CB  1 
ATOM   109  O  OG  . SER A 1 17  ? -7.607  -8.552  -1.270  1.00 33.44 ? 17  SER A OG  1 
ATOM   110  N  N   . ARG A 1 18  ? -9.013  -6.562  2.579   1.00 28.82 ? 18  ARG A N   1 
ATOM   111  C  CA  . ARG A 1 18  ? -9.516  -6.618  3.945   1.00 29.26 ? 18  ARG A CA  1 
ATOM   112  C  C   . ARG A 1 18  ? -9.799  -8.056  4.382   1.00 28.32 ? 18  ARG A C   1 
ATOM   113  O  O   . ARG A 1 18  ? -10.349 -8.852  3.600   1.00 27.20 ? 18  ARG A O   1 
ATOM   114  C  CB  . ARG A 1 18  ? -10.741 -5.731  4.114   1.00 29.31 ? 18  ARG A CB  1 
ATOM   115  C  CG  . ARG A 1 18  ? -11.963 -6.157  3.265   1.00 31.30 ? 18  ARG A CG  1 
ATOM   116  C  CD  . ARG A 1 18  ? -13.275 -5.456  3.692   1.00 33.41 ? 18  ARG A CD  1 
ATOM   117  N  NE  . ARG A 1 18  ? -13.290 -5.032  5.100   1.00 42.06 ? 18  ARG A NE  1 
ATOM   118  C  CZ  . ARG A 1 18  ? -13.194 -5.821  6.184   1.00 43.17 ? 18  ARG A CZ  1 
ATOM   119  N  NH1 . ARG A 1 18  ? -13.067 -7.145  6.090   1.00 44.71 ? 18  ARG A NH1 1 
ATOM   120  N  NH2 . ARG A 1 18  ? -13.208 -5.262  7.391   1.00 44.86 ? 18  ARG A NH2 1 
ATOM   121  N  N   . GLY A 1 19  ? -9.425  -8.384  5.622   1.00 27.26 ? 19  GLY A N   1 
ATOM   122  C  CA  . GLY A 1 19  ? -9.526  -9.769  6.115   1.00 27.07 ? 19  GLY A CA  1 
ATOM   123  C  C   . GLY A 1 19  ? -8.456  -10.747 5.631   1.00 25.94 ? 19  GLY A C   1 
ATOM   124  O  O   . GLY A 1 19  ? -8.429  -11.876 6.108   1.00 27.15 ? 19  GLY A O   1 
ATOM   125  N  N   . ASN A 1 20  ? -7.588  -10.345 4.694   1.00 25.43 ? 20  ASN A N   1 
ATOM   126  C  CA  . ASN A 1 20  ? -6.433  -11.165 4.302   1.00 24.07 ? 20  ASN A CA  1 
ATOM   127  C  C   . ASN A 1 20  ? -5.228  -10.904 5.235   1.00 23.86 ? 20  ASN A C   1 
ATOM   128  O  O   . ASN A 1 20  ? -5.220  -9.934  5.987   1.00 22.91 ? 20  ASN A O   1 
ATOM   129  C  CB  . ASN A 1 20  ? -6.030  -10.976 2.830   1.00 23.79 ? 20  ASN A CB  1 
ATOM   130  C  CG  . ASN A 1 20  ? -6.868  -11.833 1.853   1.00 28.47 ? 20  ASN A CG  1 
ATOM   131  O  OD1 . ASN A 1 20  ? -7.613  -12.703 2.273   1.00 25.99 ? 20  ASN A OD1 1 
ATOM   132  N  ND2 . ASN A 1 20  ? -6.729  -11.580 0.541   1.00 30.74 ? 20  ASN A ND2 1 
ATOM   133  N  N   . SER A 1 21  ? -4.237  -11.776 5.163   1.00 21.88 ? 21  SER A N   1 
ATOM   134  C  CA  . SER A 1 21  ? -3.056  -11.721 6.030   1.00 22.86 ? 21  SER A CA  1 
ATOM   135  C  C   . SER A 1 21  ? -1.923  -10.954 5.387   1.00 20.53 ? 21  SER A C   1 
ATOM   136  O  O   . SER A 1 21  ? -1.753  -10.946 4.162   1.00 20.96 ? 21  SER A O   1 
ATOM   137  C  CB  . SER A 1 21  ? -2.522  -13.123 6.316   1.00 22.81 ? 21  SER A CB  1 
ATOM   138  O  OG  . SER A 1 21  ? -3.532  -13.944 6.861   1.00 28.34 ? 21  SER A OG  1 
ATOM   139  N  N   . VAL A 1 22  ? -1.082  -10.375 6.240   1.00 19.34 ? 22  VAL A N   1 
ATOM   140  C  CA  . VAL A 1 22  ? 0.132   -9.730  5.771   1.00 18.51 ? 22  VAL A CA  1 
ATOM   141  C  C   . VAL A 1 22  ? 1.154   -9.796  6.907   1.00 18.64 ? 22  VAL A C   1 
ATOM   142  O  O   . VAL A 1 22  ? 0.774   -9.880  8.104   1.00 18.66 ? 22  VAL A O   1 
ATOM   143  C  CB  . VAL A 1 22  ? -0.109  -8.282  5.282   1.00 18.81 ? 22  VAL A CB  1 
ATOM   144  C  CG1 . VAL A 1 22  ? -0.647  -7.389  6.406   1.00 17.78 ? 22  VAL A CG1 1 
ATOM   145  C  CG2 . VAL A 1 22  ? 1.205   -7.696  4.676   1.00 17.62 ? 22  VAL A CG2 1 
ATOM   146  N  N   . THR A 1 23  ? 2.429   -9.804  6.536   1.00 18.58 ? 23  THR A N   1 
ATOM   147  C  CA  . THR A 1 23  ? 3.525   -9.883  7.493   1.00 18.40 ? 23  THR A CA  1 
ATOM   148  C  C   . THR A 1 23  ? 4.434   -8.684  7.245   1.00 18.54 ? 23  THR A C   1 
ATOM   149  O  O   . THR A 1 23  ? 4.898   -8.483  6.139   1.00 18.11 ? 23  THR A O   1 
ATOM   150  C  CB  . THR A 1 23  ? 4.293   -11.192 7.338   1.00 19.47 ? 23  THR A CB  1 
ATOM   151  O  OG1 . THR A 1 23  ? 3.382   -12.305 7.580   1.00 20.82 ? 23  THR A OG1 1 
ATOM   152  C  CG2 . THR A 1 23  ? 5.416   -11.266 8.387   1.00 18.65 ? 23  THR A CG2 1 
ATOM   153  N  N   . ILE A 1 24  ? 4.655   -7.892  8.289   1.00 17.48 ? 24  ILE A N   1 
ATOM   154  C  CA  . ILE A 1 24  ? 5.579   -6.754  8.195   1.00 17.51 ? 24  ILE A CA  1 
ATOM   155  C  C   . ILE A 1 24  ? 6.887   -7.217  8.768   1.00 15.06 ? 24  ILE A C   1 
ATOM   156  O  O   . ILE A 1 24  ? 6.927   -7.759  9.886   1.00 16.90 ? 24  ILE A O   1 
ATOM   157  C  CB  . ILE A 1 24  ? 5.062   -5.557  8.994   1.00 17.36 ? 24  ILE A CB  1 
ATOM   158  C  CG1 . ILE A 1 24  ? 3.749   -5.034  8.398   1.00 22.10 ? 24  ILE A CG1 1 
ATOM   159  C  CG2 . ILE A 1 24  ? 6.144   -4.468  9.026   1.00 18.44 ? 24  ILE A CG2 1 
ATOM   160  C  CD1 . ILE A 1 24  ? 3.100   -3.914  9.230   1.00 20.05 ? 24  ILE A CD1 1 
ATOM   161  N  N   . ARG A 1 25  ? 7.974   -7.069  8.017   1.00 16.01 ? 25  ARG A N   1 
ATOM   162  C  CA  . ARG A 1 25  ? 9.249   -7.475  8.542   1.00 16.25 ? 25  ARG A CA  1 
ATOM   163  C  C   . ARG A 1 25  ? 10.186  -6.265  8.609   1.00 17.82 ? 25  ARG A C   1 
ATOM   164  O  O   . ARG A 1 25  ? 10.164  -5.396  7.730   1.00 16.98 ? 25  ARG A O   1 
ATOM   165  C  CB  . ARG A 1 25  ? 9.906   -8.522  7.674   1.00 17.75 ? 25  ARG A CB  1 
ATOM   166  C  CG  . ARG A 1 25  ? 9.032   -9.827  7.571   1.00 18.61 ? 25  ARG A CG  1 
ATOM   167  C  CD  . ARG A 1 25  ? 9.677   -10.846 6.668   1.00 21.70 ? 25  ARG A CD  1 
ATOM   168  N  NE  . ARG A 1 25  ? 10.847  -11.486 7.248   1.00 26.91 ? 25  ARG A NE  1 
ATOM   169  C  CZ  . ARG A 1 25  ? 11.626  -12.362 6.599   1.00 27.22 ? 25  ARG A CZ  1 
ATOM   170  N  NH1 . ARG A 1 25  ? 11.358  -12.695 5.342   1.00 26.94 ? 25  ARG A NH1 1 
ATOM   171  N  NH2 . ARG A 1 25  ? 12.667  -12.907 7.207   1.00 28.59 ? 25  ARG A NH2 1 
ATOM   172  N  N   . CYS A 1 26  ? 11.010  -6.281  9.636   1.00 18.56 ? 26  CYS A N   1 
ATOM   173  C  CA  . CYS A 1 26  ? 12.029  -5.250  9.817   1.00 19.99 ? 26  CYS A CA  1 
ATOM   174  C  C   . CYS A 1 26  ? 13.393  -5.917  9.966   1.00 21.29 ? 26  CYS A C   1 
ATOM   175  O  O   . CYS A 1 26  ? 13.567  -6.948  10.688  1.00 21.81 ? 26  CYS A O   1 
ATOM   176  C  CB  . CYS A 1 26  ? 11.692  -4.386  11.027  1.00 20.48 ? 26  CYS A CB  1 
ATOM   177  S  SG  . CYS A 1 26  ? 12.932  -3.019  11.213  1.00 22.49 ? 26  CYS A SG  1 
ATOM   178  N  N   . GLN A 1 27  ? 14.390  -5.347  9.303   1.00 21.95 ? 27  GLN A N   1 
ATOM   179  C  CA  . GLN A 1 27  ? 15.738  -5.862  9.412   1.00 23.14 ? 27  GLN A CA  1 
ATOM   180  C  C   . GLN A 1 27  ? 16.679  -4.795  10.007  1.00 22.78 ? 27  GLN A C   1 
ATOM   181  O  O   . GLN A 1 27  ? 16.705  -3.665  9.523   1.00 22.32 ? 27  GLN A O   1 
ATOM   182  C  CB  . GLN A 1 27  ? 16.203  -6.353  8.043   1.00 23.55 ? 27  GLN A CB  1 
ATOM   183  C  CG  . GLN A 1 27  ? 17.624  -6.952  8.034   1.00 25.18 ? 27  GLN A CG  1 
ATOM   184  C  CD  . GLN A 1 27  ? 17.947  -7.793  6.799   1.00 28.27 ? 27  GLN A CD  1 
ATOM   185  O  OE1 . GLN A 1 27  ? 19.031  -8.391  6.724   1.00 34.77 ? 27  GLN A OE1 1 
ATOM   186  N  NE2 . GLN A 1 27  ? 17.023  -7.856  5.840   1.00 32.37 ? 27  GLN A NE2 1 
ATOM   187  N  N   . GLY A 1 28  ? 17.344  -5.152  11.096  1.00 21.78 ? 28  GLY A N   1 
ATOM   188  C  CA  . GLY A 1 28  ? 18.407  -4.320  11.723  1.00 23.76 ? 28  GLY A CA  1 
ATOM   189  C  C   . GLY A 1 28  ? 19.750  -5.032  11.655  1.00 24.93 ? 28  GLY A C   1 
ATOM   190  O  O   . GLY A 1 28  ? 20.172  -5.488  10.598  1.00 24.71 ? 28  GLY A O   1 
ATOM   191  N  N   . THR A 1 29  ? 20.419  -5.132  12.794  1.00 26.45 ? 29  THR A N   1 
ATOM   192  C  CA  . THR A 1 29  ? 21.725  -5.761  12.866  1.00 27.50 ? 29  THR A CA  1 
ATOM   193  C  C   . THR A 1 29  ? 21.704  -6.811  13.945  1.00 28.33 ? 29  THR A C   1 
ATOM   194  O  O   . THR A 1 29  ? 20.734  -6.926  14.698  1.00 27.96 ? 29  THR A O   1 
ATOM   195  C  CB  . THR A 1 29  ? 22.811  -4.745  13.213  1.00 26.64 ? 29  THR A CB  1 
ATOM   196  O  OG1 . THR A 1 29  ? 22.551  -4.220  14.523  1.00 29.04 ? 29  THR A OG1 1 
ATOM   197  C  CG2 . THR A 1 29  ? 22.838  -3.624  12.166  1.00 28.63 ? 29  THR A CG2 1 
ATOM   198  N  N   . LEU A 1 30  ? 22.790  -7.579  14.028  1.00 29.04 ? 30  LEU A N   1 
ATOM   199  C  CA  . LEU A 1 30  ? 22.929  -8.581  15.068  1.00 30.08 ? 30  LEU A CA  1 
ATOM   200  C  C   . LEU A 1 30  ? 23.066  -7.982  16.456  1.00 29.59 ? 30  LEU A C   1 
ATOM   201  O  O   . LEU A 1 30  ? 22.872  -8.692  17.429  1.00 30.11 ? 30  LEU A O   1 
ATOM   202  C  CB  . LEU A 1 30  ? 24.118  -9.501  14.762  1.00 30.96 ? 30  LEU A CB  1 
ATOM   203  C  CG  . LEU A 1 30  ? 23.878  -10.939 14.299  1.00 34.34 ? 30  LEU A CG  1 
ATOM   204  C  CD1 . LEU A 1 30  ? 22.606  -11.108 13.494  1.00 37.49 ? 30  LEU A CD1 1 
ATOM   205  C  CD2 . LEU A 1 30  ? 25.065  -11.418 13.500  1.00 36.67 ? 30  LEU A CD2 1 
ATOM   206  N  N   . GLU A 1 31  ? 23.392  -6.683  16.545  1.00 28.98 ? 31  GLU A N   1 
ATOM   207  C  CA  . GLU A 1 31  ? 23.476  -5.990  17.836  1.00 28.96 ? 31  GLU A CA  1 
ATOM   208  C  C   . GLU A 1 31  ? 22.137  -5.429  18.330  1.00 27.53 ? 31  GLU A C   1 
ATOM   209  O  O   . GLU A 1 31  ? 22.055  -4.992  19.468  1.00 25.92 ? 31  GLU A O   1 
ATOM   210  C  CB  . GLU A 1 31  ? 24.527  -4.843  17.815  1.00 30.27 ? 31  GLU A CB  1 
ATOM   211  C  CG  . GLU A 1 31  ? 25.967  -5.286  17.575  1.00 34.47 ? 31  GLU A CG  1 
ATOM   212  C  CD  . GLU A 1 31  ? 26.154  -5.827  16.185  1.00 39.10 ? 31  GLU A CD  1 
ATOM   213  O  OE1 . GLU A 1 31  ? 26.428  -7.036  16.057  1.00 43.80 ? 31  GLU A OE1 1 
ATOM   214  O  OE2 . GLU A 1 31  ? 25.990  -5.052  15.216  1.00 42.09 ? 31  GLU A OE2 1 
ATOM   215  N  N   . ALA A 1 32  ? 21.094  -5.466  17.486  1.00 26.14 ? 32  ALA A N   1 
ATOM   216  C  CA  . ALA A 1 32  ? 19.775  -4.932  17.857  1.00 25.60 ? 32  ALA A CA  1 
ATOM   217  C  C   . ALA A 1 32  ? 19.164  -5.652  19.071  1.00 25.49 ? 32  ALA A C   1 
ATOM   218  O  O   . ALA A 1 32  ? 19.181  -6.905  19.136  1.00 27.34 ? 32  ALA A O   1 
ATOM   219  C  CB  . ALA A 1 32  ? 18.816  -4.956  16.648  1.00 25.27 ? 32  ALA A CB  1 
ATOM   220  N  N   . GLN A 1 33  ? 18.630  -4.867  20.012  1.00 23.34 ? 33  GLN A N   1 
ATOM   221  C  CA  . GLN A 1 33  ? 18.039  -5.355  21.265  1.00 23.79 ? 33  GLN A CA  1 
ATOM   222  C  C   . GLN A 1 33  ? 16.506  -5.273  21.271  1.00 22.90 ? 33  GLN A C   1 
ATOM   223  O  O   . GLN A 1 33  ? 15.820  -6.028  21.973  1.00 23.27 ? 33  GLN A O   1 
ATOM   224  C  CB  . GLN A 1 33  ? 18.581  -4.557  22.456  1.00 24.72 ? 33  GLN A CB  1 
ATOM   225  C  CG  . GLN A 1 33  ? 20.096  -4.709  22.662  1.00 29.48 ? 33  GLN A CG  1 
ATOM   226  C  CD  . GLN A 1 33  ? 20.645  -3.644  23.604  1.00 35.79 ? 33  GLN A CD  1 
ATOM   227  O  OE1 . GLN A 1 33  ? 21.096  -2.593  23.169  1.00 40.36 ? 33  GLN A OE1 1 
ATOM   228  N  NE2 . GLN A 1 33  ? 20.570  -3.899  24.898  1.00 41.10 ? 33  GLN A NE2 1 
ATOM   229  N  N   . GLU A 1 34  ? 15.969  -4.331  20.499  1.00 20.46 ? 34  GLU A N   1 
ATOM   230  C  CA  . GLU A 1 34  ? 14.570  -4.049  20.482  1.00 19.32 ? 34  GLU A CA  1 
ATOM   231  C  C   . GLU A 1 34  ? 14.251  -3.499  19.113  1.00 18.67 ? 34  GLU A C   1 
ATOM   232  O  O   . GLU A 1 34  ? 15.094  -2.830  18.507  1.00 17.83 ? 34  GLU A O   1 
ATOM   233  C  CB  . GLU A 1 34  ? 14.235  -3.003  21.560  1.00 20.90 ? 34  GLU A CB  1 
ATOM   234  C  CG  . GLU A 1 34  ? 12.773  -2.637  21.603  1.00 23.90 ? 34  GLU A CG  1 
ATOM   235  C  CD  . GLU A 1 34  ? 12.448  -1.890  22.872  1.00 27.67 ? 34  GLU A CD  1 
ATOM   236  O  OE1 . GLU A 1 34  ? 11.850  -0.817  22.757  1.00 30.28 ? 34  GLU A OE1 1 
ATOM   237  O  OE2 . GLU A 1 34  ? 12.819  -2.366  23.971  1.00 29.49 ? 34  GLU A OE2 1 
ATOM   238  N  N   . TYR A 1 35  ? 13.061  -3.826  18.614  1.00 15.74 ? 35  TYR A N   1 
ATOM   239  C  CA  . TYR A 1 35  ? 12.486  -3.256  17.392  1.00 14.87 ? 35  TYR A CA  1 
ATOM   240  C  C   . TYR A 1 35  ? 11.159  -2.601  17.702  1.00 15.72 ? 35  TYR A C   1 
ATOM   241  O  O   . TYR A 1 35  ? 10.373  -3.118  18.526  1.00 15.46 ? 35  TYR A O   1 
ATOM   242  C  CB  . TYR A 1 35  ? 12.258  -4.357  16.324  1.00 16.24 ? 35  TYR A CB  1 
ATOM   243  C  CG  . TYR A 1 35  ? 13.521  -4.910  15.764  1.00 14.69 ? 35  TYR A CG  1 
ATOM   244  C  CD1 . TYR A 1 35  ? 14.262  -5.880  16.456  1.00 16.49 ? 35  TYR A CD1 1 
ATOM   245  C  CD2 . TYR A 1 35  ? 13.982  -4.465  14.526  1.00 13.71 ? 35  TYR A CD2 1 
ATOM   246  C  CE1 . TYR A 1 35  ? 15.464  -6.340  15.951  1.00 15.71 ? 35  TYR A CE1 1 
ATOM   247  C  CE2 . TYR A 1 35  ? 15.166  -4.954  14.002  1.00 13.44 ? 35  TYR A CE2 1 
ATOM   248  C  CZ  . TYR A 1 35  ? 15.873  -5.887  14.702  1.00 13.69 ? 35  TYR A CZ  1 
ATOM   249  O  OH  . TYR A 1 35  ? 17.029  -6.338  14.128  1.00 18.39 ? 35  TYR A OH  1 
ATOM   250  N  N   . ARG A 1 36  ? 10.919  -1.439  17.075  1.00 15.21 ? 36  ARG A N   1 
ATOM   251  C  CA  . ARG A 1 36  ? 9.724   -0.683  17.289  1.00 16.62 ? 36  ARG A CA  1 
ATOM   252  C  C   . ARG A 1 36  ? 9.090   -0.241  15.963  1.00 17.14 ? 36  ARG A C   1 
ATOM   253  O  O   . ARG A 1 36  ? 9.787   0.249   15.063  1.00 16.54 ? 36  ARG A O   1 
ATOM   254  C  CB  . ARG A 1 36  ? 10.065  0.550   18.152  1.00 17.06 ? 36  ARG A CB  1 
ATOM   255  C  CG  . ARG A 1 36  ? 8.923   1.546   18.205  1.00 18.08 ? 36  ARG A CG  1 
ATOM   256  C  CD  . ARG A 1 36  ? 9.348   2.835   18.929  1.00 19.17 ? 36  ARG A CD  1 
ATOM   257  N  NE  . ARG A 1 36  ? 9.469   2.594   20.353  1.00 16.58 ? 36  ARG A NE  1 
ATOM   258  C  CZ  . ARG A 1 36  ? 9.632   3.584   21.210  1.00 21.56 ? 36  ARG A CZ  1 
ATOM   259  N  NH1 . ARG A 1 36  ? 9.680   4.843   20.715  1.00 20.77 ? 36  ARG A NH1 1 
ATOM   260  N  NH2 . ARG A 1 36  ? 9.719   3.343   22.524  1.00 18.21 ? 36  ARG A NH2 1 
ATOM   261  N  N   . LEU A 1 37  ? 7.784   -0.446  15.820  1.00 17.11 ? 37  LEU A N   1 
ATOM   262  C  CA  . LEU A 1 37  ? 7.023   0.093   14.698  1.00 17.71 ? 37  LEU A CA  1 
ATOM   263  C  C   . LEU A 1 37  ? 6.298   1.299   15.185  1.00 18.22 ? 37  LEU A C   1 
ATOM   264  O  O   . LEU A 1 37  ? 5.665   1.279   16.234  1.00 17.11 ? 37  LEU A O   1 
ATOM   265  C  CB  . LEU A 1 37  ? 5.954   -0.892  14.173  1.00 18.84 ? 37  LEU A CB  1 
ATOM   266  C  CG  . LEU A 1 37  ? 6.382   -2.068  13.390  1.00 17.95 ? 37  LEU A CG  1 
ATOM   267  C  CD1 . LEU A 1 37  ? 5.061   -2.795  12.888  1.00 21.50 ? 37  LEU A CD1 1 
ATOM   268  C  CD2 . LEU A 1 37  ? 7.321   -1.687  12.204  1.00 21.40 ? 37  LEU A CD2 1 
ATOM   269  N  N   . VAL A 1 38  ? 6.354   2.359   14.386  1.00 18.82 ? 38  VAL A N   1 
ATOM   270  C  CA  . VAL A 1 38  ? 5.632   3.551   14.676  1.00 18.89 ? 38  VAL A CA  1 
ATOM   271  C  C   . VAL A 1 38  ? 4.748   3.845   13.475  1.00 18.65 ? 38  VAL A C   1 
ATOM   272  O  O   . VAL A 1 38  ? 5.181   3.691   12.347  1.00 20.00 ? 38  VAL A O   1 
ATOM   273  C  CB  . VAL A 1 38  ? 6.650   4.703   14.893  1.00 19.01 ? 38  VAL A CB  1 
ATOM   274  C  CG1 . VAL A 1 38  ? 5.949   6.027   15.047  1.00 22.30 ? 38  VAL A CG1 1 
ATOM   275  C  CG2 . VAL A 1 38  ? 7.565   4.391   16.116  1.00 17.36 ? 38  VAL A CG2 1 
ATOM   276  N  N   . LYS A 1 39  ? 3.516   4.211   13.722  1.00 18.54 ? 39  LYS A N   1 
ATOM   277  C  CA  . LYS A 1 39  ? 2.541   4.404   12.650  1.00 20.22 ? 39  LYS A CA  1 
ATOM   278  C  C   . LYS A 1 39  ? 2.158   5.876   12.586  1.00 20.24 ? 39  LYS A C   1 
ATOM   279  O  O   . LYS A 1 39  ? 1.774   6.448   13.592  1.00 20.05 ? 39  LYS A O   1 
ATOM   280  C  CB  . LYS A 1 39  ? 1.301   3.549   12.910  1.00 20.29 ? 39  LYS A CB  1 
ATOM   281  C  CG  . LYS A 1 39  ? 0.260   3.594   11.807  1.00 21.83 ? 39  LYS A CG  1 
ATOM   282  C  CD  . LYS A 1 39  ? -0.858  2.599   12.068  1.00 23.64 ? 39  LYS A CD  1 
ATOM   283  C  CE  . LYS A 1 39  ? -1.780  2.444   10.841  1.00 21.00 ? 39  LYS A CE  1 
ATOM   284  N  NZ  . LYS A 1 39  ? -2.699  3.614   10.673  1.00 26.12 ? 39  LYS A NZ  1 
ATOM   285  N  N   . GLU A 1 40  ? 2.199   6.472   11.397  1.00 21.26 ? 40  GLU A N   1 
ATOM   286  C  CA  . GLU A 1 40  ? 1.784   7.872   11.247  1.00 23.10 ? 40  GLU A CA  1 
ATOM   287  C  C   . GLU A 1 40  ? 0.398   8.128   11.817  1.00 23.50 ? 40  GLU A C   1 
ATOM   288  O  O   . GLU A 1 40  ? -0.554  7.384   11.550  1.00 24.96 ? 40  GLU A O   1 
ATOM   289  C  CB  . GLU A 1 40  ? 1.889   8.334   9.771   1.00 22.55 ? 40  GLU A CB  1 
ATOM   290  C  CG  . GLU A 1 40  ? 3.331   8.400   9.325   1.00 24.71 ? 40  GLU A CG  1 
ATOM   291  C  CD  . GLU A 1 40  ? 3.524   9.081   7.979   1.00 26.08 ? 40  GLU A CD  1 
ATOM   292  O  OE1 . GLU A 1 40  ? 2.556   9.653   7.454   1.00 28.97 ? 40  GLU A OE1 1 
ATOM   293  O  OE2 . GLU A 1 40  ? 4.640   9.022   7.451   1.00 27.31 ? 40  GLU A OE2 1 
ATOM   294  N  N   . GLY A 1 41  ? 0.293   9.140   12.681  1.00 24.37 ? 41  GLY A N   1 
ATOM   295  C  CA  . GLY A 1 41  ? -0.987  9.513   13.272  1.00 23.56 ? 41  GLY A CA  1 
ATOM   296  C  C   . GLY A 1 41  ? -1.213  8.830   14.612  1.00 24.95 ? 41  GLY A C   1 
ATOM   297  O  O   . GLY A 1 41  ? -2.182  9.131   15.319  1.00 25.18 ? 41  GLY A O   1 
ATOM   298  N  N   . SER A 1 42  ? -0.318  7.913   14.985  1.00 23.97 ? 42  SER A N   1 
ATOM   299  C  CA  . SER A 1 42  ? -0.401  7.232   16.273  1.00 23.40 ? 42  SER A CA  1 
ATOM   300  C  C   . SER A 1 42  ? 0.773   7.691   17.124  1.00 21.96 ? 42  SER A C   1 
ATOM   301  O  O   . SER A 1 42  ? 1.913   7.349   16.840  1.00 22.09 ? 42  SER A O   1 
ATOM   302  C  CB  . SER A 1 42  ? -0.323  5.688   16.099  1.00 22.69 ? 42  SER A CB  1 
ATOM   303  O  OG  . SER A 1 42  ? -1.523  5.205   15.519  1.00 25.13 ? 42  SER A OG  1 
ATOM   304  N  N   . PRO A 1 43  ? 0.492   8.468   18.179  1.00 22.33 ? 43  PRO A N   1 
ATOM   305  C  CA  . PRO A 1 43  ? 1.596   9.051   18.956  1.00 22.51 ? 43  PRO A CA  1 
ATOM   306  C  C   . PRO A 1 43  ? 2.456   8.018   19.689  1.00 21.89 ? 43  PRO A C   1 
ATOM   307  O  O   . PRO A 1 43  ? 3.694   8.192   19.817  1.00 23.41 ? 43  PRO A O   1 
ATOM   308  C  CB  . PRO A 1 43  ? 0.892   9.964   19.965  1.00 23.11 ? 43  PRO A CB  1 
ATOM   309  C  CG  . PRO A 1 43  ? -0.497  10.091  19.538  1.00 25.13 ? 43  PRO A CG  1 
ATOM   310  C  CD  . PRO A 1 43  ? -0.827  8.866   18.684  1.00 22.76 ? 43  PRO A CD  1 
ATOM   311  N  N   . GLU A 1 44  ? 1.820   6.939   20.169  1.00 20.01 ? 44  GLU A N   1 
ATOM   312  C  CA  . GLU A 1 44  ? 2.553   5.966   20.914  1.00 19.25 ? 44  GLU A CA  1 
ATOM   313  C  C   . GLU A 1 44  ? 2.979   4.828   19.961  1.00 18.75 ? 44  GLU A C   1 
ATOM   314  O  O   . GLU A 1 44  ? 2.339   4.626   18.926  1.00 19.36 ? 44  GLU A O   1 
ATOM   315  C  CB  . GLU A 1 44  ? 1.714   5.475   22.110  1.00 19.24 ? 44  GLU A CB  1 
ATOM   316  C  CG  . GLU A 1 44  ? 1.220   6.611   23.003  1.00 21.95 ? 44  GLU A CG  1 
ATOM   317  C  CD  . GLU A 1 44  ? 0.596   6.169   24.324  1.00 22.64 ? 44  GLU A CD  1 
ATOM   318  O  OE1 . GLU A 1 44  ? -0.258  6.910   24.842  1.00 27.72 ? 44  GLU A OE1 1 
ATOM   319  O  OE2 . GLU A 1 44  ? 1.003   5.148   24.889  1.00 26.56 ? 44  GLU A OE2 1 
ATOM   320  N  N   . PRO A 1 45  ? 4.065   4.100   20.284  1.00 18.40 ? 45  PRO A N   1 
ATOM   321  C  CA  . PRO A 1 45  ? 4.514   3.037   19.379  1.00 18.89 ? 45  PRO A CA  1 
ATOM   322  C  C   . PRO A 1 45  ? 3.370   2.057   19.008  1.00 18.04 ? 45  PRO A C   1 
ATOM   323  O  O   . PRO A 1 45  ? 2.583   1.660   19.851  1.00 17.50 ? 45  PRO A O   1 
ATOM   324  C  CB  . PRO A 1 45  ? 5.575   2.330   20.203  1.00 19.24 ? 45  PRO A CB  1 
ATOM   325  C  CG  . PRO A 1 45  ? 6.139   3.513   21.067  1.00 17.82 ? 45  PRO A CG  1 
ATOM   326  C  CD  . PRO A 1 45  ? 4.938   4.211   21.476  1.00 19.02 ? 45  PRO A CD  1 
ATOM   327  N  N   . TRP A 1 46  ? 3.289   1.754   17.730  1.00 18.44 ? 46  TRP A N   1 
ATOM   328  C  CA  . TRP A 1 46  ? 2.324   0.767   17.198  1.00 18.41 ? 46  TRP A CA  1 
ATOM   329  C  C   . TRP A 1 46  ? 2.588   -0.646  17.698  1.00 17.17 ? 46  TRP A C   1 
ATOM   330  O  O   . TRP A 1 46  ? 1.644   -1.384  18.029  1.00 17.73 ? 46  TRP A O   1 
ATOM   331  C  CB  . TRP A 1 46  ? 2.438   0.770   15.693  1.00 18.67 ? 46  TRP A CB  1 
ATOM   332  C  CG  . TRP A 1 46  ? 1.411   -0.099  15.075  1.00 20.46 ? 46  TRP A CG  1 
ATOM   333  C  CD1 . TRP A 1 46  ? 1.575   -1.375  14.571  1.00 21.20 ? 46  TRP A CD1 1 
ATOM   334  C  CD2 . TRP A 1 46  ? 0.039   0.221   14.951  1.00 19.71 ? 46  TRP A CD2 1 
ATOM   335  N  NE1 . TRP A 1 46  ? 0.358   -1.844  14.107  1.00 20.24 ? 46  TRP A NE1 1 
ATOM   336  C  CE2 . TRP A 1 46  ? -0.597  -0.883  14.328  1.00 22.58 ? 46  TRP A CE2 1 
ATOM   337  C  CE3 . TRP A 1 46  ? -0.727  1.341   15.293  1.00 21.62 ? 46  TRP A CE3 1 
ATOM   338  C  CZ2 . TRP A 1 46  ? -1.958  -0.879  14.022  1.00 21.22 ? 46  TRP A CZ2 1 
ATOM   339  C  CZ3 . TRP A 1 46  ? -2.089  1.328   15.023  1.00 23.34 ? 46  TRP A CZ3 1 
ATOM   340  C  CH2 . TRP A 1 46  ? -2.688  0.218   14.384  1.00 22.45 ? 46  TRP A CH2 1 
ATOM   341  N  N   . ASP A 1 47  ? 3.857   -1.046  17.721  1.00 16.94 ? 47  ASP A N   1 
ATOM   342  C  CA  . ASP A 1 47  ? 4.236   -2.363  18.249  1.00 17.37 ? 47  ASP A CA  1 
ATOM   343  C  C   . ASP A 1 47  ? 5.714   -2.360  18.644  1.00 18.46 ? 47  ASP A C   1 
ATOM   344  O  O   . ASP A 1 47  ? 6.504   -1.531  18.144  1.00 17.98 ? 47  ASP A O   1 
ATOM   345  C  CB  . ASP A 1 47  ? 3.978   -3.418  17.144  1.00 16.20 ? 47  ASP A CB  1 
ATOM   346  C  CG  . ASP A 1 47  ? 3.602   -4.806  17.713  1.00 18.32 ? 47  ASP A CG  1 
ATOM   347  O  OD1 . ASP A 1 47  ? 3.048   -5.585  16.916  1.00 18.67 ? 47  ASP A OD1 1 
ATOM   348  O  OD2 . ASP A 1 47  ? 3.888   -5.117  18.883  1.00 14.75 ? 47  ASP A OD2 1 
ATOM   349  N  N   . THR A 1 48  ? 6.111   -3.317  19.483  1.00 17.29 ? 48  THR A N   1 
ATOM   350  C  CA  . THR A 1 48  ? 7.478   -3.482  19.945  1.00 19.31 ? 48  THR A CA  1 
ATOM   351  C  C   . THR A 1 48  ? 7.814   -4.962  20.062  1.00 19.91 ? 48  THR A C   1 
ATOM   352  O  O   . THR A 1 48  ? 6.936   -5.772  20.451  1.00 17.86 ? 48  THR A O   1 
ATOM   353  C  CB  . THR A 1 48  ? 7.638   -2.882  21.380  1.00 20.06 ? 48  THR A CB  1 
ATOM   354  O  OG1 . THR A 1 48  ? 7.179   -1.530  21.387  1.00 21.87 ? 48  THR A OG1 1 
ATOM   355  C  CG2 . THR A 1 48  ? 9.131   -2.882  21.835  1.00 22.82 ? 48  THR A CG2 1 
ATOM   356  N  N   . GLN A 1 49  ? 9.062   -5.307  19.752  1.00 18.88 ? 49  GLN A N   1 
ATOM   357  C  CA  . GLN A 1 49  ? 9.564   -6.672  19.892  1.00 21.34 ? 49  GLN A CA  1 
ATOM   358  C  C   . GLN A 1 49  ? 10.990  -6.681  20.386  1.00 23.71 ? 49  GLN A C   1 
ATOM   359  O  O   . GLN A 1 49  ? 11.835  -5.871  19.934  1.00 23.06 ? 49  GLN A O   1 
ATOM   360  C  CB  . GLN A 1 49  ? 9.531   -7.358  18.532  1.00 20.52 ? 49  GLN A CB  1 
ATOM   361  C  CG  . GLN A 1 49  ? 9.280   -8.843  18.563  1.00 22.02 ? 49  GLN A CG  1 
ATOM   362  C  CD  . GLN A 1 49  ? 8.870   -9.325  17.185  1.00 16.18 ? 49  GLN A CD  1 
ATOM   363  O  OE1 . GLN A 1 49  ? 9.701   -9.784  16.413  1.00 20.00 ? 49  GLN A OE1 1 
ATOM   364  N  NE2 . GLN A 1 49  ? 7.587   -9.173  16.865  1.00 18.74 ? 49  GLN A NE2 1 
ATOM   365  N  N   . ASN A 1 50  ? 11.267  -7.602  21.306  1.00 25.42 ? 50  ASN A N   1 
ATOM   366  C  CA  . ASN A 1 50  ? 12.622  -7.815  21.796  1.00 28.34 ? 50  ASN A CA  1 
ATOM   367  C  C   . ASN A 1 50  ? 13.033  -9.233  21.313  1.00 30.17 ? 50  ASN A C   1 
ATOM   368  O  O   . ASN A 1 50  ? 12.780  -10.210 22.010  1.00 30.07 ? 50  ASN A O   1 
ATOM   369  C  CB  . ASN A 1 50  ? 12.600  -7.668  23.326  1.00 27.64 ? 50  ASN A CB  1 
ATOM   370  C  CG  . ASN A 1 50  ? 12.312  -6.219  23.789  1.00 30.14 ? 50  ASN A CG  1 
ATOM   371  O  OD1 . ASN A 1 50  ? 13.204  -5.369  23.759  1.00 29.74 ? 50  ASN A OD1 1 
ATOM   372  N  ND2 . ASN A 1 50  ? 11.088  -5.942  24.228  1.00 28.90 ? 50  ASN A ND2 1 
ATOM   373  N  N   . PRO A 1 51  ? 13.585  -9.364  20.090  1.00 32.97 ? 51  PRO A N   1 
ATOM   374  C  CA  . PRO A 1 51  ? 13.602  -10.724 19.506  1.00 34.83 ? 51  PRO A CA  1 
ATOM   375  C  C   . PRO A 1 51  ? 14.793  -11.535 19.992  1.00 36.73 ? 51  PRO A C   1 
ATOM   376  O  O   . PRO A 1 51  ? 15.752  -10.949 20.474  1.00 36.71 ? 51  PRO A O   1 
ATOM   377  C  CB  . PRO A 1 51  ? 13.672  -10.474 17.989  1.00 35.37 ? 51  PRO A CB  1 
ATOM   378  C  CG  . PRO A 1 51  ? 14.186  -9.045  17.835  1.00 33.68 ? 51  PRO A CG  1 
ATOM   379  C  CD  . PRO A 1 51  ? 14.249  -8.390  19.201  1.00 33.66 ? 51  PRO A CD  1 
ATOM   380  N  N   . LEU A 1 52  ? 14.714  -12.870 19.908  1.00 38.20 ? 52  LEU A N   1 
ATOM   381  C  CA  . LEU A 1 52  ? 15.792  -13.738 20.369  1.00 39.92 ? 52  LEU A CA  1 
ATOM   382  C  C   . LEU A 1 52  ? 16.781  -14.068 19.255  1.00 41.11 ? 52  LEU A C   1 
ATOM   383  O  O   . LEU A 1 52  ? 16.775  -13.430 18.200  1.00 41.71 ? 52  LEU A O   1 
ATOM   384  C  CB  . LEU A 1 52  ? 15.209  -15.046 20.918  1.00 39.87 ? 52  LEU A CB  1 
ATOM   385  C  CG  . LEU A 1 52  ? 14.560  -15.075 22.310  1.00 40.50 ? 52  LEU A CG  1 
ATOM   386  C  CD1 . LEU A 1 52  ? 14.151  -16.522 22.659  1.00 39.43 ? 52  LEU A CD1 1 
ATOM   387  C  CD2 . LEU A 1 52  ? 15.482  -14.476 23.401  1.00 42.07 ? 52  LEU A CD2 1 
ATOM   388  N  N   . GLU A 1 53  ? 17.619  -15.074 19.522  1.00 42.65 ? 53  GLU A N   1 
ATOM   389  C  CA  . GLU A 1 53  ? 18.349  -15.884 18.516  1.00 43.51 ? 53  GLU A CA  1 
ATOM   390  C  C   . GLU A 1 53  ? 19.087  -14.989 17.539  1.00 42.30 ? 53  GLU A C   1 
ATOM   391  O  O   . GLU A 1 53  ? 19.909  -14.194 18.006  1.00 43.67 ? 53  GLU A O   1 
ATOM   392  C  CB  . GLU A 1 53  ? 17.437  -16.922 17.853  1.00 44.13 ? 53  GLU A CB  1 
ATOM   393  C  CG  . GLU A 1 53  ? 17.918  -18.390 18.057  1.00 49.36 ? 53  GLU A CG  1 
ATOM   394  C  CD  . GLU A 1 53  ? 18.831  -18.907 16.934  1.00 55.61 ? 53  GLU A CD  1 
ATOM   395  O  OE1 . GLU A 1 53  ? 20.080  -18.941 17.112  1.00 57.39 ? 53  GLU A OE1 1 
ATOM   396  O  OE2 . GLU A 1 53  ? 18.292  -19.288 15.865  1.00 59.45 ? 53  GLU A OE2 1 
ATOM   397  N  N   . PRO A 1 54  ? 18.816  -15.070 16.210  1.00 40.56 ? 54  PRO A N   1 
ATOM   398  C  CA  . PRO A 1 54  ? 19.434  -13.943 15.486  1.00 38.90 ? 54  PRO A CA  1 
ATOM   399  C  C   . PRO A 1 54  ? 18.589  -12.667 15.675  1.00 36.71 ? 54  PRO A C   1 
ATOM   400  O  O   . PRO A 1 54  ? 17.390  -12.634 15.360  1.00 36.86 ? 54  PRO A O   1 
ATOM   401  C  CB  . PRO A 1 54  ? 19.441  -14.397 14.018  1.00 39.14 ? 54  PRO A CB  1 
ATOM   402  C  CG  . PRO A 1 54  ? 18.824  -15.803 14.005  1.00 39.95 ? 54  PRO A CG  1 
ATOM   403  C  CD  . PRO A 1 54  ? 18.074  -15.954 15.293  1.00 40.75 ? 54  PRO A CD  1 
ATOM   404  N  N   . LYS A 1 55  ? 19.223  -11.629 16.204  1.00 33.81 ? 55  LYS A N   1 
ATOM   405  C  CA  . LYS A 1 55  ? 18.512  -10.427 16.555  1.00 30.68 ? 55  LYS A CA  1 
ATOM   406  C  C   . LYS A 1 55  ? 18.430  -9.414  15.420  1.00 27.85 ? 55  LYS A C   1 
ATOM   407  O  O   . LYS A 1 55  ? 17.995  -8.308  15.665  1.00 26.79 ? 55  LYS A O   1 
ATOM   408  C  CB  . LYS A 1 55  ? 19.214  -9.763  17.725  1.00 30.69 ? 55  LYS A CB  1 
ATOM   409  C  CG  . LYS A 1 55  ? 19.788  -10.732 18.694  1.00 34.40 ? 55  LYS A CG  1 
ATOM   410  C  CD  . LYS A 1 55  ? 18.743  -11.174 19.709  1.00 35.72 ? 55  LYS A CD  1 
ATOM   411  C  CE  . LYS A 1 55  ? 18.808  -10.236 20.867  1.00 39.01 ? 55  LYS A CE  1 
ATOM   412  N  NZ  . LYS A 1 55  ? 20.203  -9.707  20.982  1.00 42.54 ? 55  LYS A NZ  1 
ATOM   413  N  N   . ASN A 1 56  ? 18.828  -9.786  14.205  1.00 25.90 ? 56  ASN A N   1 
ATOM   414  C  CA  . ASN A 1 56  ? 18.815  -8.837  13.050  1.00 24.93 ? 56  ASN A CA  1 
ATOM   415  C  C   . ASN A 1 56  ? 17.496  -8.760  12.291  1.00 22.94 ? 56  ASN A C   1 
ATOM   416  O  O   . ASN A 1 56  ? 17.395  -8.031  11.311  1.00 21.61 ? 56  ASN A O   1 
ATOM   417  C  CB  . ASN A 1 56  ? 19.981  -9.071  12.079  1.00 25.47 ? 56  ASN A CB  1 
ATOM   418  C  CG  . ASN A 1 56  ? 19.816  -10.329 11.254  1.00 29.42 ? 56  ASN A CG  1 
ATOM   419  O  OD1 . ASN A 1 56  ? 20.160  -10.354 10.074  1.00 33.22 ? 56  ASN A OD1 1 
ATOM   420  N  ND2 . ASN A 1 56  ? 19.269  -11.372 11.864  1.00 26.17 ? 56  ASN A ND2 1 
ATOM   421  N  N   . LYS A 1 57  ? 16.476  -9.483  12.773  1.00 22.14 ? 57  LYS A N   1 
ATOM   422  C  CA  . LYS A 1 57  ? 15.126  -9.423  12.193  1.00 22.38 ? 57  LYS A CA  1 
ATOM   423  C  C   . LYS A 1 57  ? 14.007  -9.390  13.207  1.00 19.89 ? 57  LYS A C   1 
ATOM   424  O  O   . LYS A 1 57  ? 14.126  -9.944  14.329  1.00 19.09 ? 57  LYS A O   1 
ATOM   425  C  CB  . LYS A 1 57  ? 14.892  -10.553 11.175  1.00 24.95 ? 57  LYS A CB  1 
ATOM   426  C  CG  . LYS A 1 57  ? 15.291  -10.160 9.782   1.00 28.90 ? 57  LYS A CG  1 
ATOM   427  C  CD  . LYS A 1 57  ? 15.267  -11.349 8.848   1.00 34.24 ? 57  LYS A CD  1 
ATOM   428  C  CE  . LYS A 1 57  ? 15.965  -11.013 7.545   1.00 38.04 ? 57  LYS A CE  1 
ATOM   429  N  NZ  . LYS A 1 57  ? 16.266  -12.269 6.806   1.00 41.44 ? 57  LYS A NZ  1 
ATOM   430  N  N   . ALA A 1 58  ? 12.942  -8.666  12.853  1.00 17.69 ? 58  ALA A N   1 
ATOM   431  C  CA  . ALA A 1 58  ? 11.713  -8.714  13.643  1.00 18.05 ? 58  ALA A CA  1 
ATOM   432  C  C   . ALA A 1 58  ? 10.540  -9.041  12.696  1.00 16.88 ? 58  ALA A C   1 
ATOM   433  O  O   . ALA A 1 58  ? 10.584  -8.745  11.491  1.00 15.30 ? 58  ALA A O   1 
ATOM   434  C  CB  . ALA A 1 58  ? 11.451  -7.410  14.370  1.00 17.21 ? 58  ALA A CB  1 
ATOM   435  N  N   . ARG A 1 59  ? 9.499   -9.664  13.240  1.00 15.80 ? 59  ARG A N   1 
ATOM   436  C  CA  . ARG A 1 59  ? 8.323   -10.029 12.413  1.00 14.89 ? 59  ARG A CA  1 
ATOM   437  C  C   . ARG A 1 59  ? 7.041   -9.531  13.112  1.00 14.30 ? 59  ARG A C   1 
ATOM   438  O  O   . ARG A 1 59  ? 6.762   -9.897  14.274  1.00 16.22 ? 59  ARG A O   1 
ATOM   439  C  CB  . ARG A 1 59  ? 8.241   -11.590 12.215  1.00 15.20 ? 59  ARG A CB  1 
ATOM   440  C  CG  . ARG A 1 59  ? 7.027   -11.934 11.375  1.00 14.48 ? 59  ARG A CG  1 
ATOM   441  C  CD  . ARG A 1 59  ? 6.834   -13.456 11.138  1.00 16.38 ? 59  ARG A CD  1 
ATOM   442  N  NE  . ARG A 1 59  ? 6.648   -14.170 12.389  1.00 16.97 ? 59  ARG A NE  1 
ATOM   443  C  CZ  . ARG A 1 59  ? 6.232   -15.443 12.472  1.00 20.74 ? 59  ARG A CZ  1 
ATOM   444  N  NH1 . ARG A 1 59  ? 5.965   -16.137 11.385  1.00 17.69 ? 59  ARG A NH1 1 
ATOM   445  N  NH2 . ARG A 1 59  ? 6.102   -16.007 13.633  1.00 17.69 ? 59  ARG A NH2 1 
ATOM   446  N  N   . PHE A 1 60  ? 6.286   -8.683  12.436  1.00 15.04 ? 60  PHE A N   1 
ATOM   447  C  CA  . PHE A 1 60  ? 5.088   -8.070  12.958  1.00 15.93 ? 60  PHE A CA  1 
ATOM   448  C  C   . PHE A 1 60  ? 3.920   -8.552  12.115  1.00 17.11 ? 60  PHE A C   1 
ATOM   449  O  O   . PHE A 1 60  ? 3.708   -8.104  11.002  1.00 17.76 ? 60  PHE A O   1 
ATOM   450  C  CB  . PHE A 1 60  ? 5.192   -6.534  12.912  1.00 16.04 ? 60  PHE A CB  1 
ATOM   451  C  CG  . PHE A 1 60  ? 6.265   -5.987  13.811  1.00 16.38 ? 60  PHE A CG  1 
ATOM   452  C  CD1 . PHE A 1 60  ? 7.508   -5.623  13.285  1.00 17.36 ? 60  PHE A CD1 1 
ATOM   453  C  CD2 . PHE A 1 60  ? 6.053   -5.858  15.194  1.00 16.06 ? 60  PHE A CD2 1 
ATOM   454  C  CE1 . PHE A 1 60  ? 8.538   -5.101  14.139  1.00 17.63 ? 60  PHE A CE1 1 
ATOM   455  C  CE2 . PHE A 1 60  ? 7.068   -5.308  16.048  1.00 16.96 ? 60  PHE A CE2 1 
ATOM   456  C  CZ  . PHE A 1 60  ? 8.313   -4.974  15.495  1.00 15.89 ? 60  PHE A CZ  1 
ATOM   457  N  N   . SER A 1 61  ? 3.162   -9.485  12.673  1.00 17.57 ? 61  SER A N   1 
ATOM   458  C  CA  . SER A 1 61  ? 2.162   -10.218 11.887  1.00 18.17 ? 61  SER A CA  1 
ATOM   459  C  C   . SER A 1 61  ? 0.783   -9.594  11.974  1.00 17.69 ? 61  SER A C   1 
ATOM   460  O  O   . SER A 1 61  ? 0.336   -9.198  13.072  1.00 19.01 ? 61  SER A O   1 
ATOM   461  C  CB  . SER A 1 61  ? 2.082   -11.674 12.439  1.00 16.08 ? 61  SER A CB  1 
ATOM   462  O  OG  . SER A 1 61  ? 3.360   -12.327 12.374  1.00 17.94 ? 61  SER A OG  1 
ATOM   463  N  N   . ILE A 1 62  ? 0.088   -9.522  10.843  1.00 17.31 ? 62  ILE A N   1 
ATOM   464  C  CA  . ILE A 1 62  ? -1.309  -9.074  10.798  1.00 19.18 ? 62  ILE A CA  1 
ATOM   465  C  C   . ILE A 1 62  ? -2.160  -10.252 10.242  1.00 19.91 ? 62  ILE A C   1 
ATOM   466  O  O   . ILE A 1 62  ? -2.157  -10.496 9.037   1.00 20.69 ? 62  ILE A O   1 
ATOM   467  C  CB  . ILE A 1 62  ? -1.462  -7.830  9.908   1.00 19.19 ? 62  ILE A CB  1 
ATOM   468  C  CG1 . ILE A 1 62  ? -0.642  -6.666  10.526  1.00 17.77 ? 62  ILE A CG1 1 
ATOM   469  C  CG2 . ILE A 1 62  ? -2.949  -7.427  9.787   1.00 18.53 ? 62  ILE A CG2 1 
ATOM   470  C  CD1 . ILE A 1 62  ? -0.589  -5.386  9.640   1.00 19.50 ? 62  ILE A CD1 1 
ATOM   471  N  N   . PRO A 1 63  ? -2.764  -11.051 11.124  1.00 21.25 ? 63  PRO A N   1 
ATOM   472  C  CA  . PRO A 1 63  ? -3.584  -12.173 10.602  1.00 22.74 ? 63  PRO A CA  1 
ATOM   473  C  C   . PRO A 1 63  ? -4.762  -11.748 9.700   1.00 22.88 ? 63  PRO A C   1 
ATOM   474  O  O   . PRO A 1 63  ? -5.089  -12.438 8.712   1.00 23.11 ? 63  PRO A O   1 
ATOM   475  C  CB  . PRO A 1 63  ? -4.064  -12.899 11.877  1.00 22.20 ? 63  PRO A CB  1 
ATOM   476  C  CG  . PRO A 1 63  ? -3.109  -12.471 12.954  1.00 23.22 ? 63  PRO A CG  1 
ATOM   477  C  CD  . PRO A 1 63  ? -2.664  -11.067 12.596  1.00 21.62 ? 63  PRO A CD  1 
ATOM   478  N  N   . SER A 1 64  ? -5.370  -10.600 9.996   1.00 23.00 ? 64  SER A N   1 
ATOM   479  C  CA  . SER A 1 64  ? -6.532  -10.166 9.255   1.00 24.35 ? 64  SER A CA  1 
ATOM   480  C  C   . SER A 1 64  ? -6.533  -8.643  9.101   1.00 25.11 ? 64  SER A C   1 
ATOM   481  O  O   . SER A 1 64  ? -6.739  -7.921  10.068  1.00 24.76 ? 64  SER A O   1 
ATOM   482  C  CB  . SER A 1 64  ? -7.796  -10.647 9.956   1.00 24.72 ? 64  SER A CB  1 
ATOM   483  O  OG  . SER A 1 64  ? -8.945  -10.190 9.283   1.00 27.89 ? 64  SER A OG  1 
HETATM 484  N  N   . MSE A 1 65  ? -6.288  -8.193  7.883   1.00 25.50 ? 65  MSE A N   1 
HETATM 485  C  CA  . MSE A 1 65  ? -6.115  -6.776  7.579   1.00 26.98 ? 65  MSE A CA  1 
HETATM 486  C  C   . MSE A 1 65  ? -7.409  -5.993  7.755   1.00 27.39 ? 65  MSE A C   1 
HETATM 487  O  O   . MSE A 1 65  ? -8.419  -6.317  7.122   1.00 27.70 ? 65  MSE A O   1 
HETATM 488  C  CB  . MSE A 1 65  ? -5.634  -6.605  6.138   1.00 26.58 ? 65  MSE A CB  1 
HETATM 489  C  CG  . MSE A 1 65  ? -4.179  -6.611  6.007   1.00 31.54 ? 65  MSE A CG  1 
HETATM 490  SE SE  . MSE A 1 65  ? -3.531  -4.782  6.496   1.00 31.13 ? 65  MSE A SE  1 
HETATM 491  C  CE  . MSE A 1 65  ? -3.506  -4.076  4.969   1.00 29.50 ? 65  MSE A CE  1 
ATOM   492  N  N   . THR A 1 66  ? -7.379  -5.003  8.647   1.00 28.14 ? 66  THR A N   1 
ATOM   493  C  CA  . THR A 1 66  ? -8.517  -4.095  8.851   1.00 28.55 ? 66  THR A CA  1 
ATOM   494  C  C   . THR A 1 66  ? -8.200  -2.660  8.420   1.00 28.12 ? 66  THR A C   1 
ATOM   495  O  O   . THR A 1 66  ? -7.050  -2.327  8.078   1.00 25.23 ? 66  THR A O   1 
ATOM   496  C  CB  . THR A 1 66  ? -9.036  -4.121  10.311  1.00 28.92 ? 66  THR A CB  1 
ATOM   497  O  OG1 . THR A 1 66  ? -8.079  -3.527  11.203  1.00 30.64 ? 66  THR A OG1 1 
ATOM   498  C  CG2 . THR A 1 66  ? -9.353  -5.566  10.756  1.00 31.30 ? 66  THR A CG2 1 
ATOM   499  N  N   . GLU A 1 67  ? -9.243  -1.830  8.421   1.00 27.63 ? 67  GLU A N   1 
ATOM   500  C  CA  . GLU A 1 67  ? -9.124  -0.389  8.154   1.00 30.01 ? 67  GLU A CA  1 
ATOM   501  C  C   . GLU A 1 67  ? -8.090  0.227   9.093   1.00 27.68 ? 67  GLU A C   1 
ATOM   502  O  O   . GLU A 1 67  ? -7.340  1.115   8.697   1.00 27.76 ? 67  GLU A O   1 
ATOM   503  C  CB  . GLU A 1 67  ? -10.479 0.321   8.369   1.00 29.78 ? 67  GLU A CB  1 
ATOM   504  C  CG  . GLU A 1 67  ? -11.629 -0.630  8.781   1.00 34.15 ? 67  GLU A CG  1 
ATOM   505  C  CD  . GLU A 1 67  ? -12.909 0.097   9.214   1.00 35.74 ? 67  GLU A CD  1 
ATOM   506  O  OE1 . GLU A 1 67  ? -13.028 1.325   8.958   1.00 43.20 ? 67  GLU A OE1 1 
ATOM   507  O  OE2 . GLU A 1 67  ? -13.795 -0.569  9.807   1.00 40.11 ? 67  GLU A OE2 1 
ATOM   508  N  N   . HIS A 1 68  ? -8.028  -0.252  10.329  1.00 27.22 ? 68  HIS A N   1 
ATOM   509  C  CA  . HIS A 1 68  ? -7.132  0.421   11.276  1.00 27.09 ? 68  HIS A CA  1 
ATOM   510  C  C   . HIS A 1 68  ? -5.655  0.043   11.149  1.00 25.24 ? 68  HIS A C   1 
ATOM   511  O  O   . HIS A 1 68  ? -4.808  0.701   11.741  1.00 25.35 ? 68  HIS A O   1 
ATOM   512  C  CB  . HIS A 1 68  ? -7.649  0.360   12.701  1.00 29.19 ? 68  HIS A CB  1 
ATOM   513  C  CG  . HIS A 1 68  ? -7.446  -0.955  13.370  1.00 32.43 ? 68  HIS A CG  1 
ATOM   514  N  ND1 . HIS A 1 68  ? -8.456  -1.888  13.477  1.00 38.37 ? 68  HIS A ND1 1 
ATOM   515  C  CD2 . HIS A 1 68  ? -6.370  -1.484  14.004  1.00 36.25 ? 68  HIS A CD2 1 
ATOM   516  C  CE1 . HIS A 1 68  ? -8.008  -2.944  14.143  1.00 39.09 ? 68  HIS A CE1 1 
ATOM   517  N  NE2 . HIS A 1 68  ? -6.745  -2.726  14.467  1.00 39.25 ? 68  HIS A NE2 1 
ATOM   518  N  N   . HIS A 1 69  ? -5.352  -0.972  10.342  1.00 23.44 ? 69  HIS A N   1 
ATOM   519  C  CA  . HIS A 1 69  ? -3.955  -1.308  9.974   1.00 22.80 ? 69  HIS A CA  1 
ATOM   520  C  C   . HIS A 1 69  ? -3.394  -0.484  8.819   1.00 22.47 ? 69  HIS A C   1 
ATOM   521  O  O   . HIS A 1 69  ? -2.172  -0.442  8.607   1.00 22.72 ? 69  HIS A O   1 
ATOM   522  C  CB  . HIS A 1 69  ? -3.847  -2.788  9.586   1.00 22.46 ? 69  HIS A CB  1 
ATOM   523  C  CG  . HIS A 1 69  ? -4.249  -3.721  10.674  1.00 22.53 ? 69  HIS A CG  1 
ATOM   524  N  ND1 . HIS A 1 69  ? -3.382  -4.139  11.652  1.00 27.19 ? 69  HIS A ND1 1 
ATOM   525  C  CD2 . HIS A 1 69  ? -5.429  -4.331  10.931  1.00 23.49 ? 69  HIS A CD2 1 
ATOM   526  C  CE1 . HIS A 1 69  ? -4.001  -4.975  12.463  1.00 27.28 ? 69  HIS A CE1 1 
ATOM   527  N  NE2 . HIS A 1 69  ? -5.252  -5.093  12.054  1.00 28.09 ? 69  HIS A NE2 1 
ATOM   528  N  N   . ALA A 1 70  ? -4.283  0.136   8.045   1.00 21.75 ? 70  ALA A N   1 
ATOM   529  C  CA  . ALA A 1 70  ? -3.906  0.857   6.847   1.00 21.36 ? 70  ALA A CA  1 
ATOM   530  C  C   . ALA A 1 70  ? -3.171  2.148   7.250   1.00 21.60 ? 70  ALA A C   1 
ATOM   531  O  O   . ALA A 1 70  ? -3.594  2.822   8.199   1.00 22.01 ? 70  ALA A O   1 
ATOM   532  C  CB  . ALA A 1 70  ? -5.146  1.204   6.010   1.00 20.62 ? 70  ALA A CB  1 
ATOM   533  N  N   . GLY A 1 71  ? -2.074  2.463   6.578   1.00 22.75 ? 71  GLY A N   1 
ATOM   534  C  CA  . GLY A 1 71  ? -1.331  3.700   6.927   1.00 23.86 ? 71  GLY A CA  1 
ATOM   535  C  C   . GLY A 1 71  ? 0.118   3.713   6.519   1.00 24.40 ? 71  GLY A C   1 
ATOM   536  O  O   . GLY A 1 71  ? 0.475   3.102   5.536   1.00 25.39 ? 71  GLY A O   1 
ATOM   537  N  N   . ARG A 1 72  ? 0.956   4.448   7.255   1.00 22.84 ? 72  ARG A N   1 
ATOM   538  C  CA  . ARG A 1 72  ? 2.347   4.559   6.918   1.00 22.50 ? 72  ARG A CA  1 
ATOM   539  C  C   . ARG A 1 72  ? 3.147   4.269   8.171   1.00 21.80 ? 72  ARG A C   1 
ATOM   540  O  O   . ARG A 1 72  ? 2.860   4.843   9.226   1.00 22.45 ? 72  ARG A O   1 
ATOM   541  C  CB  . ARG A 1 72  ? 2.682   5.974   6.373   1.00 23.58 ? 72  ARG A CB  1 
ATOM   542  C  CG  . ARG A 1 72  ? 2.204   6.226   4.944   1.00 24.44 ? 72  ARG A CG  1 
ATOM   543  C  CD  . ARG A 1 72  ? 2.240   7.712   4.569   1.00 25.14 ? 72  ARG A CD  1 
ATOM   544  N  NE  . ARG A 1 72  ? 3.543   8.345   4.771   1.00 30.07 ? 72  ARG A NE  1 
ATOM   545  C  CZ  . ARG A 1 72  ? 4.555   8.289   3.915   1.00 32.03 ? 72  ARG A CZ  1 
ATOM   546  N  NH1 . ARG A 1 72  ? 4.449   7.623   2.764   1.00 31.85 ? 72  ARG A NH1 1 
ATOM   547  N  NH2 . ARG A 1 72  ? 5.680   8.918   4.203   1.00 33.49 ? 72  ARG A NH2 1 
ATOM   548  N  N   . TYR A 1 73  ? 4.114   3.365   8.049   1.00 20.02 ? 73  TYR A N   1 
ATOM   549  C  CA  . TYR A 1 73  ? 4.888   2.873   9.179   1.00 19.22 ? 73  TYR A CA  1 
ATOM   550  C  C   . TYR A 1 73  ? 6.400   3.110   9.008   1.00 18.11 ? 73  TYR A C   1 
ATOM   551  O  O   . TYR A 1 73  ? 6.913   3.149   7.906   1.00 18.71 ? 73  TYR A O   1 
ATOM   552  C  CB  . TYR A 1 73  ? 4.689   1.343   9.348   1.00 19.54 ? 73  TYR A CB  1 
ATOM   553  C  CG  . TYR A 1 73  ? 3.282   0.878   9.637   1.00 17.48 ? 73  TYR A CG  1 
ATOM   554  C  CD1 . TYR A 1 73  ? 2.925   0.534   10.933  1.00 18.79 ? 73  TYR A CD1 1 
ATOM   555  C  CD2 . TYR A 1 73  ? 2.342   0.686   8.601   1.00 21.00 ? 73  TYR A CD2 1 
ATOM   556  C  CE1 . TYR A 1 73  ? 1.659   0.097   11.235  1.00 20.65 ? 73  TYR A CE1 1 
ATOM   557  C  CE2 . TYR A 1 73  ? 1.023   0.230   8.888   1.00 20.00 ? 73  TYR A CE2 1 
ATOM   558  C  CZ  . TYR A 1 73  ? 0.707   -0.082  10.206  1.00 20.23 ? 73  TYR A CZ  1 
ATOM   559  O  OH  . TYR A 1 73  ? -0.513  -0.563  10.576  1.00 17.69 ? 73  TYR A OH  1 
ATOM   560  N  N   . ARG A 1 74  ? 7.090   3.281   10.130  1.00 18.65 ? 74  ARG A N   1 
ATOM   561  C  CA  . ARG A 1 74  ? 8.528   3.250   10.199  1.00 17.92 ? 74  ARG A CA  1 
ATOM   562  C  C   . ARG A 1 74  ? 8.951   2.253   11.253  1.00 17.31 ? 74  ARG A C   1 
ATOM   563  O  O   . ARG A 1 74  ? 8.268   2.053   12.264  1.00 18.17 ? 74  ARG A O   1 
ATOM   564  C  CB  . ARG A 1 74  ? 9.097   4.625   10.605  1.00 19.16 ? 74  ARG A CB  1 
ATOM   565  C  CG  . ARG A 1 74  ? 9.171   5.612   9.445   1.00 21.21 ? 74  ARG A CG  1 
ATOM   566  C  CD  . ARG A 1 74  ? 9.200   7.062   9.946   1.00 25.25 ? 74  ARG A CD  1 
ATOM   567  N  NE  . ARG A 1 74  ? 9.057   8.002   8.829   1.00 26.31 ? 74  ARG A NE  1 
ATOM   568  C  CZ  . ARG A 1 74  ? 7.890   8.416   8.304   1.00 27.01 ? 74  ARG A CZ  1 
ATOM   569  N  NH1 . ARG A 1 74  ? 6.706   7.989   8.763   1.00 22.29 ? 74  ARG A NH1 1 
ATOM   570  N  NH2 . ARG A 1 74  ? 7.907   9.273   7.291   1.00 28.68 ? 74  ARG A NH2 1 
ATOM   571  N  N   . CYS A 1 75  ? 10.089  1.655   11.025  1.00 18.61 ? 75  CYS A N   1 
ATOM   572  C  CA  . CYS A 1 75  ? 10.695  0.753   11.979  1.00 19.88 ? 75  CYS A CA  1 
ATOM   573  C  C   . CYS A 1 75  ? 11.988  1.404   12.487  1.00 20.04 ? 75  CYS A C   1 
ATOM   574  O  O   . CYS A 1 75  ? 12.736  2.053   11.706  1.00 19.56 ? 75  CYS A O   1 
ATOM   575  C  CB  . CYS A 1 75  ? 11.047  -0.577  11.319  1.00 19.94 ? 75  CYS A CB  1 
ATOM   576  S  SG  . CYS A 1 75  ? 11.889  -1.743  12.441  1.00 25.30 ? 75  CYS A SG  1 
ATOM   577  N  N   . TYR A 1 76  ? 12.227  1.222   13.775  1.00 18.39 ? 76  TYR A N   1 
ATOM   578  C  CA  . TYR A 1 76  ? 13.494  1.584   14.429  1.00 19.11 ? 76  TYR A CA  1 
ATOM   579  C  C   . TYR A 1 76  ? 13.966  0.384   15.226  1.00 18.48 ? 76  TYR A C   1 
ATOM   580  O  O   . TYR A 1 76  ? 13.152  -0.329  15.805  1.00 18.16 ? 76  TYR A O   1 
ATOM   581  C  CB  . TYR A 1 76  ? 13.234  2.648   15.474  1.00 19.09 ? 76  TYR A CB  1 
ATOM   582  C  CG  . TYR A 1 76  ? 12.758  3.981   15.003  1.00 18.82 ? 76  TYR A CG  1 
ATOM   583  C  CD1 . TYR A 1 76  ? 13.665  5.052   14.861  1.00 20.40 ? 76  TYR A CD1 1 
ATOM   584  C  CD2 . TYR A 1 76  ? 11.403  4.235   14.775  1.00 20.34 ? 76  TYR A CD2 1 
ATOM   585  C  CE1 . TYR A 1 76  ? 13.216  6.320   14.453  1.00 17.18 ? 76  TYR A CE1 1 
ATOM   586  C  CE2 . TYR A 1 76  ? 10.953  5.489   14.374  1.00 20.18 ? 76  TYR A CE2 1 
ATOM   587  C  CZ  . TYR A 1 76  ? 11.879  6.547   14.231  1.00 22.54 ? 76  TYR A CZ  1 
ATOM   588  O  OH  . TYR A 1 76  ? 11.414  7.816   13.841  1.00 20.57 ? 76  TYR A OH  1 
ATOM   589  N  N   . TYR A 1 77  ? 15.273  0.196   15.321  1.00 17.03 ? 77  TYR A N   1 
ATOM   590  C  CA  . TYR A 1 77  ? 15.811  -0.729  16.291  1.00 17.71 ? 77  TYR A CA  1 
ATOM   591  C  C   . TYR A 1 77  ? 16.693  0.042   17.252  1.00 18.95 ? 77  TYR A C   1 
ATOM   592  O  O   . TYR A 1 77  ? 17.262  1.104   16.896  1.00 18.76 ? 77  TYR A O   1 
ATOM   593  C  CB  . TYR A 1 77  ? 16.552  -1.876  15.612  1.00 17.39 ? 77  TYR A CB  1 
ATOM   594  C  CG  . TYR A 1 77  ? 17.774  -1.522  14.804  1.00 18.53 ? 77  TYR A CG  1 
ATOM   595  C  CD1 . TYR A 1 77  ? 19.031  -1.475  15.413  1.00 22.35 ? 77  TYR A CD1 1 
ATOM   596  C  CD2 . TYR A 1 77  ? 17.671  -1.250  13.442  1.00 18.71 ? 77  TYR A CD2 1 
ATOM   597  C  CE1 . TYR A 1 77  ? 20.170  -1.148  14.690  1.00 21.71 ? 77  TYR A CE1 1 
ATOM   598  C  CE2 . TYR A 1 77  ? 18.805  -0.903  12.694  1.00 21.12 ? 77  TYR A CE2 1 
ATOM   599  C  CZ  . TYR A 1 77  ? 20.039  -0.883  13.330  1.00 22.00 ? 77  TYR A CZ  1 
ATOM   600  O  OH  . TYR A 1 77  ? 21.159  -0.554  12.613  1.00 22.81 ? 77  TYR A OH  1 
ATOM   601  N  N   . TYR A 1 78  ? 16.745  -0.464  18.454  1.00 19.08 ? 78  TYR A N   1 
ATOM   602  C  CA  . TYR A 1 78  ? 17.647  0.014   19.507  1.00 21.39 ? 78  TYR A CA  1 
ATOM   603  C  C   . TYR A 1 78  ? 18.813  -0.945  19.726  1.00 23.18 ? 78  TYR A C   1 
ATOM   604  O  O   . TYR A 1 78  ? 18.651  -2.182  19.758  1.00 22.74 ? 78  TYR A O   1 
ATOM   605  C  CB  . TYR A 1 78  ? 16.867  0.198   20.819  1.00 22.43 ? 78  TYR A CB  1 
ATOM   606  C  CG  . TYR A 1 78  ? 17.740  0.741   21.942  1.00 25.72 ? 78  TYR A CG  1 
ATOM   607  C  CD1 . TYR A 1 78  ? 18.445  -0.125  22.788  1.00 29.38 ? 78  TYR A CD1 1 
ATOM   608  C  CD2 . TYR A 1 78  ? 17.907  2.111   22.105  1.00 28.08 ? 78  TYR A CD2 1 
ATOM   609  C  CE1 . TYR A 1 78  ? 19.284  0.380   23.801  1.00 28.60 ? 78  TYR A CE1 1 
ATOM   610  C  CE2 . TYR A 1 78  ? 18.745  2.620   23.110  1.00 26.80 ? 78  TYR A CE2 1 
ATOM   611  C  CZ  . TYR A 1 78  ? 19.404  1.751   23.934  1.00 27.48 ? 78  TYR A CZ  1 
ATOM   612  O  OH  . TYR A 1 78  ? 20.212  2.249   24.923  1.00 30.81 ? 78  TYR A OH  1 
ATOM   613  N  N   . SER A 1 79  ? 20.003  -0.372  19.928  1.00 22.94 ? 79  SER A N   1 
ATOM   614  C  CA  . SER A 1 79  ? 21.204  -1.137  20.168  1.00 25.69 ? 79  SER A CA  1 
ATOM   615  C  C   . SER A 1 79  ? 22.096  -0.325  21.133  1.00 26.56 ? 79  SER A C   1 
ATOM   616  O  O   . SER A 1 79  ? 21.682  0.734   21.596  1.00 24.35 ? 79  SER A O   1 
ATOM   617  C  CB  . SER A 1 79  ? 21.904  -1.440  18.848  1.00 26.11 ? 79  SER A CB  1 
ATOM   618  O  OG  . SER A 1 79  ? 22.671  -0.315  18.418  1.00 28.22 ? 79  SER A OG  1 
ATOM   619  N  N   . PRO A 1 80  ? 23.272  -0.849  21.502  1.00 28.36 ? 80  PRO A N   1 
ATOM   620  C  CA  . PRO A 1 80  ? 24.173  -0.053  22.326  1.00 29.29 ? 80  PRO A CA  1 
ATOM   621  C  C   . PRO A 1 80  ? 24.522  1.309   21.740  1.00 29.54 ? 80  PRO A C   1 
ATOM   622  O  O   . PRO A 1 80  ? 24.893  2.218   22.486  1.00 30.75 ? 80  PRO A O   1 
ATOM   623  C  CB  . PRO A 1 80  ? 25.410  -0.957  22.429  1.00 29.63 ? 80  PRO A CB  1 
ATOM   624  C  CG  . PRO A 1 80  ? 24.825  -2.338  22.376  1.00 30.09 ? 80  PRO A CG  1 
ATOM   625  C  CD  . PRO A 1 80  ? 23.831  -2.196  21.266  1.00 29.26 ? 80  PRO A CD  1 
ATOM   626  N  N   . ALA A 1 81  ? 24.366  1.471   20.435  1.00 29.91 ? 81  ALA A N   1 
ATOM   627  C  CA  . ALA A 1 81  ? 24.606  2.746   19.779  1.00 29.63 ? 81  ALA A CA  1 
ATOM   628  C  C   . ALA A 1 81  ? 23.436  3.716   19.954  1.00 29.05 ? 81  ALA A C   1 
ATOM   629  O  O   . ALA A 1 81  ? 23.528  4.880   19.534  1.00 29.83 ? 81  ALA A O   1 
ATOM   630  C  CB  . ALA A 1 81  ? 24.917  2.532   18.295  1.00 30.67 ? 81  ALA A CB  1 
ATOM   631  N  N   . GLY A 1 82  ? 22.346  3.246   20.575  1.00 25.90 ? 82  GLY A N   1 
ATOM   632  C  CA  . GLY A 1 82  ? 21.104  4.040   20.729  1.00 22.68 ? 82  GLY A CA  1 
ATOM   633  C  C   . GLY A 1 82  ? 20.082  3.626   19.659  1.00 21.17 ? 82  GLY A C   1 
ATOM   634  O  O   . GLY A 1 82  ? 20.112  2.489   19.182  1.00 20.57 ? 82  GLY A O   1 
ATOM   635  N  N   . TRP A 1 83  ? 19.190  4.541   19.303  1.00 19.95 ? 83  TRP A N   1 
ATOM   636  C  CA  . TRP A 1 83  ? 18.200  4.307   18.247  1.00 19.05 ? 83  TRP A CA  1 
ATOM   637  C  C   . TRP A 1 83  ? 18.740  4.409   16.841  1.00 19.24 ? 83  TRP A C   1 
ATOM   638  O  O   . TRP A 1 83  ? 19.465  5.395   16.469  1.00 16.77 ? 83  TRP A O   1 
ATOM   639  C  CB  . TRP A 1 83  ? 17.001  5.254   18.398  1.00 20.97 ? 83  TRP A CB  1 
ATOM   640  C  CG  . TRP A 1 83  ? 16.121  4.937   19.583  1.00 22.08 ? 83  TRP A CG  1 
ATOM   641  C  CD1 . TRP A 1 83  ? 16.021  5.643   20.748  1.00 25.88 ? 83  TRP A CD1 1 
ATOM   642  C  CD2 . TRP A 1 83  ? 15.178  3.852   19.687  1.00 25.19 ? 83  TRP A CD2 1 
ATOM   643  N  NE1 . TRP A 1 83  ? 15.069  5.071   21.571  1.00 27.13 ? 83  TRP A NE1 1 
ATOM   644  C  CE2 . TRP A 1 83  ? 14.548  3.962   20.950  1.00 26.86 ? 83  TRP A CE2 1 
ATOM   645  C  CE3 . TRP A 1 83  ? 14.814  2.798   18.833  1.00 25.61 ? 83  TRP A CE3 1 
ATOM   646  C  CZ2 . TRP A 1 83  ? 13.558  3.048   21.389  1.00 24.93 ? 83  TRP A CZ2 1 
ATOM   647  C  CZ3 . TRP A 1 83  ? 13.837  1.889   19.263  1.00 22.83 ? 83  TRP A CZ3 1 
ATOM   648  C  CH2 . TRP A 1 83  ? 13.230  2.012   20.527  1.00 22.69 ? 83  TRP A CH2 1 
ATOM   649  N  N   . SER A 1 84  ? 18.368  3.417   16.015  1.00 16.28 ? 84  SER A N   1 
ATOM   650  C  CA  . SER A 1 84  ? 18.664  3.504   14.584  1.00 15.61 ? 84  SER A CA  1 
ATOM   651  C  C   . SER A 1 84  ? 18.004  4.721   13.966  1.00 15.51 ? 84  SER A C   1 
ATOM   652  O  O   . SER A 1 84  ? 17.036  5.276   14.502  1.00 15.09 ? 84  SER A O   1 
ATOM   653  C  CB  . SER A 1 84  ? 18.190  2.241   13.813  1.00 15.64 ? 84  SER A CB  1 
ATOM   654  O  OG  . SER A 1 84  ? 16.791  2.253   13.732  1.00 17.05 ? 84  SER A OG  1 
ATOM   655  N  N   . GLU A 1 85  ? 18.509  5.131   12.794  1.00 16.95 ? 85  GLU A N   1 
ATOM   656  C  CA  . GLU A 1 85  ? 17.738  6.016   11.943  1.00 18.70 ? 85  GLU A CA  1 
ATOM   657  C  C   . GLU A 1 85  ? 16.462  5.262   11.549  1.00 20.55 ? 85  GLU A C   1 
ATOM   658  O  O   . GLU A 1 85  ? 16.544  4.033   11.419  1.00 21.31 ? 85  GLU A O   1 
ATOM   659  C  CB  . GLU A 1 85  ? 18.544  6.334   10.679  1.00 20.21 ? 85  GLU A CB  1 
ATOM   660  C  CG  . GLU A 1 85  ? 19.763  7.189   10.942  1.00 21.06 ? 85  GLU A CG  1 
ATOM   661  C  CD  . GLU A 1 85  ? 19.342  8.600   11.319  1.00 23.36 ? 85  GLU A CD  1 
ATOM   662  O  OE1 . GLU A 1 85  ? 18.898  9.362   10.409  1.00 25.29 ? 85  GLU A OE1 1 
ATOM   663  O  OE2 . GLU A 1 85  ? 19.403  8.930   12.524  1.00 25.08 ? 85  GLU A OE2 1 
ATOM   664  N  N   . PRO A 1 86  ? 15.324  5.966   11.339  1.00 20.79 ? 86  PRO A N   1 
ATOM   665  C  CA  . PRO A 1 86  ? 14.105  5.240   10.986  1.00 20.61 ? 86  PRO A CA  1 
ATOM   666  C  C   . PRO A 1 86  ? 14.241  4.637   9.597   1.00 20.47 ? 86  PRO A C   1 
ATOM   667  O  O   . PRO A 1 86  ? 14.985  5.161   8.729   1.00 19.17 ? 86  PRO A O   1 
ATOM   668  C  CB  . PRO A 1 86  ? 13.043  6.332   10.913  1.00 21.11 ? 86  PRO A CB  1 
ATOM   669  C  CG  . PRO A 1 86  ? 13.846  7.626   10.658  1.00 20.16 ? 86  PRO A CG  1 
ATOM   670  C  CD  . PRO A 1 86  ? 15.102  7.437   11.408  1.00 21.51 ? 86  PRO A CD  1 
ATOM   671  N  N   . SER A 1 87  ? 13.515  3.544   9.368   1.00 20.68 ? 87  SER A N   1 
ATOM   672  C  CA  . SER A 1 87  ? 13.452  3.013   8.027   1.00 19.56 ? 87  SER A CA  1 
ATOM   673  C  C   . SER A 1 87  ? 12.720  3.999   7.115   1.00 20.56 ? 87  SER A C   1 
ATOM   674  O  O   . SER A 1 87  ? 11.913  4.854   7.569   1.00 19.75 ? 87  SER A O   1 
ATOM   675  C  CB  . SER A 1 87  ? 12.700  1.667   8.033   1.00 19.37 ? 87  SER A CB  1 
ATOM   676  O  OG  . SER A 1 87  ? 11.364  1.923   8.327   1.00 16.98 ? 87  SER A OG  1 
ATOM   677  N  N   . ASP A 1 88  ? 12.952  3.864   5.806   1.00 22.18 ? 88  ASP A N   1 
ATOM   678  C  CA  . ASP A 1 88  ? 12.010  4.446   4.855   1.00 23.94 ? 88  ASP A CA  1 
ATOM   679  C  C   . ASP A 1 88  ? 10.593  4.036   5.266   1.00 24.13 ? 88  ASP A C   1 
ATOM   680  O  O   . ASP A 1 88  ? 10.403  2.913   5.743   1.00 23.71 ? 88  ASP A O   1 
ATOM   681  C  CB  . ASP A 1 88  ? 12.330  3.987   3.414   1.00 24.56 ? 88  ASP A CB  1 
ATOM   682  C  CG  . ASP A 1 88  ? 13.716  4.410   2.961   1.00 28.29 ? 88  ASP A CG  1 
ATOM   683  O  OD1 . ASP A 1 88  ? 14.171  5.483   3.386   1.00 30.73 ? 88  ASP A OD1 1 
ATOM   684  O  OD2 . ASP A 1 88  ? 14.369  3.669   2.203   1.00 30.74 ? 88  ASP A OD2 1 
ATOM   685  N  N   . PRO A 1 89  ? 9.596   4.934   5.088   1.00 24.30 ? 89  PRO A N   1 
ATOM   686  C  CA  . PRO A 1 89  ? 8.229   4.599   5.450   1.00 23.75 ? 89  PRO A CA  1 
ATOM   687  C  C   . PRO A 1 89  ? 7.683   3.508   4.543   1.00 23.94 ? 89  PRO A C   1 
ATOM   688  O  O   . PRO A 1 89  ? 7.974   3.467   3.345   1.00 23.53 ? 89  PRO A O   1 
ATOM   689  C  CB  . PRO A 1 89  ? 7.467   5.906   5.306   1.00 24.91 ? 89  PRO A CB  1 
ATOM   690  C  CG  . PRO A 1 89  ? 8.329   6.744   4.392   1.00 24.83 ? 89  PRO A CG  1 
ATOM   691  C  CD  . PRO A 1 89  ? 9.720   6.309   4.547   1.00 24.29 ? 89  PRO A CD  1 
ATOM   692  N  N   . LEU A 1 90  ? 6.945   2.591   5.155   1.00 22.20 ? 90  LEU A N   1 
ATOM   693  C  CA  . LEU A 1 90  ? 6.227   1.541   4.411   1.00 21.62 ? 90  LEU A CA  1 
ATOM   694  C  C   . LEU A 1 90  ? 4.779   1.967   4.357   1.00 21.33 ? 90  LEU A C   1 
ATOM   695  O  O   . LEU A 1 90  ? 4.161   2.234   5.393   1.00 21.07 ? 90  LEU A O   1 
ATOM   696  C  CB  . LEU A 1 90  ? 6.370   0.188   5.141   1.00 19.07 ? 90  LEU A CB  1 
ATOM   697  C  CG  . LEU A 1 90  ? 5.355   -0.892  4.714   1.00 23.79 ? 90  LEU A CG  1 
ATOM   698  C  CD1 . LEU A 1 90  ? 5.808   -1.387  3.366   1.00 23.57 ? 90  LEU A CD1 1 
ATOM   699  C  CD2 . LEU A 1 90  ? 5.391   -2.067  5.699   1.00 20.63 ? 90  LEU A CD2 1 
ATOM   700  N  N   . GLU A 1 91  ? 4.204   2.023   3.153   1.00 20.87 ? 91  GLU A N   1 
ATOM   701  C  CA  . GLU A 1 91  ? 2.843   2.480   3.037   1.00 21.96 ? 91  GLU A CA  1 
ATOM   702  C  C   . GLU A 1 91  ? 1.990   1.244   2.841   1.00 22.81 ? 91  GLU A C   1 
ATOM   703  O  O   . GLU A 1 91  ? 2.063   0.608   1.795   1.00 23.23 ? 91  GLU A O   1 
ATOM   704  C  CB  . GLU A 1 91  ? 2.650   3.462   1.874   1.00 23.38 ? 91  GLU A CB  1 
ATOM   705  C  CG  . GLU A 1 91  ? 1.247   4.067   1.874   1.00 27.69 ? 91  GLU A CG  1 
ATOM   706  C  CD  . GLU A 1 91  ? 1.149   5.387   1.102   1.00 35.73 ? 91  GLU A CD  1 
ATOM   707  O  OE1 . GLU A 1 91  ? 0.085   5.624   0.501   1.00 36.30 ? 91  GLU A OE1 1 
ATOM   708  O  OE2 . GLU A 1 91  ? 2.122   6.191   1.120   1.00 38.73 ? 91  GLU A OE2 1 
ATOM   709  N  N   . LEU A 1 92  ? 1.206   0.925   3.856   1.00 21.93 ? 92  LEU A N   1 
ATOM   710  C  CA  . LEU A 1 92  ? 0.430   -0.306  3.867   1.00 22.86 ? 92  LEU A CA  1 
ATOM   711  C  C   . LEU A 1 92  ? -1.023  0.019   3.596   1.00 23.16 ? 92  LEU A C   1 
ATOM   712  O  O   . LEU A 1 92  ? -1.658  0.779   4.324   1.00 23.40 ? 92  LEU A O   1 
ATOM   713  C  CB  . LEU A 1 92  ? 0.617   -1.040  5.200   1.00 23.29 ? 92  LEU A CB  1 
ATOM   714  C  CG  . LEU A 1 92  ? -0.010  -2.432  5.361   1.00 21.78 ? 92  LEU A CG  1 
ATOM   715  C  CD1 . LEU A 1 92  ? 0.658   -3.425  4.413   1.00 22.73 ? 92  LEU A CD1 1 
ATOM   716  C  CD2 . LEU A 1 92  ? 0.072   -2.911  6.802   1.00 21.89 ? 92  LEU A CD2 1 
ATOM   717  N  N   . VAL A 1 93  ? -1.535  -0.542  2.505   1.00 23.25 ? 93  VAL A N   1 
ATOM   718  C  CA  . VAL A 1 93  ? -2.861  -0.197  1.994   1.00 23.84 ? 93  VAL A CA  1 
ATOM   719  C  C   . VAL A 1 93  ? -3.837  -1.359  2.223   1.00 23.75 ? 93  VAL A C   1 
ATOM   720  O  O   . VAL A 1 93  ? -3.467  -2.491  2.008   1.00 25.09 ? 93  VAL A O   1 
ATOM   721  C  CB  . VAL A 1 93  ? -2.773  0.098   0.473   1.00 23.33 ? 93  VAL A CB  1 
ATOM   722  C  CG1 . VAL A 1 93  ? -4.159  0.098   -0.166  1.00 23.10 ? 93  VAL A CG1 1 
ATOM   723  C  CG2 . VAL A 1 93  ? -2.051  1.400   0.164   1.00 24.16 ? 93  VAL A CG2 1 
ATOM   724  N  N   . VAL A 1 94  ? -5.066  -1.089  2.668   1.00 24.40 ? 94  VAL A N   1 
ATOM   725  C  CA  . VAL A 1 94  ? -6.124  -2.119  2.673   1.00 23.76 ? 94  VAL A CA  1 
ATOM   726  C  C   . VAL A 1 94  ? -7.163  -1.812  1.564   1.00 25.31 ? 94  VAL A C   1 
ATOM   727  O  O   . VAL A 1 94  ? -7.491  -0.649  1.316   1.00 26.09 ? 94  VAL A O   1 
ATOM   728  C  CB  . VAL A 1 94  ? -6.783  -2.317  4.066   1.00 24.04 ? 94  VAL A CB  1 
ATOM   729  C  CG1 . VAL A 1 94  ? -7.703  -1.149  4.461   1.00 20.27 ? 94  VAL A CG1 1 
ATOM   730  C  CG2 . VAL A 1 94  ? -7.597  -3.622  4.132   1.00 23.40 ? 94  VAL A CG2 1 
ATOM   731  N  N   . THR A 1 95  ? -7.623  -2.856  0.866   1.00 25.88 ? 95  THR A N   1 
ATOM   732  C  CA  . THR A 1 95  ? -8.590  -2.693  -0.227  1.00 25.58 ? 95  THR A CA  1 
ATOM   733  C  C   . THR A 1 95  ? -9.900  -3.358  0.185   1.00 26.63 ? 95  THR A C   1 
ATOM   734  O  O   . THR A 1 95  ? -9.924  -4.134  1.145   1.00 26.89 ? 95  THR A O   1 
ATOM   735  C  CB  . THR A 1 95  ? -8.091  -3.316  -1.540  1.00 25.62 ? 95  THR A CB  1 
ATOM   736  O  OG1 . THR A 1 95  ? -8.118  -4.756  -1.428  1.00 24.78 ? 95  THR A OG1 1 
ATOM   737  C  CG2 . THR A 1 95  ? -6.660  -2.815  -1.869  1.00 22.77 ? 95  THR A CG2 1 
ATOM   738  N  N   . GLY A 1 96  ? -10.985 -3.020  -0.517  1.00 27.51 ? 96  GLY A N   1 
ATOM   739  C  CA  . GLY A 1 96  ? -12.278 -3.648  -0.318  1.00 28.80 ? 96  GLY A CA  1 
ATOM   740  C  C   . GLY A 1 96  ? -13.272 -2.830  0.503   1.00 30.61 ? 96  GLY A C   1 
ATOM   741  O  O   . GLY A 1 96  ? -14.252 -3.373  1.009   1.00 30.29 ? 96  GLY A O   1 
ATOM   742  N  N   . PHE A 1 97  ? -13.015 -1.525  0.654   1.00 31.23 ? 97  PHE A N   1 
ATOM   743  C  CA  . PHE A 1 97  ? -13.807 -0.694  1.573   1.00 32.52 ? 97  PHE A CA  1 
ATOM   744  C  C   . PHE A 1 97  ? -14.763 0.294   0.889   1.00 33.42 ? 97  PHE A C   1 
ATOM   745  O  O   . PHE A 1 97  ? -15.479 1.065   1.556   1.00 33.78 ? 97  PHE A O   1 
ATOM   746  C  CB  . PHE A 1 97  ? -12.891 0.003   2.581   1.00 32.62 ? 97  PHE A CB  1 
ATOM   747  C  CG  . PHE A 1 97  ? -12.636 -0.817  3.798   1.00 33.70 ? 97  PHE A CG  1 
ATOM   748  C  CD1 . PHE A 1 97  ? -13.604 -0.909  4.800   1.00 33.38 ? 97  PHE A CD1 1 
ATOM   749  C  CD2 . PHE A 1 97  ? -11.449 -1.523  3.944   1.00 33.07 ? 97  PHE A CD2 1 
ATOM   750  C  CE1 . PHE A 1 97  ? -13.394 -1.673  5.921   1.00 34.59 ? 97  PHE A CE1 1 
ATOM   751  C  CE2 . PHE A 1 97  ? -11.217 -2.291  5.071   1.00 33.54 ? 97  PHE A CE2 1 
ATOM   752  C  CZ  . PHE A 1 97  ? -12.196 -2.377  6.070   1.00 33.03 ? 97  PHE A CZ  1 
ATOM   753  N  N   . TYR A 1 98  ? -14.786 0.239   -0.442  1.00 34.25 ? 98  TYR A N   1 
ATOM   754  C  CA  . TYR A 1 98  ? -15.788 0.939   -1.252  1.00 35.00 ? 98  TYR A CA  1 
ATOM   755  C  C   . TYR A 1 98  ? -16.115 0.050   -2.446  1.00 35.53 ? 98  TYR A C   1 
ATOM   756  O  O   . TYR A 1 98  ? -15.340 -0.850  -2.783  1.00 35.45 ? 98  TYR A O   1 
ATOM   757  C  CB  . TYR A 1 98  ? -15.268 2.284   -1.765  1.00 34.57 ? 98  TYR A CB  1 
ATOM   758  C  CG  . TYR A 1 98  ? -14.593 3.179   -0.740  1.00 34.40 ? 98  TYR A CG  1 
ATOM   759  C  CD1 . TYR A 1 98  ? -13.205 3.338   -0.736  1.00 34.87 ? 98  TYR A CD1 1 
ATOM   760  C  CD2 . TYR A 1 98  ? -15.339 3.894   0.191   1.00 34.67 ? 98  TYR A CD2 1 
ATOM   761  C  CE1 . TYR A 1 98  ? -12.573 4.184   0.192   1.00 34.89 ? 98  TYR A CE1 1 
ATOM   762  C  CE2 . TYR A 1 98  ? -14.722 4.731   1.134   1.00 36.15 ? 98  TYR A CE2 1 
ATOM   763  C  CZ  . TYR A 1 98  ? -13.341 4.877   1.125   1.00 35.85 ? 98  TYR A CZ  1 
ATOM   764  O  OH  . TYR A 1 98  ? -12.733 5.715   2.047   1.00 34.59 ? 98  TYR A OH  1 
ATOM   765  N  N   . ASN A 1 99  ? -17.261 0.306   -3.082  1.00 36.91 ? 99  ASN A N   1 
ATOM   766  C  CA  . ASN A 1 99  ? -17.643 -0.347  -4.351  1.00 37.85 ? 99  ASN A CA  1 
ATOM   767  C  C   . ASN A 1 99  ? -16.562 -0.204  -5.411  1.00 37.87 ? 99  ASN A C   1 
ATOM   768  O  O   . ASN A 1 99  ? -15.996 0.878   -5.563  1.00 38.26 ? 99  ASN A O   1 
ATOM   769  C  CB  . ASN A 1 99  ? -18.920 0.288   -4.920  1.00 38.06 ? 99  ASN A CB  1 
ATOM   770  C  CG  . ASN A 1 99  ? -20.120 0.135   -4.004  1.00 39.79 ? 99  ASN A CG  1 
ATOM   771  O  OD1 . ASN A 1 99  ? -21.254 0.006   -4.477  1.00 43.23 ? 99  ASN A OD1 1 
ATOM   772  N  ND2 . ASN A 1 99  ? -19.895 0.181   -2.710  1.00 39.41 ? 99  ASN A ND2 1 
ATOM   773  N  N   . LYS A 1 100 ? -16.302 -1.283  -6.152  1.00 38.61 ? 100 LYS A N   1 
ATOM   774  C  CA  . LYS A 1 100 ? -15.296 -1.281  -7.223  1.00 39.37 ? 100 LYS A CA  1 
ATOM   775  C  C   . LYS A 1 100 ? -15.637 -0.294  -8.328  1.00 39.42 ? 100 LYS A C   1 
ATOM   776  O  O   . LYS A 1 100 ? -16.804 -0.192  -8.725  1.00 40.19 ? 100 LYS A O   1 
ATOM   777  C  CB  . LYS A 1 100 ? -15.072 -2.698  -7.796  1.00 39.62 ? 100 LYS A CB  1 
ATOM   778  C  CG  . LYS A 1 100 ? -16.193 -3.292  -8.672  1.00 40.81 ? 100 LYS A CG  1 
ATOM   779  C  CD  . LYS A 1 100 ? -15.998 -4.798  -8.840  1.00 39.87 ? 100 LYS A CD  1 
ATOM   780  C  CE  . LYS A 1 100 ? -17.065 -5.432  -9.728  1.00 41.82 ? 100 LYS A CE  1 
ATOM   781  N  NZ  . LYS A 1 100 ? -17.181 -6.913  -9.478  1.00 41.15 ? 100 LYS A NZ  1 
ATOM   782  N  N   . PRO A 1 101 ? -14.638 0.460   -8.816  1.00 39.10 ? 101 PRO A N   1 
ATOM   783  C  CA  . PRO A 1 101 ? -14.914 1.329   -9.955  1.00 38.59 ? 101 PRO A CA  1 
ATOM   784  C  C   . PRO A 1 101 ? -14.942 0.506   -11.250 1.00 38.96 ? 101 PRO A C   1 
ATOM   785  O  O   . PRO A 1 101 ? -14.733 -0.713  -11.212 1.00 38.22 ? 101 PRO A O   1 
ATOM   786  C  CB  . PRO A 1 101 ? -13.752 2.321   -9.941  1.00 38.85 ? 101 PRO A CB  1 
ATOM   787  C  CG  . PRO A 1 101 ? -12.660 1.639   -9.197  1.00 38.31 ? 101 PRO A CG  1 
ATOM   788  C  CD  . PRO A 1 101 ? -13.240 0.559   -8.346  1.00 38.85 ? 101 PRO A CD  1 
ATOM   789  N  N   . THR A 1 102 ? -15.253 1.141   -12.371 1.00 39.06 ? 102 THR A N   1 
ATOM   790  C  CA  . THR A 1 102 ? -15.190 0.437   -13.651 1.00 39.77 ? 102 THR A CA  1 
ATOM   791  C  C   . THR A 1 102 ? -13.971 0.940   -14.368 1.00 39.51 ? 102 THR A C   1 
ATOM   792  O  O   . THR A 1 102 ? -13.620 2.115   -14.266 1.00 40.14 ? 102 THR A O   1 
ATOM   793  C  CB  . THR A 1 102 ? -16.425 0.676   -14.548 1.00 39.94 ? 102 THR A CB  1 
ATOM   794  O  OG1 . THR A 1 102 ? -16.717 2.072   -14.565 1.00 42.18 ? 102 THR A OG1 1 
ATOM   795  C  CG2 . THR A 1 102 ? -17.642 -0.093  -14.039 1.00 40.18 ? 102 THR A CG2 1 
ATOM   796  N  N   . LEU A 1 103 ? -13.323 0.040   -15.096 1.00 39.77 ? 103 LEU A N   1 
ATOM   797  C  CA  . LEU A 1 103 ? -12.097 0.364   -15.807 1.00 39.54 ? 103 LEU A CA  1 
ATOM   798  C  C   . LEU A 1 103 ? -12.254 -0.069  -17.255 1.00 40.10 ? 103 LEU A C   1 
ATOM   799  O  O   . LEU A 1 103 ? -12.537 -1.228  -17.518 1.00 39.98 ? 103 LEU A O   1 
ATOM   800  C  CB  . LEU A 1 103 ? -10.925 -0.379  -15.163 1.00 39.44 ? 103 LEU A CB  1 
ATOM   801  C  CG  . LEU A 1 103 ? -9.573  -0.362  -15.885 1.00 38.84 ? 103 LEU A CG  1 
ATOM   802  C  CD1 . LEU A 1 103 ? -8.969  1.041   -15.879 1.00 36.75 ? 103 LEU A CD1 1 
ATOM   803  C  CD2 . LEU A 1 103 ? -8.633  -1.378  -15.244 1.00 39.12 ? 103 LEU A CD2 1 
ATOM   804  N  N   . SER A 1 104 ? -12.059 0.859   -18.179 1.00 40.64 ? 104 SER A N   1 
ATOM   805  C  CA  . SER A 1 104 ? -12.168 0.544   -19.600 1.00 42.52 ? 104 SER A CA  1 
ATOM   806  C  C   . SER A 1 104 ? -11.281 1.446   -20.452 1.00 43.20 ? 104 SER A C   1 
ATOM   807  O  O   . SER A 1 104 ? -10.764 2.455   -19.972 1.00 43.34 ? 104 SER A O   1 
ATOM   808  C  CB  . SER A 1 104 ? -13.622 0.682   -20.052 1.00 42.15 ? 104 SER A CB  1 
ATOM   809  O  OG  . SER A 1 104 ? -14.063 2.009   -19.815 1.00 43.78 ? 104 SER A OG  1 
ATOM   810  N  N   . ALA A 1 105 ? -11.108 1.048   -21.714 1.00 44.74 ? 105 ALA A N   1 
ATOM   811  C  CA  . ALA A 1 105 ? -10.462 1.856   -22.757 1.00 45.64 ? 105 ALA A CA  1 
ATOM   812  C  C   . ALA A 1 105 ? -11.492 2.739   -23.468 1.00 46.11 ? 105 ALA A C   1 
ATOM   813  O  O   . ALA A 1 105 ? -11.151 3.783   -24.043 1.00 47.24 ? 105 ALA A O   1 
ATOM   814  C  CB  . ALA A 1 105 ? -9.786  0.946   -23.761 1.00 45.60 ? 105 ALA A CB  1 
ATOM   815  N  N   . VAL A 1 117 ? -2.710  3.969   -25.326 1.00 55.53 ? 117 VAL A N   1 
ATOM   816  C  CA  . VAL A 1 117 ? -4.125  3.702   -25.051 1.00 55.50 ? 117 VAL A CA  1 
ATOM   817  C  C   . VAL A 1 117 ? -4.539  4.374   -23.737 1.00 55.14 ? 117 VAL A C   1 
ATOM   818  O  O   . VAL A 1 117 ? -3.885  4.190   -22.707 1.00 55.33 ? 117 VAL A O   1 
ATOM   819  C  CB  . VAL A 1 117 ? -4.416  2.169   -25.027 1.00 55.70 ? 117 VAL A CB  1 
ATOM   820  C  CG1 . VAL A 1 117 ? -5.748  1.848   -24.347 1.00 56.73 ? 117 VAL A CG1 1 
ATOM   821  C  CG2 . VAL A 1 117 ? -4.399  1.592   -26.443 1.00 55.98 ? 117 VAL A CG2 1 
ATOM   822  N  N   . THR A 1 118 ? -5.614  5.166   -23.783 1.00 54.56 ? 118 THR A N   1 
ATOM   823  C  CA  . THR A 1 118 ? -6.135  5.844   -22.588 1.00 53.79 ? 118 THR A CA  1 
ATOM   824  C  C   . THR A 1 118 ? -7.090  4.939   -21.806 1.00 53.12 ? 118 THR A C   1 
ATOM   825  O  O   . THR A 1 118 ? -8.032  4.370   -22.365 1.00 52.66 ? 118 THR A O   1 
ATOM   826  C  CB  . THR A 1 118 ? -6.810  7.206   -22.924 1.00 53.89 ? 118 THR A CB  1 
ATOM   827  O  OG1 . THR A 1 118 ? -5.811  8.155   -23.330 1.00 53.96 ? 118 THR A OG1 1 
ATOM   828  C  CG2 . THR A 1 118 ? -7.554  7.769   -21.712 1.00 53.59 ? 118 THR A CG2 1 
ATOM   829  N  N   . LEU A 1 119 ? -6.818  4.794   -20.512 1.00 52.26 ? 119 LEU A N   1 
ATOM   830  C  CA  . LEU A 1 119 ? -7.691  4.031   -19.639 1.00 51.29 ? 119 LEU A CA  1 
ATOM   831  C  C   . LEU A 1 119 ? -8.539  4.958   -18.786 1.00 50.49 ? 119 LEU A C   1 
ATOM   832  O  O   . LEU A 1 119 ? -8.066  5.999   -18.332 1.00 50.88 ? 119 LEU A O   1 
ATOM   833  C  CB  . LEU A 1 119 ? -6.879  3.072   -18.769 1.00 51.43 ? 119 LEU A CB  1 
ATOM   834  C  CG  . LEU A 1 119 ? -6.220  1.911   -19.519 1.00 51.08 ? 119 LEU A CG  1 
ATOM   835  C  CD1 . LEU A 1 119 ? -5.577  0.990   -18.523 1.00 51.10 ? 119 LEU A CD1 1 
ATOM   836  C  CD2 . LEU A 1 119 ? -7.243  1.153   -20.374 1.00 50.19 ? 119 LEU A CD2 1 
ATOM   837  N  N   . GLN A 1 120 ? -9.798  4.586   -18.586 1.00 49.43 ? 120 GLN A N   1 
ATOM   838  C  CA  . GLN A 1 120 ? -10.686 5.384   -17.769 1.00 48.68 ? 120 GLN A CA  1 
ATOM   839  C  C   . GLN A 1 120 ? -11.121 4.596   -16.544 1.00 47.53 ? 120 GLN A C   1 
ATOM   840  O  O   . GLN A 1 120 ? -11.755 3.541   -16.648 1.00 46.69 ? 120 GLN A O   1 
ATOM   841  C  CB  . GLN A 1 120 ? -11.893 5.870   -18.568 1.00 48.96 ? 120 GLN A CB  1 
ATOM   842  C  CG  . GLN A 1 120 ? -12.637 7.005   -17.892 1.00 50.75 ? 120 GLN A CG  1 
ATOM   843  C  CD  . GLN A 1 120 ? -13.760 7.566   -18.749 1.00 53.26 ? 120 GLN A CD  1 
ATOM   844  O  OE1 . GLN A 1 120 ? -14.802 6.928   -18.929 1.00 54.05 ? 120 GLN A OE1 1 
ATOM   845  N  NE2 . GLN A 1 120 ? -13.560 8.775   -19.269 1.00 54.01 ? 120 GLN A NE2 1 
ATOM   846  N  N   . CYS A 1 121 ? -10.727 5.105   -15.381 1.00 46.56 ? 121 CYS A N   1 
ATOM   847  C  CA  . CYS A 1 121 ? -11.207 4.573   -14.122 1.00 45.64 ? 121 CYS A CA  1 
ATOM   848  C  C   . CYS A 1 121 ? -12.289 5.552   -13.683 1.00 44.97 ? 121 CYS A C   1 
ATOM   849  O  O   . CYS A 1 121 ? -12.063 6.763   -13.647 1.00 45.00 ? 121 CYS A O   1 
ATOM   850  C  CB  . CYS A 1 121 ? -10.057 4.434   -13.105 1.00 45.41 ? 121 CYS A CB  1 
ATOM   851  S  SG  . CYS A 1 121 ? -10.471 3.521   -11.568 1.00 46.23 ? 121 CYS A SG  1 
ATOM   852  N  N   . GLY A 1 122 ? -13.483 5.043   -13.408 1.00 44.35 ? 122 GLY A N   1 
ATOM   853  C  CA  . GLY A 1 122 ? -14.583 5.926   -13.055 1.00 43.55 ? 122 GLY A CA  1 
ATOM   854  C  C   . GLY A 1 122 ? -15.619 5.314   -12.143 1.00 43.40 ? 122 GLY A C   1 
ATOM   855  O  O   . GLY A 1 122 ? -15.731 4.079   -12.031 1.00 42.82 ? 122 GLY A O   1 
ATOM   856  N  N   . SER A 1 123 ? -16.380 6.185   -11.488 1.00 42.89 ? 123 SER A N   1 
ATOM   857  C  CA  . SER A 1 123 ? -17.452 5.740   -10.616 1.00 43.36 ? 123 SER A CA  1 
ATOM   858  C  C   . SER A 1 123 ? -18.485 6.835   -10.372 1.00 43.57 ? 123 SER A C   1 
ATOM   859  O  O   . SER A 1 123 ? -18.192 8.031   -10.501 1.00 43.05 ? 123 SER A O   1 
ATOM   860  C  CB  . SER A 1 123 ? -16.900 5.250   -9.275  1.00 43.35 ? 123 SER A CB  1 
ATOM   861  O  OG  . SER A 1 123 ? -17.866 4.464   -8.607  1.00 43.76 ? 123 SER A OG  1 
ATOM   862  N  N   . ARG A 1 124 ? -19.693 6.390   -10.041 1.00 43.96 ? 124 ARG A N   1 
ATOM   863  C  CA  . ARG A 1 124 ? -20.746 7.257   -9.535  1.00 45.31 ? 124 ARG A CA  1 
ATOM   864  C  C   . ARG A 1 124 ? -20.453 7.562   -8.061  1.00 44.82 ? 124 ARG A C   1 
ATOM   865  O  O   . ARG A 1 124 ? -20.621 8.698   -7.606  1.00 44.83 ? 124 ARG A O   1 
ATOM   866  C  CB  . ARG A 1 124 ? -22.103 6.567   -9.694  1.00 45.52 ? 124 ARG A CB  1 
ATOM   867  C  CG  . ARG A 1 124 ? -22.136 5.584   -10.855 1.00 49.38 ? 124 ARG A CG  1 
ATOM   868  C  CD  . ARG A 1 124 ? -23.528 5.343   -11.406 1.00 55.33 ? 124 ARG A CD  1 
ATOM   869  N  NE  . ARG A 1 124 ? -23.959 6.423   -12.300 1.00 58.86 ? 124 ARG A NE  1 
ATOM   870  C  CZ  . ARG A 1 124 ? -24.804 6.267   -13.321 1.00 60.07 ? 124 ARG A CZ  1 
ATOM   871  N  NH1 . ARG A 1 124 ? -25.306 5.067   -13.595 1.00 61.23 ? 124 ARG A NH1 1 
ATOM   872  N  NH2 . ARG A 1 124 ? -25.143 7.307   -14.075 1.00 61.04 ? 124 ARG A NH2 1 
ATOM   873  N  N   . LEU A 1 125 ? -19.990 6.534   -7.339  1.00 44.28 ? 125 LEU A N   1 
ATOM   874  C  CA  . LEU A 1 125 ? -19.586 6.646   -5.943  1.00 43.75 ? 125 LEU A CA  1 
ATOM   875  C  C   . LEU A 1 125 ? -18.385 7.585   -5.841  1.00 43.53 ? 125 LEU A C   1 
ATOM   876  O  O   . LEU A 1 125 ? -17.452 7.523   -6.656  1.00 43.39 ? 125 LEU A O   1 
ATOM   877  C  CB  . LEU A 1 125 ? -19.242 5.258   -5.384  1.00 43.89 ? 125 LEU A CB  1 
ATOM   878  C  CG  . LEU A 1 125 ? -19.252 5.045   -3.865  1.00 44.07 ? 125 LEU A CG  1 
ATOM   879  C  CD1 . LEU A 1 125 ? -20.670 4.727   -3.366  1.00 45.17 ? 125 LEU A CD1 1 
ATOM   880  C  CD2 . LEU A 1 125 ? -18.293 3.934   -3.477  1.00 42.75 ? 125 LEU A CD2 1 
ATOM   881  N  N   . ARG A 1 126 ? -18.418 8.469   -4.854  1.00 43.08 ? 126 ARG A N   1 
ATOM   882  C  CA  . ARG A 1 126 ? -17.429 9.536   -4.757  1.00 42.97 ? 126 ARG A CA  1 
ATOM   883  C  C   . ARG A 1 126 ? -16.020 8.996   -4.456  1.00 41.79 ? 126 ARG A C   1 
ATOM   884  O  O   . ARG A 1 126 ? -15.871 8.068   -3.656  1.00 41.76 ? 126 ARG A O   1 
ATOM   885  C  CB  . ARG A 1 126 ? -17.860 10.551  -3.688  1.00 43.47 ? 126 ARG A CB  1 
ATOM   886  C  CG  . ARG A 1 126 ? -17.065 11.851  -3.706  1.00 46.16 ? 126 ARG A CG  1 
ATOM   887  C  CD  . ARG A 1 126 ? -17.371 12.702  -2.486  1.00 51.59 ? 126 ARG A CD  1 
ATOM   888  N  NE  . ARG A 1 126 ? -17.052 11.993  -1.249  1.00 54.64 ? 126 ARG A NE  1 
ATOM   889  C  CZ  . ARG A 1 126 ? -17.317 12.447  -0.028  1.00 56.98 ? 126 ARG A CZ  1 
ATOM   890  N  NH1 . ARG A 1 126 ? -17.920 13.628  0.139   1.00 57.60 ? 126 ARG A NH1 1 
ATOM   891  N  NH2 . ARG A 1 126 ? -16.979 11.716  1.032   1.00 57.88 ? 126 ARG A NH2 1 
ATOM   892  N  N   . PHE A 1 127 ? -15.009 9.566   -5.111  1.00 40.29 ? 127 PHE A N   1 
ATOM   893  C  CA  . PHE A 1 127 ? -13.596 9.285   -4.801  1.00 39.25 ? 127 PHE A CA  1 
ATOM   894  C  C   . PHE A 1 127 ? -12.772 10.539  -5.053  1.00 39.49 ? 127 PHE A C   1 
ATOM   895  O  O   . PHE A 1 127 ? -13.070 11.287  -5.967  1.00 40.30 ? 127 PHE A O   1 
ATOM   896  C  CB  . PHE A 1 127 ? -13.039 8.157   -5.693  1.00 38.31 ? 127 PHE A CB  1 
ATOM   897  C  CG  . PHE A 1 127 ? -13.648 6.799   -5.446  1.00 35.98 ? 127 PHE A CG  1 
ATOM   898  C  CD1 . PHE A 1 127 ? -14.367 6.157   -6.453  1.00 34.47 ? 127 PHE A CD1 1 
ATOM   899  C  CD2 . PHE A 1 127 ? -13.490 6.155   -4.225  1.00 34.92 ? 127 PHE A CD2 1 
ATOM   900  C  CE1 . PHE A 1 127 ? -14.919 4.890   -6.245  1.00 33.37 ? 127 PHE A CE1 1 
ATOM   901  C  CE2 . PHE A 1 127 ? -14.052 4.892   -4.005  1.00 34.27 ? 127 PHE A CE2 1 
ATOM   902  C  CZ  . PHE A 1 127 ? -14.766 4.262   -5.013  1.00 34.44 ? 127 PHE A CZ  1 
ATOM   903  N  N   . ASP A 1 128 ? -11.726 10.743  -4.262  1.00 39.67 ? 128 ASP A N   1 
ATOM   904  C  CA  . ASP A 1 128 ? -10.805 11.869  -4.414  1.00 39.75 ? 128 ASP A CA  1 
ATOM   905  C  C   . ASP A 1 128 ? -9.565  11.496  -5.222  1.00 39.36 ? 128 ASP A C   1 
ATOM   906  O  O   . ASP A 1 128 ? -8.887  12.365  -5.758  1.00 39.40 ? 128 ASP A O   1 
ATOM   907  C  CB  . ASP A 1 128 ? -10.391 12.390  -3.037  1.00 40.11 ? 128 ASP A CB  1 
ATOM   908  C  CG  . ASP A 1 128 ? -11.586 12.760  -2.188  1.00 41.48 ? 128 ASP A CG  1 
ATOM   909  O  OD1 . ASP A 1 128 ? -11.617 12.407  -0.991  1.00 41.53 ? 128 ASP A OD1 1 
ATOM   910  O  OD2 . ASP A 1 128 ? -12.523 13.382  -2.736  1.00 44.41 ? 128 ASP A OD2 1 
ATOM   911  N  N   . ARG A 1 129 ? -9.282  10.197  -5.301  1.00 38.57 ? 129 ARG A N   1 
ATOM   912  C  CA  . ARG A 1 129 ? -8.102  9.708   -5.979  1.00 38.07 ? 129 ARG A CA  1 
ATOM   913  C  C   . ARG A 1 129 ? -8.446  8.418   -6.713  1.00 37.12 ? 129 ARG A C   1 
ATOM   914  O  O   . ARG A 1 129 ? -9.263  7.630   -6.233  1.00 36.79 ? 129 ARG A O   1 
ATOM   915  C  CB  . ARG A 1 129 ? -7.009  9.436   -4.938  1.00 38.88 ? 129 ARG A CB  1 
ATOM   916  C  CG  . ARG A 1 129 ? -5.680  10.127  -5.219  1.00 40.56 ? 129 ARG A CG  1 
ATOM   917  C  CD  . ARG A 1 129 ? -4.806  10.136  -3.977  1.00 42.23 ? 129 ARG A CD  1 
ATOM   918  N  NE  . ARG A 1 129 ? -3.929  11.308  -3.912  1.00 45.91 ? 129 ARG A NE  1 
ATOM   919  C  CZ  . ARG A 1 129 ? -2.783  11.360  -3.223  1.00 46.66 ? 129 ARG A CZ  1 
ATOM   920  N  NH1 . ARG A 1 129 ? -2.053  12.472  -3.232  1.00 47.86 ? 129 ARG A NH1 1 
ATOM   921  N  NH2 . ARG A 1 129 ? -2.355  10.304  -2.533  1.00 47.33 ? 129 ARG A NH2 1 
ATOM   922  N  N   . PHE A 1 130 ? -7.822  8.202   -7.870  1.00 36.33 ? 130 PHE A N   1 
ATOM   923  C  CA  . PHE A 1 130 ? -7.857  6.887   -8.509  1.00 36.13 ? 130 PHE A CA  1 
ATOM   924  C  C   . PHE A 1 130 ? -6.454  6.314   -8.664  1.00 35.95 ? 130 PHE A C   1 
ATOM   925  O  O   . PHE A 1 130 ? -5.503  7.037   -9.001  1.00 35.83 ? 130 PHE A O   1 
ATOM   926  C  CB  . PHE A 1 130 ? -8.585  6.927   -9.848  1.00 36.14 ? 130 PHE A CB  1 
ATOM   927  C  CG  . PHE A 1 130 ? -10.065 7.063   -9.720  1.00 35.67 ? 130 PHE A CG  1 
ATOM   928  C  CD1 . PHE A 1 130 ? -10.848 5.979   -9.343  1.00 36.73 ? 130 PHE A CD1 1 
ATOM   929  C  CD2 . PHE A 1 130 ? -10.686 8.273   -9.988  1.00 37.01 ? 130 PHE A CD2 1 
ATOM   930  C  CE1 . PHE A 1 130 ? -12.236 6.097   -9.223  1.00 36.40 ? 130 PHE A CE1 1 
ATOM   931  C  CE2 . PHE A 1 130 ? -12.063 8.405   -9.871  1.00 34.80 ? 130 PHE A CE2 1 
ATOM   932  C  CZ  . PHE A 1 130 ? -12.844 7.321   -9.493  1.00 37.02 ? 130 PHE A CZ  1 
ATOM   933  N  N   . ILE A 1 131 ? -6.341  5.020   -8.381  1.00 35.50 ? 131 ILE A N   1 
ATOM   934  C  CA  . ILE A 1 131 ? -5.071  4.311   -8.472  1.00 35.75 ? 131 ILE A CA  1 
ATOM   935  C  C   . ILE A 1 131 ? -5.207  3.174   -9.479  1.00 35.93 ? 131 ILE A C   1 
ATOM   936  O  O   . ILE A 1 131 ? -6.071  2.309   -9.345  1.00 35.58 ? 131 ILE A O   1 
ATOM   937  C  CB  . ILE A 1 131 ? -4.581  3.765   -7.092  1.00 35.59 ? 131 ILE A CB  1 
ATOM   938  C  CG1 . ILE A 1 131 ? -4.744  4.807   -5.972  1.00 34.72 ? 131 ILE A CG1 1 
ATOM   939  C  CG2 . ILE A 1 131 ? -3.121  3.298   -7.187  1.00 36.03 ? 131 ILE A CG2 1 
ATOM   940  C  CD1 . ILE A 1 131 ? -6.030  4.675   -5.162  1.00 30.34 ? 131 ILE A CD1 1 
ATOM   941  N  N   . LEU A 1 132 ? -4.360  3.219   -10.496 1.00 36.76 ? 132 LEU A N   1 
ATOM   942  C  CA  . LEU A 1 132 ? -4.286  2.190   -11.521 1.00 37.71 ? 132 LEU A CA  1 
ATOM   943  C  C   . LEU A 1 132 ? -3.130  1.259   -11.172 1.00 38.53 ? 132 LEU A C   1 
ATOM   944  O  O   . LEU A 1 132 ? -2.025  1.725   -10.883 1.00 38.92 ? 132 LEU A O   1 
ATOM   945  C  CB  . LEU A 1 132 ? -4.053  2.848   -12.883 1.00 37.39 ? 132 LEU A CB  1 
ATOM   946  C  CG  . LEU A 1 132 ? -4.035  1.971   -14.131 1.00 36.91 ? 132 LEU A CG  1 
ATOM   947  C  CD1 . LEU A 1 132 ? -5.385  1.318   -14.389 1.00 35.66 ? 132 LEU A CD1 1 
ATOM   948  C  CD2 . LEU A 1 132 ? -3.611  2.805   -15.300 1.00 38.07 ? 132 LEU A CD2 1 
ATOM   949  N  N   . THR A 1 133 ? -3.371  -0.046  -11.182 1.00 39.64 ? 133 THR A N   1 
ATOM   950  C  CA  . THR A 1 133 ? -2.337  -1.000  -10.770 1.00 40.51 ? 133 THR A CA  1 
ATOM   951  C  C   . THR A 1 133 ? -2.127  -2.114  -11.795 1.00 41.71 ? 133 THR A C   1 
ATOM   952  O  O   . THR A 1 133 ? -3.085  -2.602  -12.399 1.00 40.77 ? 133 THR A O   1 
ATOM   953  C  CB  . THR A 1 133 ? -2.626  -1.629  -9.368  1.00 40.66 ? 133 THR A CB  1 
ATOM   954  O  OG1 . THR A 1 133 ? -3.841  -2.390  -9.405  1.00 40.69 ? 133 THR A OG1 1 
ATOM   955  C  CG2 . THR A 1 133 ? -2.737  -0.562  -8.270  1.00 38.98 ? 133 THR A CG2 1 
ATOM   956  N  N   . GLU A 1 134 ? -0.865  -2.509  -11.964 1.00 42.83 ? 134 GLU A N   1 
ATOM   957  C  CA  . GLU A 1 134 ? -0.471  -3.630  -12.823 1.00 44.47 ? 134 GLU A CA  1 
ATOM   958  C  C   . GLU A 1 134 ? -0.357  -4.939  -12.009 1.00 44.97 ? 134 GLU A C   1 
ATOM   959  O  O   . GLU A 1 134 ? 0.331   -4.971  -10.989 1.00 44.84 ? 134 GLU A O   1 
ATOM   960  C  CB  . GLU A 1 134 ? 0.832   -3.257  -13.554 1.00 44.51 ? 134 GLU A CB  1 
ATOM   961  C  CG  . GLU A 1 134 ? 1.611   -4.396  -14.227 1.00 47.15 ? 134 GLU A CG  1 
ATOM   962  C  CD  . GLU A 1 134 ? 0.794   -5.188  -15.228 1.00 49.48 ? 134 GLU A CD  1 
ATOM   963  O  OE1 . GLU A 1 134 ? 0.966   -6.427  -15.247 1.00 50.40 ? 134 GLU A OE1 1 
ATOM   964  O  OE2 . GLU A 1 134 ? -0.015  -4.589  -15.984 1.00 49.68 ? 134 GLU A OE2 1 
ATOM   965  N  N   . GLU A 1 135 ? -1.043  -6.000  -12.456 1.00 45.97 ? 135 GLU A N   1 
ATOM   966  C  CA  . GLU A 1 135 ? -1.071  -7.311  -11.760 1.00 47.22 ? 135 GLU A CA  1 
ATOM   967  C  C   . GLU A 1 135 ? 0.076   -8.257  -12.129 1.00 47.53 ? 135 GLU A C   1 
ATOM   968  O  O   . GLU A 1 135 ? 1.026   -7.875  -12.824 1.00 48.09 ? 135 GLU A O   1 
ATOM   969  C  CB  . GLU A 1 135 ? -2.399  -8.046  -12.004 1.00 47.91 ? 135 GLU A CB  1 
ATOM   970  C  CG  . GLU A 1 135 ? -3.620  -7.394  -11.360 1.00 50.02 ? 135 GLU A CG  1 
ATOM   971  C  CD  . GLU A 1 135 ? -4.481  -8.396  -10.603 1.00 53.30 ? 135 GLU A CD  1 
ATOM   972  O  OE1 . GLU A 1 135 ? -4.973  -9.369  -11.228 1.00 53.64 ? 135 GLU A OE1 1 
ATOM   973  O  OE2 . GLU A 1 135 ? -4.655  -8.207  -9.370  1.00 55.06 ? 135 GLU A OE2 1 
ATOM   974  N  N   . LYS A 1 139 ? 4.524   -5.375  -12.008 1.00 62.41 ? 139 LYS A N   1 
ATOM   975  C  CA  . LYS A 1 139 ? 3.906   -4.795  -10.816 1.00 62.33 ? 139 LYS A CA  1 
ATOM   976  C  C   . LYS A 1 139 ? 4.349   -3.349  -10.529 1.00 62.09 ? 139 LYS A C   1 
ATOM   977  O  O   . LYS A 1 139 ? 5.487   -3.088  -10.123 1.00 62.15 ? 139 LYS A O   1 
ATOM   978  C  CB  . LYS A 1 139 ? 4.059   -5.708  -9.586  1.00 62.54 ? 139 LYS A CB  1 
ATOM   979  C  CG  . LYS A 1 139 ? 5.242   -6.688  -9.621  1.00 63.12 ? 139 LYS A CG  1 
ATOM   980  C  CD  . LYS A 1 139 ? 6.508   -6.088  -9.010  1.00 63.75 ? 139 LYS A CD  1 
ATOM   981  C  CE  . LYS A 1 139 ? 7.496   -7.175  -8.633  1.00 64.23 ? 139 LYS A CE  1 
ATOM   982  N  NZ  . LYS A 1 139 ? 8.534   -6.679  -7.686  1.00 65.24 ? 139 LYS A NZ  1 
ATOM   983  N  N   . LEU A 1 140 ? 3.405   -2.432  -10.744 1.00 61.59 ? 140 LEU A N   1 
ATOM   984  C  CA  . LEU A 1 140 ? 3.590   -0.980  -10.686 1.00 60.84 ? 140 LEU A CA  1 
ATOM   985  C  C   . LEU A 1 140 ? 2.257   -0.328  -10.325 1.00 60.10 ? 140 LEU A C   1 
ATOM   986  O  O   . LEU A 1 140 ? 1.224   -1.003  -10.299 1.00 59.57 ? 140 LEU A O   1 
ATOM   987  C  CB  . LEU A 1 140 ? 4.040   -0.464  -12.055 1.00 61.15 ? 140 LEU A CB  1 
ATOM   988  C  CG  . LEU A 1 140 ? 5.510   -0.067  -12.212 1.00 61.89 ? 140 LEU A CG  1 
ATOM   989  C  CD1 . LEU A 1 140 ? 6.067   -0.519  -13.558 1.00 62.33 ? 140 LEU A CD1 1 
ATOM   990  C  CD2 . LEU A 1 140 ? 5.662   1.445   -12.032 1.00 63.27 ? 140 LEU A CD2 1 
ATOM   991  N  N   . SER A 1 141 ? 2.273   0.973   -10.048 1.00 59.39 ? 141 SER A N   1 
ATOM   992  C  CA  . SER A 1 141 ? 1.024   1.717   -9.858  1.00 58.74 ? 141 SER A CA  1 
ATOM   993  C  C   . SER A 1 141 ? 1.108   3.181   -10.309 1.00 58.20 ? 141 SER A C   1 
ATOM   994  O  O   . SER A 1 141 ? 2.198   3.731   -10.480 1.00 57.94 ? 141 SER A O   1 
ATOM   995  C  CB  . SER A 1 141 ? 0.505   1.598   -8.416  1.00 58.94 ? 141 SER A CB  1 
ATOM   996  O  OG  . SER A 1 141 ? 1.003   2.635   -7.598  1.00 59.71 ? 141 SER A OG  1 
ATOM   997  N  N   . TRP A 1 142 ? -0.060  3.785   -10.518 1.00 57.35 ? 142 TRP A N   1 
ATOM   998  C  CA  . TRP A 1 142 ? -0.184  5.164   -10.973 1.00 56.75 ? 142 TRP A CA  1 
ATOM   999  C  C   . TRP A 1 142 ? -1.326  5.807   -10.196 1.00 55.50 ? 142 TRP A C   1 
ATOM   1000 O  O   . TRP A 1 142 ? -2.440  5.283   -10.185 1.00 55.03 ? 142 TRP A O   1 
ATOM   1001 C  CB  . TRP A 1 142 ? -0.538  5.223   -12.463 1.00 57.99 ? 142 TRP A CB  1 
ATOM   1002 C  CG  . TRP A 1 142 ? 0.479   4.687   -13.436 1.00 59.39 ? 142 TRP A CG  1 
ATOM   1003 C  CD1 . TRP A 1 142 ? 0.821   3.374   -13.642 1.00 60.17 ? 142 TRP A CD1 1 
ATOM   1004 C  CD2 . TRP A 1 142 ? 1.241   5.453   -14.382 1.00 60.71 ? 142 TRP A CD2 1 
ATOM   1005 N  NE1 . TRP A 1 142 ? 1.770   3.283   -14.640 1.00 60.79 ? 142 TRP A NE1 1 
ATOM   1006 C  CE2 . TRP A 1 142 ? 2.043   4.542   -15.111 1.00 60.66 ? 142 TRP A CE2 1 
ATOM   1007 C  CE3 . TRP A 1 142 ? 1.327   6.825   -14.680 1.00 60.79 ? 142 TRP A CE3 1 
ATOM   1008 C  CZ2 . TRP A 1 142 ? 2.929   4.959   -16.123 1.00 60.95 ? 142 TRP A CZ2 1 
ATOM   1009 C  CZ3 . TRP A 1 142 ? 2.208   7.241   -15.689 1.00 60.64 ? 142 TRP A CZ3 1 
ATOM   1010 C  CH2 . TRP A 1 142 ? 2.998   6.309   -16.397 1.00 60.23 ? 142 TRP A CH2 1 
ATOM   1011 N  N   . THR A 1 143 ? -1.052  6.936   -9.554  1.00 54.14 ? 143 THR A N   1 
ATOM   1012 C  CA  . THR A 1 143 ? -2.068  7.652   -8.781  1.00 52.82 ? 143 THR A CA  1 
ATOM   1013 C  C   . THR A 1 143 ? -2.423  8.968   -9.470  1.00 51.83 ? 143 THR A C   1 
ATOM   1014 O  O   . THR A 1 143 ? -1.535  9.690   -9.931  1.00 51.87 ? 143 THR A O   1 
ATOM   1015 C  CB  . THR A 1 143 ? -1.604  7.899   -7.320  1.00 52.68 ? 143 THR A CB  1 
ATOM   1016 O  OG1 . THR A 1 143 ? -1.851  6.723   -6.535  1.00 52.80 ? 143 THR A OG1 1 
ATOM   1017 C  CG2 . THR A 1 143 ? -2.350  9.051   -6.699  1.00 52.41 ? 143 THR A CG2 1 
ATOM   1018 N  N   . LEU A 1 144 ? -3.718  9.255   -9.560  1.00 50.39 ? 144 LEU A N   1 
ATOM   1019 C  CA  . LEU A 1 144 ? -4.200  10.543  -10.053 1.00 49.35 ? 144 LEU A CA  1 
ATOM   1020 C  C   . LEU A 1 144 ? -5.365  11.068  -9.215  1.00 48.60 ? 144 LEU A C   1 
ATOM   1021 O  O   . LEU A 1 144 ? -6.181  10.294  -8.711  1.00 47.60 ? 144 LEU A O   1 
ATOM   1022 C  CB  . LEU A 1 144 ? -4.616  10.466  -11.528 1.00 49.46 ? 144 LEU A CB  1 
ATOM   1023 C  CG  . LEU A 1 144 ? -3.545  10.547  -12.627 1.00 49.68 ? 144 LEU A CG  1 
ATOM   1024 C  CD1 . LEU A 1 144 ? -4.180  10.279  -13.984 1.00 49.78 ? 144 LEU A CD1 1 
ATOM   1025 C  CD2 . LEU A 1 144 ? -2.796  11.889  -12.646 1.00 49.57 ? 144 LEU A CD2 1 
ATOM   1026 N  N   . ASP A 1 145 ? -5.417  12.390  -9.065  1.00 47.78 ? 145 ASP A N   1 
ATOM   1027 C  CA  . ASP A 1 145 ? -6.576  13.061  -8.486  1.00 47.76 ? 145 ASP A CA  1 
ATOM   1028 C  C   . ASP A 1 145 ? -7.777  12.786  -9.375  1.00 47.49 ? 145 ASP A C   1 
ATOM   1029 O  O   . ASP A 1 145 ? -7.646  12.736  -10.604 1.00 47.35 ? 145 ASP A O   1 
ATOM   1030 C  CB  . ASP A 1 145 ? -6.348  14.577  -8.397  1.00 47.51 ? 145 ASP A CB  1 
ATOM   1031 C  CG  . ASP A 1 145 ? -5.322  14.967  -7.336  1.00 47.57 ? 145 ASP A CG  1 
ATOM   1032 O  OD1 . ASP A 1 145 ? -4.958  16.135  -7.227  1.00 47.44 ? 145 ASP A OD1 1 
ATOM   1033 O  OD2 . ASP A 1 145 ? -4.864  13.998  -6.551  1.00 45.91 ? 145 ASP A OD2 1 
ATOM   1034 N  N   . SER A 1 146 ? -8.938  12.598  -8.762  1.00 47.43 ? 146 SER A N   1 
ATOM   1035 C  CA  . SER A 1 146 ? -10.146 12.366  -9.541  1.00 47.75 ? 146 SER A CA  1 
ATOM   1036 C  C   . SER A 1 146 ? -10.680 13.690  -10.066 1.00 48.84 ? 146 SER A C   1 
ATOM   1037 O  O   . SER A 1 146 ? -10.261 14.765  -9.636  1.00 48.63 ? 146 SER A O   1 
ATOM   1038 C  CB  . SER A 1 146 ? -11.211 11.701  -8.686  1.00 47.51 ? 146 SER A CB  1 
ATOM   1039 O  OG  . SER A 1 146 ? -11.699 12.626  -7.744  1.00 45.74 ? 146 SER A OG  1 
ATOM   1040 N  N   . GLN A 1 147 ? -11.623 13.600  -10.992 1.00 50.01 ? 147 GLN A N   1 
ATOM   1041 C  CA  . GLN A 1 147 ? -12.367 14.757  -11.453 1.00 51.40 ? 147 GLN A CA  1 
ATOM   1042 C  C   . GLN A 1 147 ? -13.805 14.338  -11.604 1.00 51.89 ? 147 GLN A C   1 
ATOM   1043 O  O   . GLN A 1 147 ? -14.086 13.223  -12.047 1.00 51.82 ? 147 GLN A O   1 
ATOM   1044 C  CB  . GLN A 1 147 ? -11.815 15.252  -12.785 1.00 51.71 ? 147 GLN A CB  1 
ATOM   1045 C  CG  . GLN A 1 147 ? -10.653 16.204  -12.620 1.00 53.63 ? 147 GLN A CG  1 
ATOM   1046 C  CD  . GLN A 1 147 ? -9.562  15.940  -13.615 1.00 55.90 ? 147 GLN A CD  1 
ATOM   1047 O  OE1 . GLN A 1 147 ? -9.788  15.971  -14.825 1.00 58.54 ? 147 GLN A OE1 1 
ATOM   1048 N  NE2 . GLN A 1 147 ? -8.364  15.679  -13.116 1.00 57.20 ? 147 GLN A NE2 1 
ATOM   1049 N  N   . LEU A 1 148 ? -14.725 15.205  -11.198 1.00 52.50 ? 148 LEU A N   1 
ATOM   1050 C  CA  . LEU A 1 148 ? -16.126 14.922  -11.461 1.00 53.11 ? 148 LEU A CA  1 
ATOM   1051 C  C   . LEU A 1 148 ? -16.566 15.652  -12.716 1.00 53.04 ? 148 LEU A C   1 
ATOM   1052 O  O   . LEU A 1 148 ? -16.286 16.842  -12.903 1.00 53.13 ? 148 LEU A O   1 
ATOM   1053 C  CB  . LEU A 1 148 ? -17.042 15.219  -10.271 1.00 53.42 ? 148 LEU A CB  1 
ATOM   1054 C  CG  . LEU A 1 148 ? -16.991 16.573  -9.572  1.00 54.49 ? 148 LEU A CG  1 
ATOM   1055 C  CD1 . LEU A 1 148 ? -18.374 16.871  -8.989  1.00 54.53 ? 148 LEU A CD1 1 
ATOM   1056 C  CD2 . LEU A 1 148 ? -15.885 16.615  -8.498  1.00 55.40 ? 148 LEU A CD2 1 
ATOM   1057 N  N   . THR A 1 149 ? -17.215 14.904  -13.591 1.00 53.02 ? 149 THR A N   1 
ATOM   1058 C  CA  . THR A 1 149 ? -17.717 15.434  -14.839 1.00 52.89 ? 149 THR A CA  1 
ATOM   1059 C  C   . THR A 1 149 ? -19.057 16.107  -14.529 1.00 52.85 ? 149 THR A C   1 
ATOM   1060 O  O   . THR A 1 149 ? -19.729 15.709  -13.568 1.00 52.62 ? 149 THR A O   1 
ATOM   1061 C  CB  . THR A 1 149 ? -17.913 14.291  -15.848 1.00 52.88 ? 149 THR A CB  1 
ATOM   1062 O  OG1 . THR A 1 149 ? -18.886 13.374  -15.340 1.00 52.58 ? 149 THR A OG1 1 
ATOM   1063 C  CG2 . THR A 1 149 ? -16.594 13.549  -16.072 1.00 53.24 ? 149 THR A CG2 1 
ATOM   1064 N  N   . PRO A 1 150 ? -19.454 17.131  -15.327 1.00 52.90 ? 150 PRO A N   1 
ATOM   1065 C  CA  . PRO A 1 150 ? -20.766 17.774  -15.107 1.00 52.73 ? 150 PRO A CA  1 
ATOM   1066 C  C   . PRO A 1 150 ? -21.956 16.799  -14.981 1.00 52.25 ? 150 PRO A C   1 
ATOM   1067 O  O   . PRO A 1 150 ? -22.949 17.136  -14.327 1.00 52.45 ? 150 PRO A O   1 
ATOM   1068 C  CB  . PRO A 1 150 ? -20.931 18.692  -16.326 1.00 52.70 ? 150 PRO A CB  1 
ATOM   1069 C  CG  . PRO A 1 150 ? -19.820 18.352  -17.252 1.00 53.10 ? 150 PRO A CG  1 
ATOM   1070 C  CD  . PRO A 1 150 ? -18.725 17.761  -16.440 1.00 52.79 ? 150 PRO A CD  1 
ATOM   1071 N  N   . SER A 1 151 ? -21.847 15.607  -15.571 1.00 51.71 ? 151 SER A N   1 
ATOM   1072 C  CA  . SER A 1 151 ? -22.894 14.585  -15.456 1.00 51.36 ? 151 SER A CA  1 
ATOM   1073 C  C   . SER A 1 151 ? -22.760 13.705  -14.204 1.00 51.68 ? 151 SER A C   1 
ATOM   1074 O  O   . SER A 1 151 ? -23.546 12.764  -14.001 1.00 51.31 ? 151 SER A O   1 
ATOM   1075 C  CB  . SER A 1 151 ? -22.929 13.714  -16.709 1.00 51.09 ? 151 SER A CB  1 
ATOM   1076 O  OG  . SER A 1 151 ? -21.703 13.029  -16.858 1.00 51.32 ? 151 SER A OG  1 
ATOM   1077 N  N   . GLY A 1 152 ? -21.756 14.003  -13.378 1.00 51.58 ? 152 GLY A N   1 
ATOM   1078 C  CA  . GLY A 1 152 ? -21.623 13.378  -12.056 1.00 51.62 ? 152 GLY A CA  1 
ATOM   1079 C  C   . GLY A 1 152 ? -20.870 12.058  -11.996 1.00 51.34 ? 152 GLY A C   1 
ATOM   1080 O  O   . GLY A 1 152 ? -21.199 11.181  -11.195 1.00 51.46 ? 152 GLY A O   1 
ATOM   1081 N  N   . GLN A 1 153 ? -19.860 11.908  -12.845 1.00 50.81 ? 153 GLN A N   1 
ATOM   1082 C  CA  . GLN A 1 153 ? -18.975 10.759  -12.751 1.00 50.24 ? 153 GLN A CA  1 
ATOM   1083 C  C   . GLN A 1 153 ? -17.652 11.229  -12.162 1.00 49.27 ? 153 GLN A C   1 
ATOM   1084 O  O   . GLN A 1 153 ? -17.119 12.273  -12.541 1.00 48.67 ? 153 GLN A O   1 
ATOM   1085 C  CB  . GLN A 1 153 ? -18.758 10.097  -14.118 1.00 50.75 ? 153 GLN A CB  1 
ATOM   1086 C  CG  . GLN A 1 153 ? -20.044 9.609   -14.806 1.00 52.67 ? 153 GLN A CG  1 
ATOM   1087 C  CD  . GLN A 1 153 ? -20.483 8.218   -14.358 1.00 55.21 ? 153 GLN A CD  1 
ATOM   1088 O  OE1 . GLN A 1 153 ? -21.659 8.003   -14.024 1.00 55.90 ? 153 GLN A OE1 1 
ATOM   1089 N  NE2 . GLN A 1 153 ? -19.543 7.261   -14.359 1.00 55.43 ? 153 GLN A NE2 1 
ATOM   1090 N  N   . PHE A 1 154 ? -17.143 10.469  -11.208 1.00 48.30 ? 154 PHE A N   1 
ATOM   1091 C  CA  . PHE A 1 154 ? -15.804 10.711  -10.721 1.00 47.44 ? 154 PHE A CA  1 
ATOM   1092 C  C   . PHE A 1 154 ? -14.922 9.841   -11.590 1.00 47.52 ? 154 PHE A C   1 
ATOM   1093 O  O   . PHE A 1 154 ? -15.231 8.671   -11.804 1.00 47.28 ? 154 PHE A O   1 
ATOM   1094 C  CB  . PHE A 1 154 ? -15.698 10.373  -9.234  1.00 46.75 ? 154 PHE A CB  1 
ATOM   1095 C  CG  . PHE A 1 154 ? -16.581 11.233  -8.369  1.00 46.24 ? 154 PHE A CG  1 
ATOM   1096 C  CD1 . PHE A 1 154 ? -17.903 10.859  -8.110  1.00 44.30 ? 154 PHE A CD1 1 
ATOM   1097 C  CD2 . PHE A 1 154 ? -16.099 12.442  -7.839  1.00 44.85 ? 154 PHE A CD2 1 
ATOM   1098 C  CE1 . PHE A 1 154 ? -18.730 11.665  -7.324  1.00 44.19 ? 154 PHE A CE1 1 
ATOM   1099 C  CE2 . PHE A 1 154 ? -16.924 13.254  -7.052  1.00 44.63 ? 154 PHE A CE2 1 
ATOM   1100 C  CZ  . PHE A 1 154 ? -18.235 12.862  -6.791  1.00 44.57 ? 154 PHE A CZ  1 
ATOM   1101 N  N   . GLN A 1 155 ? -13.870 10.432  -12.142 1.00 47.47 ? 155 GLN A N   1 
ATOM   1102 C  CA  . GLN A 1 155 ? -13.008 9.719   -13.074 1.00 48.05 ? 155 GLN A CA  1 
ATOM   1103 C  C   . GLN A 1 155 ? -11.581 10.255  -13.098 1.00 47.97 ? 155 GLN A C   1 
ATOM   1104 O  O   . GLN A 1 155 ? -11.304 11.373  -12.648 1.00 47.96 ? 155 GLN A O   1 
ATOM   1105 C  CB  . GLN A 1 155 ? -13.614 9.706   -14.497 1.00 48.30 ? 155 GLN A CB  1 
ATOM   1106 C  CG  . GLN A 1 155 ? -13.613 11.063  -15.202 1.00 48.89 ? 155 GLN A CG  1 
ATOM   1107 C  CD  . GLN A 1 155 ? -14.060 10.981  -16.650 1.00 48.94 ? 155 GLN A CD  1 
ATOM   1108 O  OE1 . GLN A 1 155 ? -13.393 11.513  -17.539 1.00 51.01 ? 155 GLN A OE1 1 
ATOM   1109 N  NE2 . GLN A 1 155 ? -15.186 10.309  -16.895 1.00 48.60 ? 155 GLN A NE2 1 
ATOM   1110 N  N   . ALA A 1 156 ? -10.686 9.416   -13.604 1.00 47.76 ? 156 ALA A N   1 
ATOM   1111 C  CA  . ALA A 1 156 ? -9.320  9.787   -13.927 1.00 48.13 ? 156 ALA A CA  1 
ATOM   1112 C  C   . ALA A 1 156 ? -8.981  9.111   -15.258 1.00 48.36 ? 156 ALA A C   1 
ATOM   1113 O  O   . ALA A 1 156 ? -9.518  8.043   -15.578 1.00 47.80 ? 156 ALA A O   1 
ATOM   1114 C  CB  . ALA A 1 156 ? -8.369  9.337   -12.829 1.00 47.64 ? 156 ALA A CB  1 
ATOM   1115 N  N   . LEU A 1 157 ? -8.100  9.748   -16.023 1.00 48.99 ? 157 LEU A N   1 
ATOM   1116 C  CA  . LEU A 1 157 ? -7.674  9.242   -17.323 1.00 49.75 ? 157 LEU A CA  1 
ATOM   1117 C  C   . LEU A 1 157 ? -6.178  8.895   -17.329 1.00 50.45 ? 157 LEU A C   1 
ATOM   1118 O  O   . LEU A 1 157 ? -5.314  9.766   -17.178 1.00 50.59 ? 157 LEU A O   1 
ATOM   1119 C  CB  . LEU A 1 157 ? -8.023  10.260  -18.426 1.00 49.73 ? 157 LEU A CB  1 
ATOM   1120 C  CG  . LEU A 1 157 ? -9.517  10.579  -18.577 1.00 48.81 ? 157 LEU A CG  1 
ATOM   1121 C  CD1 . LEU A 1 157 ? -9.748  11.754  -19.497 1.00 48.87 ? 157 LEU A CD1 1 
ATOM   1122 C  CD2 . LEU A 1 157 ? -10.247 9.360   -19.085 1.00 48.15 ? 157 LEU A CD2 1 
ATOM   1123 N  N   . PHE A 1 158 ? -5.885  7.609   -17.481 1.00 51.49 ? 158 PHE A N   1 
ATOM   1124 C  CA  . PHE A 1 158 ? -4.514  7.121   -17.431 1.00 52.65 ? 158 PHE A CA  1 
ATOM   1125 C  C   . PHE A 1 158 ? -4.002  6.701   -18.819 1.00 54.11 ? 158 PHE A C   1 
ATOM   1126 O  O   . PHE A 1 158 ? -4.501  5.722   -19.391 1.00 53.91 ? 158 PHE A O   1 
ATOM   1127 C  CB  . PHE A 1 158 ? -4.402  5.928   -16.477 1.00 52.23 ? 158 PHE A CB  1 
ATOM   1128 C  CG  . PHE A 1 158 ? -4.776  6.233   -15.043 1.00 51.23 ? 158 PHE A CG  1 
ATOM   1129 C  CD1 . PHE A 1 158 ? -6.081  6.049   -14.594 1.00 50.26 ? 158 PHE A CD1 1 
ATOM   1130 C  CD2 . PHE A 1 158 ? -3.815  6.661   -14.136 1.00 50.57 ? 158 PHE A CD2 1 
ATOM   1131 C  CE1 . PHE A 1 158 ? -6.430  6.306   -13.272 1.00 50.00 ? 158 PHE A CE1 1 
ATOM   1132 C  CE2 . PHE A 1 158 ? -4.157  6.920   -12.812 1.00 50.22 ? 158 PHE A CE2 1 
ATOM   1133 C  CZ  . PHE A 1 158 ? -5.470  6.742   -12.381 1.00 50.02 ? 158 PHE A CZ  1 
ATOM   1134 N  N   . PRO A 1 159 ? -3.016  7.448   -19.369 1.00 55.65 ? 159 PRO A N   1 
ATOM   1135 C  CA  . PRO A 1 159 ? -2.242  6.964   -20.522 1.00 56.82 ? 159 PRO A CA  1 
ATOM   1136 C  C   . PRO A 1 159 ? -1.387  5.755   -20.128 1.00 58.21 ? 159 PRO A C   1 
ATOM   1137 O  O   . PRO A 1 159 ? -0.859  5.698   -19.008 1.00 58.56 ? 159 PRO A O   1 
ATOM   1138 C  CB  . PRO A 1 159 ? -1.341  8.155   -20.867 1.00 56.69 ? 159 PRO A CB  1 
ATOM   1139 C  CG  . PRO A 1 159 ? -1.991  9.339   -20.230 1.00 56.11 ? 159 PRO A CG  1 
ATOM   1140 C  CD  . PRO A 1 159 ? -2.596  8.805   -18.973 1.00 55.90 ? 159 PRO A CD  1 
ATOM   1141 N  N   . VAL A 1 160 ? -1.249  4.801   -21.039 1.00 59.61 ? 160 VAL A N   1 
ATOM   1142 C  CA  . VAL A 1 160 ? -0.546  3.566   -20.729 1.00 61.15 ? 160 VAL A CA  1 
ATOM   1143 C  C   . VAL A 1 160 ? 0.892   3.504   -21.285 1.00 61.97 ? 160 VAL A C   1 
ATOM   1144 O  O   . VAL A 1 160 ? 1.846   3.299   -20.513 1.00 62.52 ? 160 VAL A O   1 
ATOM   1145 C  CB  . VAL A 1 160 ? -1.429  2.345   -21.052 1.00 61.19 ? 160 VAL A CB  1 
ATOM   1146 C  CG1 . VAL A 1 160 ? -0.633  1.215   -21.695 1.00 62.11 ? 160 VAL A CG1 1 
ATOM   1147 C  CG2 . VAL A 1 160 ? -2.133  1.883   -19.781 1.00 61.40 ? 160 VAL A CG2 1 
ATOM   1148 N  N   . GLY A 1 161 ? 1.062   3.704   -22.592 1.00 62.49 ? 161 GLY A N   1 
ATOM   1149 C  CA  . GLY A 1 161 ? 2.412   3.857   -23.162 1.00 63.08 ? 161 GLY A CA  1 
ATOM   1150 C  C   . GLY A 1 161 ? 2.744   2.982   -24.363 1.00 63.25 ? 161 GLY A C   1 
ATOM   1151 O  O   . GLY A 1 161 ? 2.391   3.328   -25.499 1.00 63.67 ? 161 GLY A O   1 
ATOM   1152 N  N   . PRO A 1 162 ? 3.487   1.878   -24.141 1.00 63.10 ? 162 PRO A N   1 
ATOM   1153 C  CA  . PRO A 1 162 ? 3.597   0.873   -25.192 1.00 62.78 ? 162 PRO A CA  1 
ATOM   1154 C  C   . PRO A 1 162 ? 2.607   -0.274  -24.991 1.00 62.49 ? 162 PRO A C   1 
ATOM   1155 O  O   . PRO A 1 162 ? 2.729   -1.043  -24.031 1.00 62.67 ? 162 PRO A O   1 
ATOM   1156 C  CB  . PRO A 1 162 ? 5.055   0.381   -25.057 1.00 62.85 ? 162 PRO A CB  1 
ATOM   1157 C  CG  . PRO A 1 162 ? 5.519   0.830   -23.646 1.00 63.10 ? 162 PRO A CG  1 
ATOM   1158 C  CD  . PRO A 1 162 ? 4.332   1.531   -22.984 1.00 63.15 ? 162 PRO A CD  1 
ATOM   1159 N  N   . VAL A 1 163 ? 1.614   -0.367  -25.874 1.00 62.12 ? 163 VAL A N   1 
ATOM   1160 C  CA  . VAL A 1 163 ? 0.764   -1.560  -25.944 1.00 61.74 ? 163 VAL A CA  1 
ATOM   1161 C  C   . VAL A 1 163 ? 1.325   -2.441  -27.053 1.00 61.31 ? 163 VAL A C   1 
ATOM   1162 O  O   . VAL A 1 163 ? 1.443   -2.011  -28.207 1.00 61.67 ? 163 VAL A O   1 
ATOM   1163 C  CB  . VAL A 1 163 ? -0.741  -1.236  -26.195 1.00 61.75 ? 163 VAL A CB  1 
ATOM   1164 C  CG1 . VAL A 1 163 ? -1.585  -2.506  -26.130 1.00 61.49 ? 163 VAL A CG1 1 
ATOM   1165 C  CG2 . VAL A 1 163 ? -1.254  -0.223  -25.175 1.00 61.92 ? 163 VAL A CG2 1 
ATOM   1166 N  N   . THR A 1 164 ? 1.701   -3.663  -26.686 1.00 60.56 ? 164 THR A N   1 
ATOM   1167 C  CA  . THR A 1 164 ? 2.390   -4.583  -27.596 1.00 59.65 ? 164 THR A CA  1 
ATOM   1168 C  C   . THR A 1 164 ? 2.133   -6.034  -27.170 1.00 59.19 ? 164 THR A C   1 
ATOM   1169 O  O   . THR A 1 164 ? 1.930   -6.298  -25.978 1.00 58.94 ? 164 THR A O   1 
ATOM   1170 C  CB  . THR A 1 164 ? 3.912   -4.282  -27.648 1.00 59.68 ? 164 THR A CB  1 
ATOM   1171 O  OG1 . THR A 1 164 ? 4.631   -5.461  -28.018 1.00 59.43 ? 164 THR A OG1 1 
ATOM   1172 C  CG2 . THR A 1 164 ? 4.424   -3.804  -26.292 1.00 59.41 ? 164 THR A CG2 1 
ATOM   1173 N  N   . PRO A 1 165 ? 2.103   -6.980  -28.139 1.00 58.59 ? 165 PRO A N   1 
ATOM   1174 C  CA  . PRO A 1 165 ? 1.986   -8.382  -27.737 1.00 58.13 ? 165 PRO A CA  1 
ATOM   1175 C  C   . PRO A 1 165 ? 3.141   -8.840  -26.844 1.00 57.72 ? 165 PRO A C   1 
ATOM   1176 O  O   . PRO A 1 165 ? 3.008   -9.838  -26.139 1.00 57.73 ? 165 PRO A O   1 
ATOM   1177 C  CB  . PRO A 1 165 ? 2.005   -9.144  -29.074 1.00 58.12 ? 165 PRO A CB  1 
ATOM   1178 C  CG  . PRO A 1 165 ? 2.557   -8.190  -30.069 1.00 58.44 ? 165 PRO A CG  1 
ATOM   1179 C  CD  . PRO A 1 165 ? 2.123   -6.834  -29.605 1.00 58.57 ? 165 PRO A CD  1 
ATOM   1180 N  N   . SER A 1 166 ? 4.254   -8.108  -26.870 1.00 56.98 ? 166 SER A N   1 
ATOM   1181 C  CA  . SER A 1 166 ? 5.420   -8.441  -26.053 1.00 56.74 ? 166 SER A CA  1 
ATOM   1182 C  C   . SER A 1 166 ? 5.268   -7.968  -24.607 1.00 56.43 ? 166 SER A C   1 
ATOM   1183 O  O   . SER A 1 166 ? 5.807   -8.591  -23.686 1.00 56.19 ? 166 SER A O   1 
ATOM   1184 C  CB  . SER A 1 166 ? 6.688   -7.859  -26.676 1.00 56.71 ? 166 SER A CB  1 
ATOM   1185 O  OG  . SER A 1 166 ? 7.110   -8.649  -27.774 1.00 57.37 ? 166 SER A OG  1 
ATOM   1186 N  N   . HIS A 1 167 ? 4.528   -6.868  -24.431 1.00 56.18 ? 167 HIS A N   1 
ATOM   1187 C  CA  . HIS A 1 167 ? 4.229   -6.290  -23.111 1.00 55.80 ? 167 HIS A CA  1 
ATOM   1188 C  C   . HIS A 1 167 ? 2.718   -6.065  -22.951 1.00 54.52 ? 167 HIS A C   1 
ATOM   1189 O  O   . HIS A 1 167 ? 2.193   -4.989  -23.267 1.00 54.81 ? 167 HIS A O   1 
ATOM   1190 C  CB  . HIS A 1 167 ? 4.983   -4.964  -22.900 1.00 56.38 ? 167 HIS A CB  1 
ATOM   1191 C  CG  . HIS A 1 167 ? 6.389   -4.972  -23.423 1.00 58.88 ? 167 HIS A CG  1 
ATOM   1192 N  ND1 . HIS A 1 167 ? 7.353   -5.846  -22.962 1.00 60.16 ? 167 HIS A ND1 1 
ATOM   1193 C  CD2 . HIS A 1 167 ? 6.994   -4.208  -24.365 1.00 60.96 ? 167 HIS A CD2 1 
ATOM   1194 C  CE1 . HIS A 1 167 ? 8.487   -5.625  -23.605 1.00 61.75 ? 167 HIS A CE1 1 
ATOM   1195 N  NE2 . HIS A 1 167 ? 8.296   -4.636  -24.461 1.00 61.71 ? 167 HIS A NE2 1 
ATOM   1196 N  N   . ARG A 1 168 ? 2.023   -7.100  -22.487 1.00 52.97 ? 168 ARG A N   1 
ATOM   1197 C  CA  . ARG A 1 168 ? 0.584   -7.030  -22.232 1.00 51.68 ? 168 ARG A CA  1 
ATOM   1198 C  C   . ARG A 1 168 ? 0.335   -6.662  -20.780 1.00 50.63 ? 168 ARG A C   1 
ATOM   1199 O  O   . ARG A 1 168 ? 1.067   -7.080  -19.884 1.00 50.45 ? 168 ARG A O   1 
ATOM   1200 C  CB  . ARG A 1 168 ? -0.093  -8.357  -22.549 1.00 51.37 ? 168 ARG A CB  1 
ATOM   1201 C  CG  . ARG A 1 168 ? 0.072   -8.788  -23.988 1.00 52.04 ? 168 ARG A CG  1 
ATOM   1202 C  CD  . ARG A 1 168 ? -0.017  -10.287 -24.132 1.00 52.22 ? 168 ARG A CD  1 
ATOM   1203 N  NE  . ARG A 1 168 ? 0.064   -10.687 -25.535 1.00 52.64 ? 168 ARG A NE  1 
ATOM   1204 C  CZ  . ARG A 1 168 ? -0.980  -10.745 -26.357 1.00 53.13 ? 168 ARG A CZ  1 
ATOM   1205 N  NH1 . ARG A 1 168 ? -0.818  -11.125 -27.620 1.00 53.52 ? 168 ARG A NH1 1 
ATOM   1206 N  NH2 . ARG A 1 168 ? -2.191  -10.430 -25.922 1.00 53.39 ? 168 ARG A NH2 1 
ATOM   1207 N  N   . TRP A 1 169 ? -0.714  -5.887  -20.556 1.00 49.61 ? 169 TRP A N   1 
ATOM   1208 C  CA  . TRP A 1 169 ? -1.017  -5.362  -19.231 1.00 48.03 ? 169 TRP A CA  1 
ATOM   1209 C  C   . TRP A 1 169 ? -2.137  -6.166  -18.591 1.00 46.70 ? 169 TRP A C   1 
ATOM   1210 O  O   . TRP A 1 169 ? -3.074  -6.624  -19.270 1.00 46.04 ? 169 TRP A O   1 
ATOM   1211 C  CB  . TRP A 1 169 ? -1.416  -3.892  -19.320 1.00 49.10 ? 169 TRP A CB  1 
ATOM   1212 C  CG  . TRP A 1 169 ? -0.459  -3.040  -20.112 1.00 50.18 ? 169 TRP A CG  1 
ATOM   1213 C  CD1 . TRP A 1 169 ? -0.322  -3.004  -21.478 1.00 52.10 ? 169 TRP A CD1 1 
ATOM   1214 C  CD2 . TRP A 1 169 ? 0.475   -2.081  -19.592 1.00 51.71 ? 169 TRP A CD2 1 
ATOM   1215 N  NE1 . TRP A 1 169 ? 0.653   -2.092  -21.838 1.00 51.70 ? 169 TRP A NE1 1 
ATOM   1216 C  CE2 . TRP A 1 169 ? 1.157   -1.513  -20.700 1.00 52.33 ? 169 TRP A CE2 1 
ATOM   1217 C  CE3 . TRP A 1 169 ? 0.810   -1.652  -18.301 1.00 52.86 ? 169 TRP A CE3 1 
ATOM   1218 C  CZ2 . TRP A 1 169 ? 2.150   -0.536  -20.551 1.00 51.32 ? 169 TRP A CZ2 1 
ATOM   1219 C  CZ3 . TRP A 1 169 ? 1.798   -0.677  -18.155 1.00 52.18 ? 169 TRP A CZ3 1 
ATOM   1220 C  CH2 . TRP A 1 169 ? 2.453   -0.130  -19.278 1.00 51.60 ? 169 TRP A CH2 1 
HETATM 1221 N  N   . MSE A 1 170 ? -2.010  -6.379  -17.286 1.00 44.79 ? 170 MSE A N   1 
HETATM 1222 C  CA  . MSE A 1 170 ? -3.087  -6.965  -16.502 1.00 43.24 ? 170 MSE A CA  1 
HETATM 1223 C  C   . MSE A 1 170 ? -3.427  -5.918  -15.448 1.00 42.05 ? 170 MSE A C   1 
HETATM 1224 O  O   . MSE A 1 170 ? -2.767  -5.832  -14.411 1.00 41.65 ? 170 MSE A O   1 
HETATM 1225 C  CB  . MSE A 1 170 ? -2.675  -8.305  -15.860 1.00 43.55 ? 170 MSE A CB  1 
HETATM 1226 C  CG  . MSE A 1 170 ? -1.938  -9.298  -16.786 1.00 43.85 ? 170 MSE A CG  1 
HETATM 1227 SE SE  . MSE A 1 170 ? -1.722  -10.946 -16.059 1.00 42.98 ? 170 MSE A SE  1 
HETATM 1228 C  CE  . MSE A 1 170 ? -3.269  -11.694 -16.562 1.00 43.60 ? 170 MSE A CE  1 
ATOM   1229 N  N   . LEU A 1 171 ? -4.451  -5.114  -15.727 1.00 40.39 ? 171 LEU A N   1 
ATOM   1230 C  CA  . LEU A 1 171 ? -4.739  -3.946  -14.896 1.00 39.29 ? 171 LEU A CA  1 
ATOM   1231 C  C   . LEU A 1 171 ? -6.042  -4.001  -14.104 1.00 38.57 ? 171 LEU A C   1 
ATOM   1232 O  O   . LEU A 1 171 ? -7.070  -4.503  -14.580 1.00 37.91 ? 171 LEU A O   1 
ATOM   1233 C  CB  . LEU A 1 171 ? -4.711  -2.674  -15.738 1.00 39.00 ? 171 LEU A CB  1 
ATOM   1234 C  CG  . LEU A 1 171 ? -3.380  -2.341  -16.393 1.00 39.82 ? 171 LEU A CG  1 
ATOM   1235 C  CD1 . LEU A 1 171 ? -3.616  -1.548  -17.644 1.00 41.47 ? 171 LEU A CD1 1 
ATOM   1236 C  CD2 . LEU A 1 171 ? -2.477  -1.569  -15.435 1.00 40.71 ? 171 LEU A CD2 1 
ATOM   1237 N  N   . ARG A 1 172 ? -5.975  -3.483  -12.881 1.00 36.99 ? 172 ARG A N   1 
ATOM   1238 C  CA  . ARG A 1 172 ? -7.167  -3.182  -12.115 1.00 35.69 ? 172 ARG A CA  1 
ATOM   1239 C  C   . ARG A 1 172 ? -7.022  -1.759  -11.602 1.00 35.26 ? 172 ARG A C   1 
ATOM   1240 O  O   . ARG A 1 172 ? -5.915  -1.204  -11.553 1.00 34.60 ? 172 ARG A O   1 
ATOM   1241 C  CB  . ARG A 1 172 ? -7.325  -4.152  -10.948 1.00 36.17 ? 172 ARG A CB  1 
ATOM   1242 C  CG  . ARG A 1 172 ? -7.437  -5.608  -11.314 1.00 36.73 ? 172 ARG A CG  1 
ATOM   1243 C  CD  . ARG A 1 172 ? -7.738  -6.398  -10.064 1.00 40.28 ? 172 ARG A CD  1 
ATOM   1244 N  NE  . ARG A 1 172 ? -7.851  -7.828  -10.331 1.00 44.74 ? 172 ARG A NE  1 
ATOM   1245 C  CZ  . ARG A 1 172 ? -9.001  -8.466  -10.559 1.00 47.25 ? 172 ARG A CZ  1 
ATOM   1246 N  NH1 . ARG A 1 172 ? -10.156 -7.808  -10.540 1.00 46.17 ? 172 ARG A NH1 1 
ATOM   1247 N  NH2 . ARG A 1 172 ? -8.996  -9.778  -10.794 1.00 47.88 ? 172 ARG A NH2 1 
ATOM   1248 N  N   . CYS A 1 173 ? -8.131  -1.157  -11.211 1.00 33.92 ? 173 CYS A N   1 
ATOM   1249 C  CA  . CYS A 1 173 ? -8.054  0.165   -10.598 1.00 33.67 ? 173 CYS A CA  1 
ATOM   1250 C  C   . CYS A 1 173 ? -8.894  0.259   -9.352  1.00 32.37 ? 173 CYS A C   1 
ATOM   1251 O  O   . CYS A 1 173 ? -9.834  -0.530  -9.147  1.00 31.56 ? 173 CYS A O   1 
ATOM   1252 C  CB  . CYS A 1 173 ? -8.381  1.297   -11.579 1.00 34.26 ? 173 CYS A CB  1 
ATOM   1253 S  SG  . CYS A 1 173 ? -10.145 1.531   -11.932 1.00 38.16 ? 173 CYS A SG  1 
ATOM   1254 N  N   . TYR A 1 174 ? -8.533  1.246   -8.531  1.00 31.01 ? 174 TYR A N   1 
ATOM   1255 C  CA  . TYR A 1 174 ? -9.131  1.461   -7.243  1.00 30.57 ? 174 TYR A CA  1 
ATOM   1256 C  C   . TYR A 1 174 ? -9.468  2.948   -7.055  1.00 30.45 ? 174 TYR A C   1 
ATOM   1257 O  O   . TYR A 1 174 ? -8.829  3.816   -7.643  1.00 30.18 ? 174 TYR A O   1 
ATOM   1258 C  CB  . TYR A 1 174 ? -8.130  1.074   -6.149  1.00 30.66 ? 174 TYR A CB  1 
ATOM   1259 C  CG  . TYR A 1 174 ? -7.662  -0.372  -6.093  1.00 29.65 ? 174 TYR A CG  1 
ATOM   1260 C  CD1 . TYR A 1 174 ? -8.252  -1.270  -5.212  1.00 29.64 ? 174 TYR A CD1 1 
ATOM   1261 C  CD2 . TYR A 1 174 ? -6.590  -0.822  -6.865  1.00 29.89 ? 174 TYR A CD2 1 
ATOM   1262 C  CE1 . TYR A 1 174 ? -7.802  -2.602  -5.105  1.00 30.20 ? 174 TYR A CE1 1 
ATOM   1263 C  CE2 . TYR A 1 174 ? -6.135  -2.148  -6.770  1.00 28.67 ? 174 TYR A CE2 1 
ATOM   1264 C  CZ  . TYR A 1 174 ? -6.746  -3.026  -5.891  1.00 29.52 ? 174 TYR A CZ  1 
ATOM   1265 O  OH  . TYR A 1 174 ? -6.305  -4.337  -5.758  1.00 31.57 ? 174 TYR A OH  1 
ATOM   1266 N  N   . GLY A 1 175 ? -10.468 3.220   -6.213  1.00 30.78 ? 175 GLY A N   1 
ATOM   1267 C  CA  . GLY A 1 175 ? -10.711 4.563   -5.708  1.00 31.11 ? 175 GLY A CA  1 
ATOM   1268 C  C   . GLY A 1 175 ? -10.311 4.708   -4.241  1.00 31.90 ? 175 GLY A C   1 
ATOM   1269 O  O   . GLY A 1 175 ? -10.321 3.735   -3.484  1.00 31.06 ? 175 GLY A O   1 
ATOM   1270 N  N   . SER A 1 176 ? -9.951  5.925   -3.848  1.00 32.91 ? 176 SER A N   1 
ATOM   1271 C  CA  . SER A 1 176 ? -9.686  6.249   -2.440  1.00 33.56 ? 176 SER A CA  1 
ATOM   1272 C  C   . SER A 1 176 ? -10.298 7.609   -2.071  1.00 35.02 ? 176 SER A C   1 
ATOM   1273 O  O   . SER A 1 176 ? -10.716 8.376   -2.961  1.00 35.05 ? 176 SER A O   1 
ATOM   1274 C  CB  . SER A 1 176 ? -8.181  6.208   -2.124  1.00 33.64 ? 176 SER A CB  1 
ATOM   1275 O  OG  . SER A 1 176 ? -7.475  7.316   -2.676  1.00 33.77 ? 176 SER A OG  1 
ATOM   1276 N  N   . ARG A 1 177 ? -10.361 7.878   -0.762  1.00 35.95 ? 177 ARG A N   1 
ATOM   1277 C  CA  . ARG A 1 177 ? -10.872 9.133   -0.212  1.00 37.61 ? 177 ARG A CA  1 
ATOM   1278 C  C   . ARG A 1 177 ? -9.764  9.872   0.518   1.00 38.21 ? 177 ARG A C   1 
ATOM   1279 O  O   . ARG A 1 177 ? -8.899  9.256   1.170   1.00 38.07 ? 177 ARG A O   1 
ATOM   1280 C  CB  . ARG A 1 177 ? -12.055 8.878   0.730   1.00 37.83 ? 177 ARG A CB  1 
ATOM   1281 C  CG  . ARG A 1 177 ? -13.400 9.290   0.176   1.00 41.00 ? 177 ARG A CG  1 
ATOM   1282 C  CD  . ARG A 1 177 ? -14.075 8.234   -0.670  1.00 45.63 ? 177 ARG A CD  1 
ATOM   1283 N  NE  . ARG A 1 177 ? -15.245 7.661   -0.004  1.00 48.06 ? 177 ARG A NE  1 
ATOM   1284 C  CZ  . ARG A 1 177 ? -16.492 7.678   -0.477  1.00 49.37 ? 177 ARG A CZ  1 
ATOM   1285 N  NH1 . ARG A 1 177 ? -17.476 7.117   0.213   1.00 50.04 ? 177 ARG A NH1 1 
ATOM   1286 N  NH2 . ARG A 1 177 ? -16.772 8.230   -1.641  1.00 50.09 ? 177 ARG A NH2 1 
ATOM   1287 N  N   . ARG A 1 178 ? -9.813  11.197  0.416   1.00 38.90 ? 178 ARG A N   1 
ATOM   1288 C  CA  . ARG A 1 178 ? -8.722  12.083  0.815   1.00 40.49 ? 178 ARG A CA  1 
ATOM   1289 C  C   . ARG A 1 178 ? -8.364  11.971  2.301   1.00 40.13 ? 178 ARG A C   1 
ATOM   1290 O  O   . ARG A 1 178 ? -7.202  12.164  2.674   1.00 40.52 ? 178 ARG A O   1 
ATOM   1291 C  CB  . ARG A 1 178 ? -9.088  13.535  0.464   1.00 40.47 ? 178 ARG A CB  1 
ATOM   1292 C  CG  . ARG A 1 178 ? -7.988  14.331  -0.163  1.00 43.95 ? 178 ARG A CG  1 
ATOM   1293 C  CD  . ARG A 1 178 ? -7.467  13.677  -1.434  1.00 50.09 ? 178 ARG A CD  1 
ATOM   1294 N  NE  . ARG A 1 178 ? -6.349  14.424  -2.012  1.00 53.68 ? 178 ARG A NE  1 
ATOM   1295 C  CZ  . ARG A 1 178 ? -5.821  14.185  -3.207  1.00 55.15 ? 178 ARG A CZ  1 
ATOM   1296 N  NH1 . ARG A 1 178 ? -4.807  14.928  -3.642  1.00 56.04 ? 178 ARG A NH1 1 
ATOM   1297 N  NH2 . ARG A 1 178 ? -6.308  13.215  -3.969  1.00 56.01 ? 178 ARG A NH2 1 
ATOM   1298 N  N   . HIS A 1 179 ? -9.350  11.654  3.141   1.00 40.34 ? 179 HIS A N   1 
ATOM   1299 C  CA  . HIS A 1 179 ? -9.107  11.595  4.590   1.00 40.36 ? 179 HIS A CA  1 
ATOM   1300 C  C   . HIS A 1 179 ? -8.376  10.338  5.043   1.00 39.76 ? 179 HIS A C   1 
ATOM   1301 O  O   . HIS A 1 179 ? -7.753  10.332  6.107   1.00 39.90 ? 179 HIS A O   1 
ATOM   1302 C  CB  . HIS A 1 179 ? -10.387 11.819  5.402   1.00 40.80 ? 179 HIS A CB  1 
ATOM   1303 C  CG  . HIS A 1 179 ? -11.397 10.722  5.292   1.00 42.57 ? 179 HIS A CG  1 
ATOM   1304 N  ND1 . HIS A 1 179 ? -11.970 10.348  4.093   1.00 44.03 ? 179 HIS A ND1 1 
ATOM   1305 C  CD2 . HIS A 1 179 ? -11.979 9.953   6.242   1.00 44.31 ? 179 HIS A CD2 1 
ATOM   1306 C  CE1 . HIS A 1 179 ? -12.844 9.380   4.309   1.00 45.50 ? 179 HIS A CE1 1 
ATOM   1307 N  NE2 . HIS A 1 179 ? -12.873 9.127   5.605   1.00 45.44 ? 179 HIS A NE2 1 
ATOM   1308 N  N   . ILE A 1 180 ? -8.461  9.278   4.235   1.00 38.37 ? 180 ILE A N   1 
ATOM   1309 C  CA  . ILE A 1 180 ? -7.728  8.026   4.496   1.00 37.00 ? 180 ILE A CA  1 
ATOM   1310 C  C   . ILE A 1 180 ? -7.117  7.418   3.213   1.00 35.31 ? 180 ILE A C   1 
ATOM   1311 O  O   . ILE A 1 180 ? -7.713  6.547   2.588   1.00 35.25 ? 180 ILE A O   1 
ATOM   1312 C  CB  . ILE A 1 180 ? -8.613  6.997   5.220   1.00 37.38 ? 180 ILE A CB  1 
ATOM   1313 C  CG1 . ILE A 1 180 ? -10.083 7.136   4.773   1.00 38.16 ? 180 ILE A CG1 1 
ATOM   1314 C  CG2 . ILE A 1 180 ? -8.458  7.149   6.735   1.00 37.69 ? 180 ILE A CG2 1 
ATOM   1315 C  CD1 . ILE A 1 180 ? -11.008 6.057   5.298   1.00 37.89 ? 180 ILE A CD1 1 
ATOM   1316 N  N   . LEU A 1 181 ? -5.918  7.873   2.861   1.00 33.30 ? 181 LEU A N   1 
ATOM   1317 C  CA  . LEU A 1 181 ? -5.326  7.621   1.545   1.00 31.77 ? 181 LEU A CA  1 
ATOM   1318 C  C   . LEU A 1 181 ? -4.929  6.153   1.305   1.00 30.88 ? 181 LEU A C   1 
ATOM   1319 O  O   . LEU A 1 181 ? -4.804  5.706   0.155   1.00 30.40 ? 181 LEU A O   1 
ATOM   1320 C  CB  . LEU A 1 181 ? -4.104  8.503   1.342   1.00 31.96 ? 181 LEU A CB  1 
ATOM   1321 C  CG  . LEU A 1 181 ? -4.424  9.978   1.085   1.00 32.11 ? 181 LEU A CG  1 
ATOM   1322 C  CD1 . LEU A 1 181 ? -3.105  10.759  0.872   1.00 34.30 ? 181 LEU A CD1 1 
ATOM   1323 C  CD2 . LEU A 1 181 ? -5.378  10.133  -0.110  1.00 31.78 ? 181 LEU A CD2 1 
ATOM   1324 N  N   . GLN A 1 182 ? -4.739  5.428   2.407   1.00 29.63 ? 182 GLN A N   1 
ATOM   1325 C  CA  . GLN A 1 182 ? -4.309  4.025   2.362   1.00 28.57 ? 182 GLN A CA  1 
ATOM   1326 C  C   . GLN A 1 182 ? -5.474  3.042   2.430   1.00 28.33 ? 182 GLN A C   1 
ATOM   1327 O  O   . GLN A 1 182 ? -5.275  1.827   2.604   1.00 27.27 ? 182 GLN A O   1 
ATOM   1328 C  CB  . GLN A 1 182 ? -3.304  3.737   3.477   1.00 26.87 ? 182 GLN A CB  1 
ATOM   1329 C  CG  . GLN A 1 182 ? -1.975  4.423   3.276   1.00 27.54 ? 182 GLN A CG  1 
ATOM   1330 C  CD  . GLN A 1 182 ? -1.974  5.843   3.806   1.00 28.70 ? 182 GLN A CD  1 
ATOM   1331 O  OE1 . GLN A 1 182 ? -2.701  6.161   4.750   1.00 32.07 ? 182 GLN A OE1 1 
ATOM   1332 N  NE2 . GLN A 1 182 ? -1.172  6.702   3.202   1.00 26.12 ? 182 GLN A NE2 1 
ATOM   1333 N  N   . VAL A 1 183 ? -6.689  3.567   2.320   1.00 28.26 ? 183 VAL A N   1 
ATOM   1334 C  CA  . VAL A 1 183 ? -7.904  2.741   2.333   1.00 29.06 ? 183 VAL A CA  1 
ATOM   1335 C  C   . VAL A 1 183 ? -8.520  2.826   0.935   1.00 30.02 ? 183 VAL A C   1 
ATOM   1336 O  O   . VAL A 1 183 ? -8.955  3.904   0.499   1.00 30.49 ? 183 VAL A O   1 
ATOM   1337 C  CB  . VAL A 1 183 ? -8.894  3.180   3.445   1.00 29.28 ? 183 VAL A CB  1 
ATOM   1338 C  CG1 . VAL A 1 183 ? -10.180 2.321   3.450   1.00 29.14 ? 183 VAL A CG1 1 
ATOM   1339 C  CG2 . VAL A 1 183 ? -8.193  3.153   4.846   1.00 30.23 ? 183 VAL A CG2 1 
ATOM   1340 N  N   . TRP A 1 184 ? -8.502  1.698   0.224   1.00 29.32 ? 184 TRP A N   1 
ATOM   1341 C  CA  . TRP A 1 184 ? -8.937  1.663   -1.165  1.00 28.69 ? 184 TRP A CA  1 
ATOM   1342 C  C   . TRP A 1 184 ? -10.225 0.851   -1.328  1.00 28.06 ? 184 TRP A C   1 
ATOM   1343 O  O   . TRP A 1 184 ? -10.629 0.078   -0.437  1.00 27.05 ? 184 TRP A O   1 
ATOM   1344 C  CB  . TRP A 1 184 ? -7.858  1.083   -2.063  1.00 27.92 ? 184 TRP A CB  1 
ATOM   1345 C  CG  . TRP A 1 184 ? -6.560  1.835   -2.152  1.00 27.87 ? 184 TRP A CG  1 
ATOM   1346 C  CD1 . TRP A 1 184 ? -6.233  3.037   -1.566  1.00 28.26 ? 184 TRP A CD1 1 
ATOM   1347 C  CD2 . TRP A 1 184 ? -5.425  1.439   -2.905  1.00 29.16 ? 184 TRP A CD2 1 
ATOM   1348 N  NE1 . TRP A 1 184 ? -4.964  3.405   -1.912  1.00 29.46 ? 184 TRP A NE1 1 
ATOM   1349 C  CE2 . TRP A 1 184 ? -4.432  2.437   -2.726  1.00 28.73 ? 184 TRP A CE2 1 
ATOM   1350 C  CE3 . TRP A 1 184 ? -5.143  0.330   -3.729  1.00 26.72 ? 184 TRP A CE3 1 
ATOM   1351 C  CZ2 . TRP A 1 184 ? -3.179  2.363   -3.336  1.00 28.81 ? 184 TRP A CZ2 1 
ATOM   1352 C  CZ3 . TRP A 1 184 ? -3.912  0.251   -4.323  1.00 28.17 ? 184 TRP A CZ3 1 
ATOM   1353 C  CH2 . TRP A 1 184 ? -2.933  1.266   -4.132  1.00 29.34 ? 184 TRP A CH2 1 
ATOM   1354 N  N   . SER A 1 185 ? -10.886 1.070   -2.460  1.00 28.57 ? 185 SER A N   1 
ATOM   1355 C  CA  . SER A 1 185 ? -12.080 0.298   -2.835  1.00 29.08 ? 185 SER A CA  1 
ATOM   1356 C  C   . SER A 1 185 ? -11.732 -1.157  -3.143  1.00 30.28 ? 185 SER A C   1 
ATOM   1357 O  O   . SER A 1 185 ? -10.557 -1.537  -3.196  1.00 30.07 ? 185 SER A O   1 
ATOM   1358 C  CB  . SER A 1 185 ? -12.709 0.901   -4.106  1.00 28.74 ? 185 SER A CB  1 
ATOM   1359 O  OG  . SER A 1 185 ? -11.824 0.798   -5.209  1.00 28.88 ? 185 SER A OG  1 
ATOM   1360 N  N   . GLU A 1 186 ? -12.763 -1.966  -3.371  1.00 29.84 ? 186 GLU A N   1 
ATOM   1361 C  CA  . GLU A 1 186 ? -12.592 -3.232  -4.068  1.00 30.86 ? 186 GLU A CA  1 
ATOM   1362 C  C   . GLU A 1 186 ? -11.980 -2.947  -5.436  1.00 30.04 ? 186 GLU A C   1 
ATOM   1363 O  O   . GLU A 1 186 ? -12.251 -1.904  -6.018  1.00 30.66 ? 186 GLU A O   1 
ATOM   1364 C  CB  . GLU A 1 186 ? -13.946 -3.901  -4.277  1.00 30.42 ? 186 GLU A CB  1 
ATOM   1365 C  CG  . GLU A 1 186 ? -14.536 -4.526  -3.042  1.00 33.70 ? 186 GLU A CG  1 
ATOM   1366 C  CD  . GLU A 1 186 ? -13.885 -5.843  -2.654  1.00 38.35 ? 186 GLU A CD  1 
ATOM   1367 O  OE1 . GLU A 1 186 ? -12.884 -6.255  -3.283  1.00 39.00 ? 186 GLU A OE1 1 
ATOM   1368 O  OE2 . GLU A 1 186 ? -14.384 -6.480  -1.707  1.00 42.21 ? 186 GLU A OE2 1 
ATOM   1369 N  N   . PRO A 1 187 ? -11.126 -3.861  -5.950  1.00 30.35 ? 187 PRO A N   1 
ATOM   1370 C  CA  . PRO A 1 187 ? -10.550 -3.552  -7.234  1.00 30.25 ? 187 PRO A CA  1 
ATOM   1371 C  C   . PRO A 1 187 ? -11.579 -3.724  -8.347  1.00 31.19 ? 187 PRO A C   1 
ATOM   1372 O  O   . PRO A 1 187 ? -12.453 -4.587  -8.255  1.00 31.86 ? 187 PRO A O   1 
ATOM   1373 C  CB  . PRO A 1 187 ? -9.466  -4.613  -7.400  1.00 30.06 ? 187 PRO A CB  1 
ATOM   1374 C  CG  . PRO A 1 187 ? -9.886  -5.735  -6.553  1.00 30.08 ? 187 PRO A CG  1 
ATOM   1375 C  CD  . PRO A 1 187 ? -10.632 -5.144  -5.405  1.00 30.07 ? 187 PRO A CD  1 
ATOM   1376 N  N   . SER A 1 188 ? -11.449 -2.912  -9.377  1.00 31.21 ? 188 SER A N   1 
ATOM   1377 C  CA  . SER A 1 188 ? -12.200 -3.099  -10.605 1.00 33.10 ? 188 SER A CA  1 
ATOM   1378 C  C   . SER A 1 188 ? -11.950 -4.515  -11.141 1.00 34.19 ? 188 SER A C   1 
ATOM   1379 O  O   . SER A 1 188 ? -11.031 -5.219  -10.693 1.00 34.35 ? 188 SER A O   1 
ATOM   1380 C  CB  . SER A 1 188 ? -11.734 -2.071  -11.633 1.00 31.82 ? 188 SER A CB  1 
ATOM   1381 O  OG  . SER A 1 188 ? -10.503 -2.500  -12.208 1.00 33.89 ? 188 SER A OG  1 
ATOM   1382 N  N   . ASP A 1 189 ? -12.764 -4.941  -12.104 1.00 35.57 ? 189 ASP A N   1 
ATOM   1383 C  CA  . ASP A 1 189 ? -12.455 -6.164  -12.834 1.00 37.43 ? 189 ASP A CA  1 
ATOM   1384 C  C   . ASP A 1 189 ? -11.131 -6.024  -13.591 1.00 37.95 ? 189 ASP A C   1 
ATOM   1385 O  O   . ASP A 1 189 ? -10.763 -4.933  -14.002 1.00 36.71 ? 189 ASP A O   1 
ATOM   1386 C  CB  . ASP A 1 189 ? -13.585 -6.471  -13.822 1.00 37.30 ? 189 ASP A CB  1 
ATOM   1387 C  CG  . ASP A 1 189 ? -14.920 -6.673  -13.134 1.00 40.33 ? 189 ASP A CG  1 
ATOM   1388 O  OD1 . ASP A 1 189 ? -15.956 -6.426  -13.789 1.00 43.27 ? 189 ASP A OD1 1 
ATOM   1389 O  OD2 . ASP A 1 189 ? -14.941 -7.089  -11.944 1.00 41.14 ? 189 ASP A OD2 1 
ATOM   1390 N  N   . LEU A 1 190 ? -10.430 -7.138  -13.784 1.00 40.44 ? 190 LEU A N   1 
ATOM   1391 C  CA  . LEU A 1 190 ? -9.165  -7.132  -14.518 1.00 42.73 ? 190 LEU A CA  1 
ATOM   1392 C  C   . LEU A 1 190 ? -9.374  -6.739  -15.983 1.00 44.70 ? 190 LEU A C   1 
ATOM   1393 O  O   . LEU A 1 190 ? -10.226 -7.313  -16.661 1.00 45.45 ? 190 LEU A O   1 
ATOM   1394 C  CB  . LEU A 1 190 ? -8.482  -8.506  -14.415 1.00 42.43 ? 190 LEU A CB  1 
ATOM   1395 C  CG  . LEU A 1 190 ? -7.071  -8.753  -14.973 1.00 41.91 ? 190 LEU A CG  1 
ATOM   1396 C  CD1 . LEU A 1 190 ? -6.009  -7.895  -14.308 1.00 41.76 ? 190 LEU A CD1 1 
ATOM   1397 C  CD2 . LEU A 1 190 ? -6.709  -10.220 -14.800 1.00 42.74 ? 190 LEU A CD2 1 
ATOM   1398 N  N   . LEU A 1 191 ? -8.619  -5.751  -16.451 1.00 46.73 ? 191 LEU A N   1 
ATOM   1399 C  CA  . LEU A 1 191 ? -8.635  -5.373  -17.860 1.00 48.93 ? 191 LEU A CA  1 
ATOM   1400 C  C   . LEU A 1 191 ? -7.311  -5.765  -18.498 1.00 50.59 ? 191 LEU A C   1 
ATOM   1401 O  O   . LEU A 1 191 ? -6.251  -5.341  -18.039 1.00 50.45 ? 191 LEU A O   1 
ATOM   1402 C  CB  . LEU A 1 191 ? -8.828  -3.865  -18.020 1.00 48.93 ? 191 LEU A CB  1 
ATOM   1403 C  CG  . LEU A 1 191 ? -9.735  -3.243  -19.094 1.00 49.07 ? 191 LEU A CG  1 
ATOM   1404 C  CD1 . LEU A 1 191 ? -9.102  -1.955  -19.591 1.00 48.78 ? 191 LEU A CD1 1 
ATOM   1405 C  CD2 . LEU A 1 191 ? -10.065 -4.156  -20.267 1.00 48.60 ? 191 LEU A CD2 1 
ATOM   1406 N  N   . GLU A 1 192 ? -7.381  -6.569  -19.558 1.00 52.54 ? 192 GLU A N   1 
ATOM   1407 C  CA  . GLU A 1 192 ? -6.193  -6.962  -20.328 1.00 54.83 ? 192 GLU A CA  1 
ATOM   1408 C  C   . GLU A 1 192 ? -6.096  -6.179  -21.647 1.00 55.75 ? 192 GLU A C   1 
ATOM   1409 O  O   . GLU A 1 192 ? -7.035  -6.180  -22.438 1.00 56.08 ? 192 GLU A O   1 
ATOM   1410 C  CB  . GLU A 1 192 ? -6.192  -8.478  -20.583 1.00 54.67 ? 192 GLU A CB  1 
ATOM   1411 C  CG  . GLU A 1 192 ? -6.393  -9.316  -19.311 1.00 55.49 ? 192 GLU A CG  1 
ATOM   1412 C  CD  . GLU A 1 192 ? -5.968  -10.766 -19.469 1.00 56.03 ? 192 GLU A CD  1 
ATOM   1413 O  OE1 . GLU A 1 192 ? -6.674  -11.657 -18.933 1.00 57.64 ? 192 GLU A OE1 1 
ATOM   1414 O  OE2 . GLU A 1 192 ? -4.929  -11.016 -20.120 1.00 57.83 ? 192 GLU A OE2 1 
ATOM   1415 N  N   . ILE A 1 193 ? -4.977  -5.485  -21.850 1.00 57.33 ? 193 ILE A N   1 
ATOM   1416 C  CA  . ILE A 1 193 ? -4.707  -4.735  -23.088 1.00 59.04 ? 193 ILE A CA  1 
ATOM   1417 C  C   . ILE A 1 193 ? -3.458  -5.374  -23.716 1.00 60.19 ? 193 ILE A C   1 
ATOM   1418 O  O   . ILE A 1 193 ? -2.453  -5.540  -23.016 1.00 60.14 ? 193 ILE A O   1 
ATOM   1419 C  CB  . ILE A 1 193 ? -4.406  -3.222  -22.829 1.00 59.04 ? 193 ILE A CB  1 
ATOM   1420 C  CG1 . ILE A 1 193 ? -5.150  -2.674  -21.603 1.00 60.02 ? 193 ILE A CG1 1 
ATOM   1421 C  CG2 . ILE A 1 193 ? -4.699  -2.380  -24.068 1.00 59.45 ? 193 ILE A CG2 1 
ATOM   1422 C  CD1 . ILE A 1 193 ? -6.633  -2.365  -21.833 1.00 61.39 ? 193 ILE A CD1 1 
ATOM   1423 N  N   . PRO A 1 194 ? -3.476  -5.671  -25.041 1.00 61.42 ? 194 PRO A N   1 
ATOM   1424 C  CA  . PRO A 1 194 ? -4.314  -5.210  -26.162 1.00 62.42 ? 194 PRO A CA  1 
ATOM   1425 C  C   . PRO A 1 194 ? -5.632  -5.951  -26.451 1.00 63.52 ? 194 PRO A C   1 
ATOM   1426 O  O   . PRO A 1 194 ? -6.631  -5.297  -26.774 1.00 63.97 ? 194 PRO A O   1 
ATOM   1427 C  CB  . PRO A 1 194 ? -3.371  -5.346  -27.370 1.00 62.53 ? 194 PRO A CB  1 
ATOM   1428 C  CG  . PRO A 1 194 ? -2.202  -6.206  -26.904 1.00 61.73 ? 194 PRO A CG  1 
ATOM   1429 C  CD  . PRO A 1 194 ? -2.490  -6.657  -25.511 1.00 61.42 ? 194 PRO A CD  1 
ATOM   1430 N  N   . VAL A 1 195 ? -5.635  -7.282  -26.377 1.00 64.52 ? 195 VAL A N   1 
ATOM   1431 C  CA  . VAL A 1 195 ? -6.849  -8.087  -26.629 1.00 65.41 ? 195 VAL A CA  1 
ATOM   1432 C  C   . VAL A 1 195 ? -6.829  -9.377  -25.812 1.00 65.88 ? 195 VAL A C   1 
ATOM   1433 O  O   . VAL A 1 195 ? -7.877  -9.895  -25.411 1.00 66.03 ? 195 VAL A O   1 
ATOM   1434 C  CB  . VAL A 1 195 ? -7.059  -8.450  -28.143 1.00 65.43 ? 195 VAL A CB  1 
ATOM   1435 C  CG1 . VAL A 1 195 ? -7.790  -7.339  -28.891 1.00 65.71 ? 195 VAL A CG1 1 
ATOM   1436 C  CG2 . VAL A 1 195 ? -5.744  -8.807  -28.833 1.00 65.60 ? 195 VAL A CG2 1 
HETATM 1437 O  O   . HOH B 2 .   ? 10.897  5.978   18.137  1.00 23.62 ? 197 HOH A O   1 
HETATM 1438 O  O   . HOH B 2 .   ? -4.860  -9.605  -0.248  1.00 30.29 ? 198 HOH A O   1 
HETATM 1439 O  O   . HOH B 2 .   ? 16.527  7.828   15.321  1.00 25.76 ? 199 HOH A O   1 
HETATM 1440 O  O   . HOH B 2 .   ? 9.081   -9.061  22.319  1.00 18.24 ? 200 HOH A O   1 
HETATM 1441 O  O   . HOH B 2 .   ? 14.221  0.971   24.556  1.00 38.50 ? 201 HOH A O   1 
HETATM 1442 O  O   . HOH B 2 .   ? 20.952  1.175   16.810  1.00 28.96 ? 202 HOH A O   1 
HETATM 1443 O  O   . HOH B 2 .   ? 22.926  5.133   13.824  1.00 35.04 ? 203 HOH A O   1 
HETATM 1444 O  O   . HOH B 2 .   ? 1.884   -4.808  14.558  1.00 33.33 ? 204 HOH A O   1 
HETATM 1445 O  O   . HOH B 2 .   ? 11.271  -11.141 9.969   1.00 18.00 ? 205 HOH A O   1 
HETATM 1446 O  O   . HOH B 2 .   ? 6.889   -4.032  1.050   1.00 27.38 ? 206 HOH A O   1 
HETATM 1447 O  O   . HOH B 2 .   ? -0.677  2.557   22.329  1.00 20.90 ? 207 HOH A O   1 
HETATM 1448 O  O   . HOH B 2 .   ? 2.765   4.721   16.397  1.00 22.95 ? 208 HOH A O   1 
HETATM 1449 O  O   . HOH B 2 .   ? 10.439  -3.994  26.622  1.00 21.60 ? 209 HOH A O   1 
HETATM 1450 O  O   . HOH B 2 .   ? 13.421  9.712   14.193  1.00 19.75 ? 210 HOH A O   1 
HETATM 1451 O  O   . HOH B 2 .   ? 20.424  0.299   5.569   1.00 40.17 ? 211 HOH A O   1 
HETATM 1452 O  O   . HOH B 2 .   ? 12.904  0.111   4.341   1.00 21.94 ? 212 HOH A O   1 
HETATM 1453 O  O   . HOH B 2 .   ? -0.310  3.038   19.570  1.00 23.33 ? 213 HOH A O   1 
HETATM 1454 O  O   . HOH B 2 .   ? 21.052  -7.516  9.203   1.00 33.33 ? 214 HOH A O   1 
HETATM 1455 O  O   . HOH B 2 .   ? 4.274   -8.226  17.215  1.00 23.07 ? 215 HOH A O   1 
HETATM 1456 O  O   . HOH B 2 .   ? 16.403  6.898   7.216   1.00 30.01 ? 216 HOH A O   1 
HETATM 1457 O  O   . HOH B 2 .   ? 3.343   -9.912  15.721  1.00 23.84 ? 217 HOH A O   1 
HETATM 1458 O  O   . HOH B 2 .   ? -4.234  9.720   4.551   1.00 36.03 ? 218 HOH A O   1 
HETATM 1459 O  O   . HOH B 2 .   ? -2.632  5.862   12.907  1.00 30.78 ? 219 HOH A O   1 
HETATM 1460 O  O   . HOH B 2 .   ? 1.285   -13.276 5.150   1.00 37.34 ? 220 HOH A O   1 
HETATM 1461 O  O   . HOH B 2 .   ? 13.076  -12.452 14.535  1.00 33.28 ? 221 HOH A O   1 
HETATM 1462 O  O   . HOH B 2 .   ? 21.823  1.112   7.343   1.00 44.61 ? 222 HOH A O   1 
HETATM 1463 O  O   . HOH B 2 .   ? -2.827  -11.612 1.783   1.00 29.08 ? 223 HOH A O   1 
HETATM 1464 O  O   . HOH B 2 .   ? 0.435   -12.803 8.841   1.00 22.89 ? 224 HOH A O   1 
HETATM 1465 O  O   . HOH B 2 .   ? 14.833  1.806   5.131   1.00 22.57 ? 225 HOH A O   1 
HETATM 1466 O  O   . HOH B 2 .   ? 24.799  -7.542  11.706  1.00 46.08 ? 226 HOH A O   1 
HETATM 1467 O  O   . HOH B 2 .   ? 11.852  7.652   7.304   1.00 26.00 ? 227 HOH A O   1 
HETATM 1468 O  O   . HOH B 2 .   ? 8.696   1.038   1.570   1.00 31.06 ? 228 HOH A O   1 
HETATM 1469 O  O   . HOH B 2 .   ? 18.938  -2.325  7.535   1.00 43.40 ? 229 HOH A O   1 
HETATM 1470 O  O   . HOH B 2 .   ? -0.942  5.825   19.759  1.00 25.49 ? 230 HOH A O   1 
HETATM 1471 O  O   . HOH B 2 .   ? -0.931  5.873   9.288   1.00 23.97 ? 231 HOH A O   1 
HETATM 1472 O  O   . HOH B 2 .   ? -15.127 -3.053  -12.520 1.00 41.79 ? 232 HOH A O   1 
HETATM 1473 O  O   . HOH B 2 .   ? 5.990   -8.181  19.328  1.00 28.61 ? 233 HOH A O   1 
HETATM 1474 O  O   . HOH B 2 .   ? 5.757   1.571   0.880   1.00 25.30 ? 234 HOH A O   1 
HETATM 1475 O  O   . HOH B 2 .   ? -9.924  6.218   1.189   1.00 26.22 ? 235 HOH A O   1 
HETATM 1476 O  O   . HOH B 2 .   ? 19.565  6.890   7.073   1.00 31.48 ? 236 HOH A O   1 
HETATM 1477 O  O   . HOH B 2 .   ? 2.171   10.725  14.058  1.00 40.49 ? 237 HOH A O   1 
HETATM 1478 O  O   . HOH B 2 .   ? -2.016  7.263   7.475   1.00 35.77 ? 238 HOH A O   1 
HETATM 1479 O  O   . HOH B 2 .   ? 5.671   6.481   10.965  1.00 26.00 ? 239 HOH A O   1 
HETATM 1480 O  O   . HOH B 2 .   ? 4.010   -13.699 2.183   1.00 28.20 ? 240 HOH A O   1 
HETATM 1481 O  O   . HOH B 2 .   ? 6.028   8.500   12.600  1.00 37.15 ? 241 HOH A O   1 
HETATM 1482 O  O   . HOH B 2 .   ? 6.083   6.803   19.108  1.00 35.07 ? 242 HOH A O   1 
HETATM 1483 O  O   . HOH B 2 .   ? -1.718  6.832   26.982  1.00 29.47 ? 243 HOH A O   1 
HETATM 1484 O  O   . HOH B 2 .   ? 2.676   12.019  16.136  1.00 51.46 ? 244 HOH A O   1 
HETATM 1485 O  O   . HOH B 2 .   ? 10.289  9.617   6.631   1.00 30.61 ? 245 HOH A O   1 
HETATM 1486 O  O   . HOH B 2 .   ? 17.494  9.895   13.828  1.00 23.70 ? 246 HOH A O   1 
HETATM 1487 O  O   . HOH B 2 .   ? 1.531   0.667   -1.218  1.00 41.91 ? 247 HOH A O   1 
HETATM 1488 O  O   . HOH B 2 .   ? -17.515 -3.820  -5.351  1.00 41.35 ? 248 HOH A O   1 
HETATM 1489 O  O   . HOH B 2 .   ? -14.278 -2.705  -14.919 1.00 41.76 ? 249 HOH A O   1 
HETATM 1490 O  O   . HOH B 2 .   ? 0.673   -10.692 15.951  1.00 41.34 ? 250 HOH A O   1 
HETATM 1491 O  O   . HOH B 2 .   ? 10.882  -1.351  25.860  1.00 28.55 ? 251 HOH A O   1 
HETATM 1492 O  O   . HOH B 2 .   ? 20.077  9.539   7.811   1.00 24.52 ? 252 HOH A O   1 
HETATM 1493 O  O   . HOH B 2 .   ? 11.786  -13.052 11.931  1.00 25.60 ? 253 HOH A O   1 
HETATM 1494 O  O   . HOH B 2 .   ? 4.341   -12.604 14.836  1.00 28.44 ? 254 HOH A O   1 
HETATM 1495 O  O   . HOH B 2 .   ? 1.863   1.674   22.769  1.00 34.27 ? 255 HOH A O   1 
HETATM 1496 O  O   . HOH B 2 .   ? -0.282  9.289   7.286   1.00 33.46 ? 256 HOH A O   1 
HETATM 1497 O  O   . HOH B 2 .   ? 20.845  -1.430  9.863   1.00 41.45 ? 257 HOH A O   1 
HETATM 1498 O  O   . HOH B 2 .   ? -4.194  -7.171  -2.860  1.00 37.50 ? 258 HOH A O   1 
HETATM 1499 O  O   . HOH B 2 .   ? 4.059   -1.241  21.591  1.00 35.23 ? 259 HOH A O   1 
HETATM 1500 O  O   . HOH B 2 .   ? 2.805   11.213  5.338   1.00 39.04 ? 260 HOH A O   1 
HETATM 1501 O  O   . HOH B 2 .   ? 5.605   -13.742 -0.044  1.00 44.65 ? 261 HOH A O   1 
HETATM 1502 O  O   . HOH B 2 .   ? 22.077  -1.366  25.413  1.00 38.19 ? 262 HOH A O   1 
HETATM 1503 O  O   . HOH B 2 .   ? 24.534  1.947   14.309  1.00 44.34 ? 263 HOH A O   1 
HETATM 1504 O  O   . HOH B 2 .   ? 7.277   10.101  11.099  1.00 28.55 ? 264 HOH A O   1 
HETATM 1505 O  O   . HOH B 2 .   ? 9.718   -1.881  1.657   1.00 33.42 ? 265 HOH A O   1 
HETATM 1506 O  O   . HOH B 2 .   ? -1.191  9.372   4.269   1.00 39.67 ? 266 HOH A O   1 
HETATM 1507 O  O   . HOH B 2 .   ? 9.627   0.748   4.050   1.00 28.03 ? 267 HOH A O   1 
HETATM 1508 O  O   . HOH B 2 .   ? 3.375   -4.702  -2.867  1.00 34.07 ? 268 HOH A O   1 
HETATM 1509 O  O   . HOH B 2 .   ? -2.642  3.556   17.911  1.00 63.56 ? 269 HOH A O   1 
HETATM 1510 O  O   . HOH B 2 .   ? 12.952  1.938   0.595   1.00 40.29 ? 270 HOH A O   1 
HETATM 1511 O  O   . HOH B 2 .   ? -4.716  3.418   12.582  1.00 35.28 ? 271 HOH A O   1 
HETATM 1512 O  O   . HOH B 2 .   ? 23.905  -2.257  15.335  1.00 41.86 ? 272 HOH A O   1 
HETATM 1513 O  O   . HOH B 2 .   ? 0.302   -6.631  -2.296  1.00 33.53 ? 273 HOH A O   1 
HETATM 1514 O  O   . HOH B 2 .   ? 14.030  -7.037  1.709   1.00 43.63 ? 274 HOH A O   1 
HETATM 1515 O  O   . HOH B 2 .   ? 16.579  -9.813  3.811   1.00 44.39 ? 275 HOH A O   1 
HETATM 1516 O  O   . HOH B 2 .   ? -6.862  -6.018  -3.300  1.00 41.21 ? 276 HOH A O   1 
HETATM 1517 O  O   . HOH B 2 .   ? -6.498  -14.295 -1.636  1.00 48.72 ? 277 HOH A O   1 
HETATM 1518 O  O   . HOH B 2 .   ? 15.201  -1.180  24.603  1.00 41.92 ? 278 HOH A O   1 
HETATM 1519 O  O   . HOH B 2 .   ? -6.914  4.793   11.437  1.00 50.71 ? 279 HOH A O   1 
HETATM 1520 O  O   . HOH B 2 .   ? 14.280  9.270   16.714  1.00 32.08 ? 280 HOH A O   1 
HETATM 1521 O  O   . HOH B 2 .   ? 12.217  7.993   19.138  1.00 30.01 ? 281 HOH A O   1 
HETATM 1522 O  O   . HOH B 2 .   ? 22.660  3.731   15.590  1.00 41.56 ? 282 HOH A O   1 
HETATM 1523 O  O   . HOH B 2 .   ? -19.118 -1.427  -8.294  1.00 41.40 ? 283 HOH A O   1 
HETATM 1524 O  O   . HOH B 2 .   ? 16.580  1.642   3.233   1.00 47.39 ? 284 HOH A O   1 
HETATM 1525 O  O   . HOH B 2 .   ? 12.603  -0.474  1.422   1.00 43.50 ? 285 HOH A O   1 
HETATM 1526 O  O   . HOH B 2 .   ? 7.440   -8.304  -0.557  1.00 41.92 ? 286 HOH A O   1 
HETATM 1527 O  O   . HOH B 2 .   ? -10.594 -12.203 8.265   1.00 45.63 ? 287 HOH A O   1 
HETATM 1528 O  O   . HOH B 2 .   ? -3.747  5.864   18.883  1.00 59.19 ? 288 HOH A O   1 
HETATM 1529 O  O   . HOH B 2 .   ? -1.664  5.057   22.884  1.00 36.64 ? 289 HOH A O   1 
HETATM 1530 O  O   . HOH B 2 .   ? -0.789  -4.606  13.927  1.00 32.94 ? 290 HOH A O   1 
HETATM 1531 O  O   . HOH B 2 .   ? 4.568   -0.479  23.977  1.00 45.10 ? 291 HOH A O   1 
HETATM 1532 O  O   . HOH B 2 .   ? -5.499  5.652   5.323   1.00 42.37 ? 292 HOH A O   1 
HETATM 1533 O  O   . HOH B 2 .   ? 8.849   8.014   14.321  1.00 35.84 ? 293 HOH A O   1 
HETATM 1534 O  O   . HOH B 2 .   ? -10.428 -6.420  -1.833  1.00 34.11 ? 294 HOH A O   1 
HETATM 1535 O  O   . HOH B 2 .   ? 9.415   -15.060 3.750   1.00 37.89 ? 295 HOH A O   1 
HETATM 1536 O  O   . HOH B 2 .   ? 4.823   -11.548 -2.967  1.00 41.41 ? 296 HOH A O   1 
HETATM 1537 O  O   . HOH B 2 .   ? 12.965  -13.863 17.943  1.00 43.42 ? 297 HOH A O   1 
HETATM 1538 O  O   . HOH B 2 .   ? -17.714 -3.445  -12.718 1.00 40.85 ? 298 HOH A O   1 
HETATM 1539 O  O   . HOH B 2 .   ? -0.651  12.933  -8.881  1.00 47.24 ? 299 HOH A O   1 
HETATM 1540 O  O   . HOH B 2 .   ? 2.571   -14.702 4.996   1.00 33.02 ? 300 HOH A O   1 
HETATM 1541 O  O   . HOH B 2 .   ? 6.007   3.703   -0.690  1.00 50.69 ? 301 HOH A O   1 
# 
